data_3CQ1
# 
_entry.id   3CQ1 
# 
_audit_conform.dict_name       mmcif_pdbx.dic 
_audit_conform.dict_version    5.398 
_audit_conform.dict_location   http://mmcif.pdb.org/dictionaries/ascii/mmcif_pdbx.dic 
# 
loop_
_database_2.database_id 
_database_2.database_code 
_database_2.pdbx_database_accession 
_database_2.pdbx_DOI 
PDB   3CQ1         pdb_00003cq1 10.2210/pdb3cq1/pdb 
RCSB  RCSB047073   ?            ?                   
WWPDB D_1000047073 ?            ?                   
# 
loop_
_pdbx_audit_revision_history.ordinal 
_pdbx_audit_revision_history.data_content_type 
_pdbx_audit_revision_history.major_revision 
_pdbx_audit_revision_history.minor_revision 
_pdbx_audit_revision_history.revision_date 
1 'Structure model' 1 0 2009-04-07 
2 'Structure model' 1 1 2011-07-13 
3 'Structure model' 1 2 2023-11-01 
4 'Structure model' 1 3 2023-11-15 
5 'Structure model' 1 4 2024-11-13 
# 
_pdbx_audit_revision_details.ordinal             1 
_pdbx_audit_revision_details.revision_ordinal    1 
_pdbx_audit_revision_details.data_content_type   'Structure model' 
_pdbx_audit_revision_details.provider            repository 
_pdbx_audit_revision_details.type                'Initial release' 
_pdbx_audit_revision_details.description         ? 
_pdbx_audit_revision_details.details             ? 
# 
loop_
_pdbx_audit_revision_group.ordinal 
_pdbx_audit_revision_group.revision_ordinal 
_pdbx_audit_revision_group.data_content_type 
_pdbx_audit_revision_group.group 
1 2 'Structure model' 'Version format compliance' 
2 3 'Structure model' 'Data collection'           
3 3 'Structure model' 'Database references'       
4 3 'Structure model' 'Derived calculations'      
5 3 'Structure model' 'Refinement description'    
6 4 'Structure model' 'Data collection'           
7 5 'Structure model' 'Structure summary'         
# 
loop_
_pdbx_audit_revision_category.ordinal 
_pdbx_audit_revision_category.revision_ordinal 
_pdbx_audit_revision_category.data_content_type 
_pdbx_audit_revision_category.category 
1 3 'Structure model' chem_comp_atom                
2 3 'Structure model' chem_comp_bond                
3 3 'Structure model' database_2                    
4 3 'Structure model' pdbx_initial_refinement_model 
5 3 'Structure model' struct_conn                   
6 4 'Structure model' chem_comp_atom                
7 4 'Structure model' chem_comp_bond                
8 5 'Structure model' pdbx_entry_details            
9 5 'Structure model' pdbx_modification_feature     
# 
loop_
_pdbx_audit_revision_item.ordinal 
_pdbx_audit_revision_item.revision_ordinal 
_pdbx_audit_revision_item.data_content_type 
_pdbx_audit_revision_item.item 
1 3 'Structure model' '_database_2.pdbx_DOI'                
2 3 'Structure model' '_database_2.pdbx_database_accession' 
3 3 'Structure model' '_struct_conn.pdbx_leaving_atom_flag' 
4 4 'Structure model' '_chem_comp_atom.atom_id'             
5 4 'Structure model' '_chem_comp_bond.atom_id_2'           
# 
_pdbx_database_status.status_code                     REL 
_pdbx_database_status.entry_id                        3CQ1 
_pdbx_database_status.recvd_initial_deposition_date   2008-04-02 
_pdbx_database_status.deposit_site                    RCSB 
_pdbx_database_status.process_site                    PDBJ 
_pdbx_database_status.status_code_sf                  REL 
_pdbx_database_status.status_code_mr                  ? 
_pdbx_database_status.SG_entry                        Y 
_pdbx_database_status.pdb_format_compatible           Y 
_pdbx_database_status.status_code_cs                  ? 
_pdbx_database_status.status_code_nmr_data            ? 
_pdbx_database_status.methods_development_category    ? 
# 
loop_
_pdbx_database_related.db_name 
_pdbx_database_related.db_id 
_pdbx_database_related.details 
_pdbx_database_related.content_type 
PDB      2CU6           .                            unspecified 
PDB      3CQ2           'Other form of this protein' unspecified 
PDB      3CQ3           'Other form of this protein' unspecified 
TargetDB ttk003001362.2 .                            unspecified 
# 
loop_
_audit_author.name 
_audit_author.pdbx_ordinal 
'Jeyakanthan, J.'                                        1 
'Satoh, S.'                                              2 
'Kitamura, Y.'                                           3 
'Yokoyama, S.'                                           4 
'Kuramitsu, S.'                                          5 
'RIKEN Structural Genomics/Proteomics Initiative (RSGI)' 6 
# 
_citation.id                        primary 
_citation.title                     
'Structure of the DTDP-4-Keto-L-Rhamnose Reductase related protein (TT1362) from Thermus Thermophilus HB8' 
_citation.journal_abbrev            'To be Published' 
_citation.journal_volume            ? 
_citation.page_first                ? 
_citation.page_last                 ? 
_citation.year                      ? 
_citation.journal_id_ASTM           ? 
_citation.country                   ? 
_citation.journal_id_ISSN           ? 
_citation.journal_id_CSD            0353 
_citation.book_publisher            ? 
_citation.pdbx_database_id_PubMed   ? 
_citation.pdbx_database_id_DOI      ? 
# 
loop_
_citation_author.citation_id 
_citation_author.name 
_citation_author.ordinal 
_citation_author.identifier_ORCID 
primary 'Jeyakanthan, J.' 1 ? 
primary 'Satoh, S.'       2 ? 
primary 'Kitamura, Y.'    3 ? 
primary 'Yokoyama, S.'    4 ? 
primary 'Kuramitsu, S.'   5 ? 
# 
loop_
_entity.id 
_entity.type 
_entity.src_method 
_entity.pdbx_description 
_entity.formula_weight 
_entity.pdbx_number_of_molecules 
_entity.pdbx_ec 
_entity.pdbx_mutation 
_entity.pdbx_fragment 
_entity.details 
1 polymer man 'Putative uncharacterized protein TTHB138' 11495.020 1  ? ? ? ? 
2 water   nat water                                      18.015    70 ? ? ? ? 
# 
_entity_name_com.entity_id   1 
_entity_name_com.name        'DTDP-4-Keto-L-Rhamnose Reductase' 
# 
_entity_poly.entity_id                      1 
_entity_poly.type                           'polypeptide(L)' 
_entity_poly.nstd_linkage                   no 
_entity_poly.nstd_monomer                   yes 
_entity_poly.pdbx_seq_one_letter_code       
;MTARNPLEAQAWALLEAVYDPELGLDVVNLGLIYDLVVEPPRAYVR(MSE)TLTTPGCPLHDSLGEAVRQALSRLPGVEE
VEVEVTFEPPWTLARLSEKARRLLGWG
;
_entity_poly.pdbx_seq_one_letter_code_can   
;MTARNPLEAQAWALLEAVYDPELGLDVVNLGLIYDLVVEPPRAYVRMTLTTPGCPLHDSLGEAVRQALSRLPGVEEVEVE
VTFEPPWTLARLSEKARRLLGWG
;
_entity_poly.pdbx_strand_id                 A 
_entity_poly.pdbx_target_identifier         ttk003001362.2 
# 
_pdbx_entity_nonpoly.entity_id   2 
_pdbx_entity_nonpoly.name        water 
_pdbx_entity_nonpoly.comp_id     HOH 
# 
loop_
_entity_poly_seq.entity_id 
_entity_poly_seq.num 
_entity_poly_seq.mon_id 
_entity_poly_seq.hetero 
1 1   MET n 
1 2   THR n 
1 3   ALA n 
1 4   ARG n 
1 5   ASN n 
1 6   PRO n 
1 7   LEU n 
1 8   GLU n 
1 9   ALA n 
1 10  GLN n 
1 11  ALA n 
1 12  TRP n 
1 13  ALA n 
1 14  LEU n 
1 15  LEU n 
1 16  GLU n 
1 17  ALA n 
1 18  VAL n 
1 19  TYR n 
1 20  ASP n 
1 21  PRO n 
1 22  GLU n 
1 23  LEU n 
1 24  GLY n 
1 25  LEU n 
1 26  ASP n 
1 27  VAL n 
1 28  VAL n 
1 29  ASN n 
1 30  LEU n 
1 31  GLY n 
1 32  LEU n 
1 33  ILE n 
1 34  TYR n 
1 35  ASP n 
1 36  LEU n 
1 37  VAL n 
1 38  VAL n 
1 39  GLU n 
1 40  PRO n 
1 41  PRO n 
1 42  ARG n 
1 43  ALA n 
1 44  TYR n 
1 45  VAL n 
1 46  ARG n 
1 47  MSE n 
1 48  THR n 
1 49  LEU n 
1 50  THR n 
1 51  THR n 
1 52  PRO n 
1 53  GLY n 
1 54  CYS n 
1 55  PRO n 
1 56  LEU n 
1 57  HIS n 
1 58  ASP n 
1 59  SER n 
1 60  LEU n 
1 61  GLY n 
1 62  GLU n 
1 63  ALA n 
1 64  VAL n 
1 65  ARG n 
1 66  GLN n 
1 67  ALA n 
1 68  LEU n 
1 69  SER n 
1 70  ARG n 
1 71  LEU n 
1 72  PRO n 
1 73  GLY n 
1 74  VAL n 
1 75  GLU n 
1 76  GLU n 
1 77  VAL n 
1 78  GLU n 
1 79  VAL n 
1 80  GLU n 
1 81  VAL n 
1 82  THR n 
1 83  PHE n 
1 84  GLU n 
1 85  PRO n 
1 86  PRO n 
1 87  TRP n 
1 88  THR n 
1 89  LEU n 
1 90  ALA n 
1 91  ARG n 
1 92  LEU n 
1 93  SER n 
1 94  GLU n 
1 95  LYS n 
1 96  ALA n 
1 97  ARG n 
1 98  ARG n 
1 99  LEU n 
1 100 LEU n 
1 101 GLY n 
1 102 TRP n 
1 103 GLY n 
# 
_entity_src_gen.entity_id                          1 
_entity_src_gen.pdbx_src_id                        1 
_entity_src_gen.pdbx_alt_source_flag               sample 
_entity_src_gen.pdbx_seq_type                      ? 
_entity_src_gen.pdbx_beg_seq_num                   ? 
_entity_src_gen.pdbx_end_seq_num                   ? 
_entity_src_gen.gene_src_common_name               ? 
_entity_src_gen.gene_src_genus                     ? 
_entity_src_gen.pdbx_gene_src_gene                 ? 
_entity_src_gen.gene_src_species                   ? 
_entity_src_gen.gene_src_strain                    HB8 
_entity_src_gen.gene_src_tissue                    ? 
_entity_src_gen.gene_src_tissue_fraction           ? 
_entity_src_gen.gene_src_details                   ? 
_entity_src_gen.pdbx_gene_src_fragment             ? 
_entity_src_gen.pdbx_gene_src_scientific_name      'Thermus thermophilus' 
_entity_src_gen.pdbx_gene_src_ncbi_taxonomy_id     300852 
_entity_src_gen.pdbx_gene_src_variant              ? 
_entity_src_gen.pdbx_gene_src_cell_line            ? 
_entity_src_gen.pdbx_gene_src_atcc                 ? 
_entity_src_gen.pdbx_gene_src_organ                ? 
_entity_src_gen.pdbx_gene_src_organelle            ? 
_entity_src_gen.pdbx_gene_src_cell                 ? 
_entity_src_gen.pdbx_gene_src_cellular_location    ? 
_entity_src_gen.host_org_common_name               ? 
_entity_src_gen.pdbx_host_org_scientific_name      'Escherichia coli' 
_entity_src_gen.pdbx_host_org_ncbi_taxonomy_id     562 
_entity_src_gen.host_org_genus                     ? 
_entity_src_gen.pdbx_host_org_gene                 ? 
_entity_src_gen.pdbx_host_org_organ                ? 
_entity_src_gen.host_org_species                   ? 
_entity_src_gen.pdbx_host_org_tissue               ? 
_entity_src_gen.pdbx_host_org_tissue_fraction      ? 
_entity_src_gen.pdbx_host_org_strain               'B834(DE3)' 
_entity_src_gen.pdbx_host_org_variant              ? 
_entity_src_gen.pdbx_host_org_cell_line            ? 
_entity_src_gen.pdbx_host_org_atcc                 ? 
_entity_src_gen.pdbx_host_org_culture_collection   ? 
_entity_src_gen.pdbx_host_org_cell                 ? 
_entity_src_gen.pdbx_host_org_organelle            ? 
_entity_src_gen.pdbx_host_org_cellular_location    ? 
_entity_src_gen.pdbx_host_org_vector_type          PLASMID 
_entity_src_gen.pdbx_host_org_vector               ? 
_entity_src_gen.host_org_details                   ? 
_entity_src_gen.expression_system_id               ? 
_entity_src_gen.plasmid_name                       PET11A 
_entity_src_gen.plasmid_details                    ? 
_entity_src_gen.pdbx_description                   ? 
# 
loop_
_chem_comp.id 
_chem_comp.type 
_chem_comp.mon_nstd_flag 
_chem_comp.name 
_chem_comp.pdbx_synonyms 
_chem_comp.formula 
_chem_comp.formula_weight 
ALA 'L-peptide linking' y ALANINE          ? 'C3 H7 N O2'     89.093  
ARG 'L-peptide linking' y ARGININE         ? 'C6 H15 N4 O2 1' 175.209 
ASN 'L-peptide linking' y ASPARAGINE       ? 'C4 H8 N2 O3'    132.118 
ASP 'L-peptide linking' y 'ASPARTIC ACID'  ? 'C4 H7 N O4'     133.103 
CYS 'L-peptide linking' y CYSTEINE         ? 'C3 H7 N O2 S'   121.158 
GLN 'L-peptide linking' y GLUTAMINE        ? 'C5 H10 N2 O3'   146.144 
GLU 'L-peptide linking' y 'GLUTAMIC ACID'  ? 'C5 H9 N O4'     147.129 
GLY 'peptide linking'   y GLYCINE          ? 'C2 H5 N O2'     75.067  
HIS 'L-peptide linking' y HISTIDINE        ? 'C6 H10 N3 O2 1' 156.162 
HOH non-polymer         . WATER            ? 'H2 O'           18.015  
ILE 'L-peptide linking' y ISOLEUCINE       ? 'C6 H13 N O2'    131.173 
LEU 'L-peptide linking' y LEUCINE          ? 'C6 H13 N O2'    131.173 
LYS 'L-peptide linking' y LYSINE           ? 'C6 H15 N2 O2 1' 147.195 
MET 'L-peptide linking' y METHIONINE       ? 'C5 H11 N O2 S'  149.211 
MSE 'L-peptide linking' n SELENOMETHIONINE ? 'C5 H11 N O2 Se' 196.106 
PHE 'L-peptide linking' y PHENYLALANINE    ? 'C9 H11 N O2'    165.189 
PRO 'L-peptide linking' y PROLINE          ? 'C5 H9 N O2'     115.130 
SER 'L-peptide linking' y SERINE           ? 'C3 H7 N O3'     105.093 
THR 'L-peptide linking' y THREONINE        ? 'C4 H9 N O3'     119.119 
TRP 'L-peptide linking' y TRYPTOPHAN       ? 'C11 H12 N2 O2'  204.225 
TYR 'L-peptide linking' y TYROSINE         ? 'C9 H11 N O3'    181.189 
VAL 'L-peptide linking' y VALINE           ? 'C5 H11 N O2'    117.146 
# 
loop_
_pdbx_poly_seq_scheme.asym_id 
_pdbx_poly_seq_scheme.entity_id 
_pdbx_poly_seq_scheme.seq_id 
_pdbx_poly_seq_scheme.mon_id 
_pdbx_poly_seq_scheme.ndb_seq_num 
_pdbx_poly_seq_scheme.pdb_seq_num 
_pdbx_poly_seq_scheme.auth_seq_num 
_pdbx_poly_seq_scheme.pdb_mon_id 
_pdbx_poly_seq_scheme.auth_mon_id 
_pdbx_poly_seq_scheme.pdb_strand_id 
_pdbx_poly_seq_scheme.pdb_ins_code 
_pdbx_poly_seq_scheme.hetero 
A 1 1   MET 1   1   ?   ?   ?   A . n 
A 1 2   THR 2   2   ?   ?   ?   A . n 
A 1 3   ALA 3   3   3   ALA ALA A . n 
A 1 4   ARG 4   4   4   ARG ARG A . n 
A 1 5   ASN 5   5   5   ASN ASN A . n 
A 1 6   PRO 6   6   6   PRO PRO A . n 
A 1 7   LEU 7   7   7   LEU LEU A . n 
A 1 8   GLU 8   8   8   GLU GLU A . n 
A 1 9   ALA 9   9   9   ALA ALA A . n 
A 1 10  GLN 10  10  10  GLN GLN A . n 
A 1 11  ALA 11  11  11  ALA ALA A . n 
A 1 12  TRP 12  12  12  TRP TRP A . n 
A 1 13  ALA 13  13  13  ALA ALA A . n 
A 1 14  LEU 14  14  14  LEU LEU A . n 
A 1 15  LEU 15  15  15  LEU LEU A . n 
A 1 16  GLU 16  16  16  GLU GLU A . n 
A 1 17  ALA 17  17  17  ALA ALA A . n 
A 1 18  VAL 18  18  18  VAL VAL A . n 
A 1 19  TYR 19  19  19  TYR TYR A . n 
A 1 20  ASP 20  20  20  ASP ASP A . n 
A 1 21  PRO 21  21  21  PRO PRO A . n 
A 1 22  GLU 22  22  22  GLU GLU A . n 
A 1 23  LEU 23  23  23  LEU LEU A . n 
A 1 24  GLY 24  24  24  GLY GLY A . n 
A 1 25  LEU 25  25  25  LEU LEU A . n 
A 1 26  ASP 26  26  26  ASP ASP A . n 
A 1 27  VAL 27  27  27  VAL VAL A . n 
A 1 28  VAL 28  28  28  VAL VAL A . n 
A 1 29  ASN 29  29  29  ASN ASN A . n 
A 1 30  LEU 30  30  30  LEU LEU A . n 
A 1 31  GLY 31  31  31  GLY GLY A . n 
A 1 32  LEU 32  32  32  LEU LEU A . n 
A 1 33  ILE 33  33  33  ILE ILE A . n 
A 1 34  TYR 34  34  34  TYR TYR A . n 
A 1 35  ASP 35  35  35  ASP ASP A . n 
A 1 36  LEU 36  36  36  LEU LEU A . n 
A 1 37  VAL 37  37  37  VAL VAL A . n 
A 1 38  VAL 38  38  38  VAL VAL A . n 
A 1 39  GLU 39  39  39  GLU GLU A . n 
A 1 40  PRO 40  40  40  PRO PRO A . n 
A 1 41  PRO 41  41  41  PRO PRO A . n 
A 1 42  ARG 42  42  42  ARG ARG A . n 
A 1 43  ALA 43  43  43  ALA ALA A . n 
A 1 44  TYR 44  44  44  TYR TYR A . n 
A 1 45  VAL 45  45  45  VAL VAL A . n 
A 1 46  ARG 46  46  46  ARG ARG A . n 
A 1 47  MSE 47  47  47  MSE MSE A . n 
A 1 48  THR 48  48  48  THR THR A . n 
A 1 49  LEU 49  49  49  LEU LEU A . n 
A 1 50  THR 50  50  50  THR THR A . n 
A 1 51  THR 51  51  51  THR THR A . n 
A 1 52  PRO 52  52  52  PRO PRO A . n 
A 1 53  GLY 53  53  53  GLY GLY A . n 
A 1 54  CYS 54  54  54  CYS CYS A . n 
A 1 55  PRO 55  55  55  PRO PRO A . n 
A 1 56  LEU 56  56  56  LEU LEU A . n 
A 1 57  HIS 57  57  57  HIS HIS A . n 
A 1 58  ASP 58  58  58  ASP ASP A . n 
A 1 59  SER 59  59  59  SER SER A . n 
A 1 60  LEU 60  60  60  LEU LEU A . n 
A 1 61  GLY 61  61  61  GLY GLY A . n 
A 1 62  GLU 62  62  62  GLU GLU A . n 
A 1 63  ALA 63  63  63  ALA ALA A . n 
A 1 64  VAL 64  64  64  VAL VAL A . n 
A 1 65  ARG 65  65  65  ARG ARG A . n 
A 1 66  GLN 66  66  66  GLN GLN A . n 
A 1 67  ALA 67  67  67  ALA ALA A . n 
A 1 68  LEU 68  68  68  LEU LEU A . n 
A 1 69  SER 69  69  69  SER SER A . n 
A 1 70  ARG 70  70  70  ARG ARG A . n 
A 1 71  LEU 71  71  71  LEU LEU A . n 
A 1 72  PRO 72  72  72  PRO PRO A . n 
A 1 73  GLY 73  73  73  GLY GLY A . n 
A 1 74  VAL 74  74  74  VAL VAL A . n 
A 1 75  GLU 75  75  75  GLU GLU A . n 
A 1 76  GLU 76  76  76  GLU GLU A . n 
A 1 77  VAL 77  77  77  VAL VAL A . n 
A 1 78  GLU 78  78  78  GLU GLU A . n 
A 1 79  VAL 79  79  79  VAL VAL A . n 
A 1 80  GLU 80  80  80  GLU GLU A . n 
A 1 81  VAL 81  81  81  VAL VAL A . n 
A 1 82  THR 82  82  82  THR THR A . n 
A 1 83  PHE 83  83  83  PHE PHE A . n 
A 1 84  GLU 84  84  84  GLU GLU A . n 
A 1 85  PRO 85  85  85  PRO PRO A . n 
A 1 86  PRO 86  86  86  PRO PRO A . n 
A 1 87  TRP 87  87  87  TRP TRP A . n 
A 1 88  THR 88  88  88  THR THR A . n 
A 1 89  LEU 89  89  89  LEU LEU A . n 
A 1 90  ALA 90  90  90  ALA ALA A . n 
A 1 91  ARG 91  91  91  ARG ARG A . n 
A 1 92  LEU 92  92  92  LEU LEU A . n 
A 1 93  SER 93  93  93  SER SER A . n 
A 1 94  GLU 94  94  94  GLU GLU A . n 
A 1 95  LYS 95  95  95  LYS LYS A . n 
A 1 96  ALA 96  96  96  ALA ALA A . n 
A 1 97  ARG 97  97  97  ARG ARG A . n 
A 1 98  ARG 98  98  98  ARG ARG A . n 
A 1 99  LEU 99  99  99  LEU LEU A . n 
A 1 100 LEU 100 100 100 LEU LEU A . n 
A 1 101 GLY 101 101 101 GLY GLY A . n 
A 1 102 TRP 102 102 ?   ?   ?   A . n 
A 1 103 GLY 103 103 ?   ?   ?   A . n 
# 
loop_
_pdbx_nonpoly_scheme.asym_id 
_pdbx_nonpoly_scheme.entity_id 
_pdbx_nonpoly_scheme.mon_id 
_pdbx_nonpoly_scheme.ndb_seq_num 
_pdbx_nonpoly_scheme.pdb_seq_num 
_pdbx_nonpoly_scheme.auth_seq_num 
_pdbx_nonpoly_scheme.pdb_mon_id 
_pdbx_nonpoly_scheme.auth_mon_id 
_pdbx_nonpoly_scheme.pdb_strand_id 
_pdbx_nonpoly_scheme.pdb_ins_code 
B 2 HOH 1  201 201 HOH HOH A . 
B 2 HOH 2  202 202 HOH HOH A . 
B 2 HOH 3  203 203 HOH HOH A . 
B 2 HOH 4  204 204 HOH HOH A . 
B 2 HOH 5  205 205 HOH HOH A . 
B 2 HOH 6  206 206 HOH HOH A . 
B 2 HOH 7  207 207 HOH HOH A . 
B 2 HOH 8  208 208 HOH HOH A . 
B 2 HOH 9  209 209 HOH HOH A . 
B 2 HOH 10 210 210 HOH HOH A . 
B 2 HOH 11 211 211 HOH HOH A . 
B 2 HOH 12 212 212 HOH HOH A . 
B 2 HOH 13 213 213 HOH HOH A . 
B 2 HOH 14 214 214 HOH HOH A . 
B 2 HOH 15 215 215 HOH HOH A . 
B 2 HOH 16 216 216 HOH HOH A . 
B 2 HOH 17 217 217 HOH HOH A . 
B 2 HOH 18 218 218 HOH HOH A . 
B 2 HOH 19 219 219 HOH HOH A . 
B 2 HOH 20 220 220 HOH HOH A . 
B 2 HOH 21 221 221 HOH HOH A . 
B 2 HOH 22 222 222 HOH HOH A . 
B 2 HOH 23 223 223 HOH HOH A . 
B 2 HOH 24 224 224 HOH HOH A . 
B 2 HOH 25 225 225 HOH HOH A . 
B 2 HOH 26 226 226 HOH HOH A . 
B 2 HOH 27 227 227 HOH HOH A . 
B 2 HOH 28 228 228 HOH HOH A . 
B 2 HOH 29 229 229 HOH HOH A . 
B 2 HOH 30 230 230 HOH HOH A . 
B 2 HOH 31 231 231 HOH HOH A . 
B 2 HOH 32 232 232 HOH HOH A . 
B 2 HOH 33 233 233 HOH HOH A . 
B 2 HOH 34 234 234 HOH HOH A . 
B 2 HOH 35 235 235 HOH HOH A . 
B 2 HOH 36 236 236 HOH HOH A . 
B 2 HOH 37 237 237 HOH HOH A . 
B 2 HOH 38 238 238 HOH HOH A . 
B 2 HOH 39 239 239 HOH HOH A . 
B 2 HOH 40 240 240 HOH HOH A . 
B 2 HOH 41 241 241 HOH HOH A . 
B 2 HOH 42 242 242 HOH HOH A . 
B 2 HOH 43 243 243 HOH HOH A . 
B 2 HOH 44 244 244 HOH HOH A . 
B 2 HOH 45 245 245 HOH HOH A . 
B 2 HOH 46 246 246 HOH HOH A . 
B 2 HOH 47 247 247 HOH HOH A . 
B 2 HOH 48 248 248 HOH HOH A . 
B 2 HOH 49 249 249 HOH HOH A . 
B 2 HOH 50 250 250 HOH HOH A . 
B 2 HOH 51 251 251 HOH HOH A . 
B 2 HOH 52 252 252 HOH HOH A . 
B 2 HOH 53 253 253 HOH HOH A . 
B 2 HOH 54 254 254 HOH HOH A . 
B 2 HOH 55 255 255 HOH HOH A . 
B 2 HOH 56 256 256 HOH HOH A . 
B 2 HOH 57 257 257 HOH HOH A . 
B 2 HOH 58 258 258 HOH HOH A . 
B 2 HOH 59 259 259 HOH HOH A . 
B 2 HOH 60 260 260 HOH HOH A . 
B 2 HOH 61 261 261 HOH HOH A . 
B 2 HOH 62 262 262 HOH HOH A . 
B 2 HOH 63 263 263 HOH HOH A . 
B 2 HOH 64 264 264 HOH HOH A . 
B 2 HOH 65 265 265 HOH HOH A . 
B 2 HOH 66 266 266 HOH HOH A . 
B 2 HOH 67 267 267 HOH HOH A . 
B 2 HOH 68 268 268 HOH HOH A . 
B 2 HOH 69 269 269 HOH HOH A . 
B 2 HOH 70 270 270 HOH HOH A . 
# 
loop_
_software.name 
_software.classification 
_software.version 
_software.citation_id 
_software.pdbx_ordinal 
CNS       refinement        1.1 ? 1 
HKL-2000  'data collection' .   ? 2 
HKL-2000  'data reduction'  .   ? 3 
SCALEPACK 'data scaling'    .   ? 4 
AMoRE     phasing           .   ? 5 
# 
_cell.entry_id           3CQ1 
_cell.length_a           121.926 
_cell.length_b           121.926 
_cell.length_c           121.926 
_cell.angle_alpha        90.00 
_cell.angle_beta         90.00 
_cell.angle_gamma        90.00 
_cell.Z_PDB              48 
_cell.pdbx_unique_axis   ? 
_cell.length_a_esd       ? 
_cell.length_b_esd       ? 
_cell.length_c_esd       ? 
_cell.angle_alpha_esd    ? 
_cell.angle_beta_esd     ? 
_cell.angle_gamma_esd    ? 
# 
_symmetry.entry_id                         3CQ1 
_symmetry.space_group_name_H-M             'I 4 3 2' 
_symmetry.pdbx_full_space_group_name_H-M   ? 
_symmetry.cell_setting                     ? 
_symmetry.Int_Tables_number                211 
_symmetry.space_group_name_Hall            ? 
# 
_exptl.entry_id          3CQ1 
_exptl.method            'X-RAY DIFFRACTION' 
_exptl.crystals_number   1 
# 
_exptl_crystal.id                    1 
_exptl_crystal.density_meas          ? 
_exptl_crystal.density_Matthews      3.28 
_exptl_crystal.density_percent_sol   62.56 
_exptl_crystal.description           ? 
_exptl_crystal.F_000                 ? 
_exptl_crystal.preparation           ? 
# 
_exptl_crystal_grow.crystal_id      1 
_exptl_crystal_grow.method          'VAPOR DIFFUSION, SITTING DROP' 
_exptl_crystal_grow.temp            293 
_exptl_crystal_grow.temp_details    ? 
_exptl_crystal_grow.pH              4.0 
_exptl_crystal_grow.pdbx_details    
'0.1M Acetate, 12% PEG400, 0.1M Mg Chloride, pH4.0, VAPOR DIFFUSION, SITTING DROP, temperature 293K' 
_exptl_crystal_grow.pdbx_pH_range   . 
# 
_diffrn.id                     1 
_diffrn.ambient_temp           100 
_diffrn.ambient_temp_details   ? 
_diffrn.crystal_id             1 
# 
_diffrn_detector.diffrn_id              1 
_diffrn_detector.detector               'IMAGE PLATE' 
_diffrn_detector.type                   RIGAKU 
_diffrn_detector.pdbx_collection_date   2004-11-08 
_diffrn_detector.details                'RH Coated Bent-Cyrindrical MIRROR' 
# 
_diffrn_radiation.diffrn_id                        1 
_diffrn_radiation.wavelength_id                    1 
_diffrn_radiation.pdbx_monochromatic_or_laue_m_l   M 
_diffrn_radiation.monochromator                    'SI 1 1 1 DOUBLE CRYSTAL MONOCHROMATOR' 
_diffrn_radiation.pdbx_diffrn_protocol             'SINGLE WAVELENGTH' 
_diffrn_radiation.pdbx_scattering_type             x-ray 
# 
_diffrn_radiation_wavelength.id           1 
_diffrn_radiation_wavelength.wavelength   1.0 
_diffrn_radiation_wavelength.wt           1.0 
# 
_diffrn_source.diffrn_id                   1 
_diffrn_source.source                      SYNCHROTRON 
_diffrn_source.type                        'SPRING-8 BEAMLINE BL26B2' 
_diffrn_source.pdbx_synchrotron_site       SPring-8 
_diffrn_source.pdbx_synchrotron_beamline   BL26B2 
_diffrn_source.pdbx_wavelength             ? 
_diffrn_source.pdbx_wavelength_list        1.0 
# 
_reflns.entry_id                     3CQ1 
_reflns.observed_criterion_sigma_I   ? 
_reflns.observed_criterion_sigma_F   ? 
_reflns.d_resolution_low             50.0 
_reflns.d_resolution_high            1.9 
_reflns.number_obs                   12570 
_reflns.number_all                   ? 
_reflns.percent_possible_obs         100 
_reflns.pdbx_Rmerge_I_obs            0.070 
_reflns.pdbx_Rsym_value              0.080 
_reflns.pdbx_netI_over_sigmaI        ? 
_reflns.B_iso_Wilson_estimate        22.5 
_reflns.pdbx_redundancy              ? 
_reflns.R_free_details               ? 
_reflns.limit_h_max                  ? 
_reflns.limit_h_min                  ? 
_reflns.limit_k_max                  ? 
_reflns.limit_k_min                  ? 
_reflns.limit_l_max                  ? 
_reflns.limit_l_min                  ? 
_reflns.observed_criterion_F_max     ? 
_reflns.observed_criterion_F_min     ? 
_reflns.pdbx_chi_squared             ? 
_reflns.pdbx_scaling_rejects         ? 
_reflns.pdbx_diffrn_id               1 
_reflns.pdbx_ordinal                 1 
# 
_reflns_shell.d_res_high             1.9 
_reflns_shell.d_res_low              1.97 
_reflns_shell.percent_possible_all   100 
_reflns_shell.Rmerge_I_obs           0.344 
_reflns_shell.pdbx_Rsym_value        0.361 
_reflns_shell.meanI_over_sigI_obs    ? 
_reflns_shell.pdbx_redundancy        ? 
_reflns_shell.percent_possible_obs   ? 
_reflns_shell.number_unique_all      1246 
_reflns_shell.number_measured_all    ? 
_reflns_shell.number_measured_obs    ? 
_reflns_shell.number_unique_obs      ? 
_reflns_shell.pdbx_chi_squared       ? 
_reflns_shell.pdbx_diffrn_id         ? 
_reflns_shell.pdbx_ordinal           1 
# 
_refine.entry_id                                 3CQ1 
_refine.ls_number_reflns_obs                     12285 
_refine.ls_number_reflns_all                     ? 
_refine.pdbx_ls_sigma_I                          ? 
_refine.pdbx_ls_sigma_F                          0.0 
_refine.pdbx_data_cutoff_high_absF               1574972.35 
_refine.pdbx_data_cutoff_low_absF                0.000000 
_refine.pdbx_data_cutoff_high_rms_absF           ? 
_refine.ls_d_res_low                             49.78 
_refine.ls_d_res_high                            1.90 
_refine.ls_percent_reflns_obs                    98.0 
_refine.ls_R_factor_obs                          0.207 
_refine.ls_R_factor_all                          ? 
_refine.ls_R_factor_R_work                       0.207 
_refine.ls_R_factor_R_free                       0.219 
_refine.ls_R_factor_R_free_error                 0.009 
_refine.ls_R_factor_R_free_error_details         ? 
_refine.ls_percent_reflns_R_free                 5.1 
_refine.ls_number_reflns_R_free                  631 
_refine.ls_number_parameters                     ? 
_refine.ls_number_restraints                     ? 
_refine.occupancy_min                            ? 
_refine.occupancy_max                            ? 
_refine.correlation_coeff_Fo_to_Fc               ? 
_refine.correlation_coeff_Fo_to_Fc_free          ? 
_refine.B_iso_mean                               34.1 
_refine.aniso_B[1][1]                            0.00 
_refine.aniso_B[2][2]                            0.00 
_refine.aniso_B[3][3]                            0.00 
_refine.aniso_B[1][2]                            0.00 
_refine.aniso_B[1][3]                            0.00 
_refine.aniso_B[2][3]                            0.00 
_refine.solvent_model_details                    'FLAT MODEL' 
_refine.solvent_model_param_ksol                 0.376525 
_refine.solvent_model_param_bsol                 58.9839 
_refine.pdbx_solvent_vdw_probe_radii             ? 
_refine.pdbx_solvent_ion_probe_radii             ? 
_refine.pdbx_solvent_shrinkage_radii             ? 
_refine.pdbx_ls_cross_valid_method               THROUGHOUT 
_refine.details                                  ? 
_refine.pdbx_starting_model                      'PDB ENTRY 2CU6' 
_refine.pdbx_method_to_determine_struct          'MOLECULAR REPLACEMENT' 
_refine.pdbx_isotropic_thermal_model             RESTRAINED 
_refine.pdbx_stereochemistry_target_values       'Engh & Huber' 
_refine.pdbx_stereochem_target_val_spec_case     ? 
_refine.pdbx_R_Free_selection_details            RANDOM 
_refine.pdbx_overall_ESU_R                       ? 
_refine.pdbx_overall_ESU_R_Free                  ? 
_refine.overall_SU_ML                            ? 
_refine.overall_SU_B                             ? 
_refine.ls_redundancy_reflns_obs                 ? 
_refine.B_iso_min                                ? 
_refine.B_iso_max                                ? 
_refine.overall_SU_R_Cruickshank_DPI             ? 
_refine.overall_SU_R_free                        ? 
_refine.ls_wR_factor_R_free                      ? 
_refine.ls_wR_factor_R_work                      ? 
_refine.overall_FOM_free_R_set                   ? 
_refine.overall_FOM_work_R_set                   ? 
_refine.pdbx_overall_phase_error                 ? 
_refine.pdbx_refine_id                           'X-RAY DIFFRACTION' 
_refine.pdbx_diffrn_id                           1 
_refine.pdbx_TLS_residual_ADP_flag               ? 
_refine.pdbx_overall_SU_R_free_Cruickshank_DPI   ? 
_refine.pdbx_overall_SU_R_Blow_DPI               ? 
_refine.pdbx_overall_SU_R_free_Blow_DPI          ? 
# 
_refine_analyze.entry_id                        3CQ1 
_refine_analyze.Luzzati_coordinate_error_obs    0.20 
_refine_analyze.Luzzati_sigma_a_obs             0.07 
_refine_analyze.Luzzati_d_res_low_obs           5.00 
_refine_analyze.Luzzati_coordinate_error_free   0.21 
_refine_analyze.Luzzati_sigma_a_free            0.15 
_refine_analyze.Luzzati_d_res_low_free          ? 
_refine_analyze.number_disordered_residues      ? 
_refine_analyze.occupancy_sum_hydrogen          ? 
_refine_analyze.occupancy_sum_non_hydrogen      ? 
_refine_analyze.pdbx_Luzzati_d_res_high_obs     ? 
_refine_analyze.pdbx_refine_id                  'X-RAY DIFFRACTION' 
# 
_refine_hist.pdbx_refine_id                   'X-RAY DIFFRACTION' 
_refine_hist.cycle_id                         LAST 
_refine_hist.pdbx_number_atoms_protein        772 
_refine_hist.pdbx_number_atoms_nucleic_acid   0 
_refine_hist.pdbx_number_atoms_ligand         0 
_refine_hist.number_atoms_solvent             70 
_refine_hist.number_atoms_total               842 
_refine_hist.d_res_high                       1.90 
_refine_hist.d_res_low                        49.78 
# 
loop_
_refine_ls_restr.type 
_refine_ls_restr.dev_ideal 
_refine_ls_restr.dev_ideal_target 
_refine_ls_restr.weight 
_refine_ls_restr.number 
_refine_ls_restr.pdbx_refine_id 
_refine_ls_restr.pdbx_restraint_function 
c_bond_d           0.005 ? ? ? 'X-RAY DIFFRACTION' ? 
c_angle_deg        1.5   ? ? ? 'X-RAY DIFFRACTION' ? 
c_dihedral_angle_d 24.2  ? ? ? 'X-RAY DIFFRACTION' ? 
c_improper_angle_d 0.81  ? ? ? 'X-RAY DIFFRACTION' ? 
# 
_refine_ls_shell.pdbx_total_number_of_bins_used   8 
_refine_ls_shell.d_res_high                       1.90 
_refine_ls_shell.d_res_low                        1.99 
_refine_ls_shell.number_reflns_R_work             1368 
_refine_ls_shell.R_factor_R_work                  0.206 
_refine_ls_shell.percent_reflns_obs               94.7 
_refine_ls_shell.R_factor_R_free                  0.226 
_refine_ls_shell.R_factor_R_free_error            0.026 
_refine_ls_shell.percent_reflns_R_free            5.1 
_refine_ls_shell.number_reflns_R_free             73 
_refine_ls_shell.number_reflns_all                ? 
_refine_ls_shell.R_factor_all                     ? 
_refine_ls_shell.number_reflns_obs                ? 
_refine_ls_shell.redundancy_reflns_obs            ? 
_refine_ls_shell.pdbx_refine_id                   'X-RAY DIFFRACTION' 
# 
loop_
_pdbx_xplor_file.serial_no 
_pdbx_xplor_file.param_file 
_pdbx_xplor_file.topol_file 
_pdbx_xplor_file.pdbx_refine_id 
1 protein_rep.param protein.top      'X-RAY DIFFRACTION' 
3 ion.param         ion.top          'X-RAY DIFFRACTION' 
5 water_rep.param   water_protin.top 'X-RAY DIFFRACTION' 
# 
_struct.entry_id                  3CQ1 
_struct.title                     
'Structure of the DTDP-4-Keto-L-Rhamnose Reductase related protein (TT1362) from Thermus Thermophilus HB8' 
_struct.pdbx_model_details        ? 
_struct.pdbx_CASP_flag            ? 
_struct.pdbx_model_type_details   ? 
# 
_struct_keywords.entry_id        3CQ1 
_struct_keywords.pdbx_keywords   OXIDOREDUCTASE 
_struct_keywords.text            
;Thermus Thermophilus, DTDP-4-Keto-L-Rhamnose Reductase, Plasmid, OXIDOREDUCTASE, Structural Genomics, NPPSFA, National Project on Protein Structural and Functional Analyses, RIKEN Structural Genomics/Proteomics Initiative, RSGI
;
# 
loop_
_struct_asym.id 
_struct_asym.pdbx_blank_PDB_chainid_flag 
_struct_asym.pdbx_modified 
_struct_asym.entity_id 
_struct_asym.details 
A N N 1 ? 
B N N 2 ? 
# 
_struct_ref.id                         1 
_struct_ref.db_name                    UNP 
_struct_ref.db_code                    Q53W28_THET8 
_struct_ref.pdbx_db_accession          Q53W28 
_struct_ref.entity_id                  1 
_struct_ref.pdbx_seq_one_letter_code   
;MTARNPLEAQAWALLEAVYDPELGLDVVNLGLIYDLVVEPPRAYVRMTLTTPGCPLHDSLGEAVRQALSRLPGVEEVEVE
VTFEPPWTLARLSEKARRLLGWG
;
_struct_ref.pdbx_align_begin           1 
_struct_ref.pdbx_db_isoform            ? 
# 
_struct_ref_seq.align_id                      1 
_struct_ref_seq.ref_id                        1 
_struct_ref_seq.pdbx_PDB_id_code              3CQ1 
_struct_ref_seq.pdbx_strand_id                A 
_struct_ref_seq.seq_align_beg                 1 
_struct_ref_seq.pdbx_seq_align_beg_ins_code   ? 
_struct_ref_seq.seq_align_end                 103 
_struct_ref_seq.pdbx_seq_align_end_ins_code   ? 
_struct_ref_seq.pdbx_db_accession             Q53W28 
_struct_ref_seq.db_align_beg                  1 
_struct_ref_seq.pdbx_db_align_beg_ins_code    ? 
_struct_ref_seq.db_align_end                  103 
_struct_ref_seq.pdbx_db_align_end_ins_code    ? 
_struct_ref_seq.pdbx_auth_seq_align_beg       1 
_struct_ref_seq.pdbx_auth_seq_align_end       103 
# 
_pdbx_struct_assembly.id                   1 
_pdbx_struct_assembly.details              author_and_software_defined_assembly 
_pdbx_struct_assembly.method_details       PISA 
_pdbx_struct_assembly.oligomeric_details   dimeric 
_pdbx_struct_assembly.oligomeric_count     2 
# 
loop_
_pdbx_struct_assembly_prop.biol_id 
_pdbx_struct_assembly_prop.type 
_pdbx_struct_assembly_prop.value 
_pdbx_struct_assembly_prop.details 
1 'ABSA (A^2)' 880   ? 
1 MORE         -8.2  ? 
1 'SSA (A^2)'  11340 ? 
# 
_pdbx_struct_assembly_gen.assembly_id       1 
_pdbx_struct_assembly_gen.oper_expression   1,2 
_pdbx_struct_assembly_gen.asym_id_list      A,B 
# 
loop_
_pdbx_struct_oper_list.id 
_pdbx_struct_oper_list.type 
_pdbx_struct_oper_list.name 
_pdbx_struct_oper_list.symmetry_operation 
_pdbx_struct_oper_list.matrix[1][1] 
_pdbx_struct_oper_list.matrix[1][2] 
_pdbx_struct_oper_list.matrix[1][3] 
_pdbx_struct_oper_list.vector[1] 
_pdbx_struct_oper_list.matrix[2][1] 
_pdbx_struct_oper_list.matrix[2][2] 
_pdbx_struct_oper_list.matrix[2][3] 
_pdbx_struct_oper_list.vector[2] 
_pdbx_struct_oper_list.matrix[3][1] 
_pdbx_struct_oper_list.matrix[3][2] 
_pdbx_struct_oper_list.matrix[3][3] 
_pdbx_struct_oper_list.vector[3] 
1 'identity operation'         1_555  x,y,z    1.0000000000  0.0000000000 0.0000000000  0.0000000000  0.0000000000 1.0000000000  0.0000000000  0.0000000000   0.0000000000  0.0000000000  1.0000000000 0.0000000000 
2 'crystal symmetry operation' 18_655 -x+1,z,y -0.2314039777 0.3415938330 -0.9109148437 14.9631315446 0.3415938330 -0.8481824739 -0.4048458279 -25.9089349013 -0.9109148437 -0.4048458279 0.0795864516 2.9094607735 
# 
_struct_biol.id        1 
_struct_biol.details   ? 
# 
loop_
_struct_conf.conf_type_id 
_struct_conf.id 
_struct_conf.pdbx_PDB_helix_id 
_struct_conf.beg_label_comp_id 
_struct_conf.beg_label_asym_id 
_struct_conf.beg_label_seq_id 
_struct_conf.pdbx_beg_PDB_ins_code 
_struct_conf.end_label_comp_id 
_struct_conf.end_label_asym_id 
_struct_conf.end_label_seq_id 
_struct_conf.pdbx_end_PDB_ins_code 
_struct_conf.beg_auth_comp_id 
_struct_conf.beg_auth_asym_id 
_struct_conf.beg_auth_seq_id 
_struct_conf.end_auth_comp_id 
_struct_conf.end_auth_asym_id 
_struct_conf.end_auth_seq_id 
_struct_conf.pdbx_PDB_helix_class 
_struct_conf.details 
_struct_conf.pdbx_PDB_helix_length 
HELX_P HELX_P1 1 ASN A 5  ? GLU A 16 ? ASN A 5  GLU A 16 1 ? 12 
HELX_P HELX_P2 2 ASP A 58 ? ARG A 70 ? ASP A 58 ARG A 70 1 ? 13 
HELX_P HELX_P3 3 THR A 88 ? LEU A 92 ? THR A 88 LEU A 92 5 ? 5  
HELX_P HELX_P4 4 GLU A 94 ? ARG A 98 ? GLU A 94 ARG A 98 5 ? 5  
# 
_struct_conf_type.id          HELX_P 
_struct_conf_type.criteria    ? 
_struct_conf_type.reference   ? 
# 
loop_
_struct_conn.id 
_struct_conn.conn_type_id 
_struct_conn.pdbx_leaving_atom_flag 
_struct_conn.pdbx_PDB_id 
_struct_conn.ptnr1_label_asym_id 
_struct_conn.ptnr1_label_comp_id 
_struct_conn.ptnr1_label_seq_id 
_struct_conn.ptnr1_label_atom_id 
_struct_conn.pdbx_ptnr1_label_alt_id 
_struct_conn.pdbx_ptnr1_PDB_ins_code 
_struct_conn.pdbx_ptnr1_standard_comp_id 
_struct_conn.ptnr1_symmetry 
_struct_conn.ptnr2_label_asym_id 
_struct_conn.ptnr2_label_comp_id 
_struct_conn.ptnr2_label_seq_id 
_struct_conn.ptnr2_label_atom_id 
_struct_conn.pdbx_ptnr2_label_alt_id 
_struct_conn.pdbx_ptnr2_PDB_ins_code 
_struct_conn.ptnr1_auth_asym_id 
_struct_conn.ptnr1_auth_comp_id 
_struct_conn.ptnr1_auth_seq_id 
_struct_conn.ptnr2_auth_asym_id 
_struct_conn.ptnr2_auth_comp_id 
_struct_conn.ptnr2_auth_seq_id 
_struct_conn.ptnr2_symmetry 
_struct_conn.pdbx_ptnr3_label_atom_id 
_struct_conn.pdbx_ptnr3_label_seq_id 
_struct_conn.pdbx_ptnr3_label_comp_id 
_struct_conn.pdbx_ptnr3_label_asym_id 
_struct_conn.pdbx_ptnr3_label_alt_id 
_struct_conn.pdbx_ptnr3_PDB_ins_code 
_struct_conn.details 
_struct_conn.pdbx_dist_value 
_struct_conn.pdbx_value_order 
_struct_conn.pdbx_role 
covale1 covale both ? A ARG 46 C ? ? ? 1_555 A MSE 47 N ? ? A ARG 46 A MSE 47 1_555 ? ? ? ? ? ? ? 1.324 ? ? 
covale2 covale both ? A MSE 47 C ? ? ? 1_555 A THR 48 N ? ? A MSE 47 A THR 48 1_555 ? ? ? ? ? ? ? 1.325 ? ? 
# 
_struct_conn_type.id          covale 
_struct_conn_type.criteria    ? 
_struct_conn_type.reference   ? 
# 
_pdbx_modification_feature.ordinal                            1 
_pdbx_modification_feature.label_comp_id                      MSE 
_pdbx_modification_feature.label_asym_id                      A 
_pdbx_modification_feature.label_seq_id                       47 
_pdbx_modification_feature.label_alt_id                       ? 
_pdbx_modification_feature.modified_residue_label_comp_id     . 
_pdbx_modification_feature.modified_residue_label_asym_id     . 
_pdbx_modification_feature.modified_residue_label_seq_id      . 
_pdbx_modification_feature.modified_residue_label_alt_id      . 
_pdbx_modification_feature.auth_comp_id                       MSE 
_pdbx_modification_feature.auth_asym_id                       A 
_pdbx_modification_feature.auth_seq_id                        47 
_pdbx_modification_feature.PDB_ins_code                       ? 
_pdbx_modification_feature.symmetry                           1_555 
_pdbx_modification_feature.modified_residue_auth_comp_id      . 
_pdbx_modification_feature.modified_residue_auth_asym_id      . 
_pdbx_modification_feature.modified_residue_auth_seq_id       . 
_pdbx_modification_feature.modified_residue_PDB_ins_code      . 
_pdbx_modification_feature.modified_residue_symmetry          . 
_pdbx_modification_feature.comp_id_linking_atom               . 
_pdbx_modification_feature.modified_residue_id_linking_atom   . 
_pdbx_modification_feature.modified_residue_id                MET 
_pdbx_modification_feature.ref_pcm_id                         1 
_pdbx_modification_feature.ref_comp_id                        MSE 
_pdbx_modification_feature.type                               Selenomethionine 
_pdbx_modification_feature.category                           'Named protein modification' 
# 
loop_
_struct_mon_prot_cis.pdbx_id 
_struct_mon_prot_cis.label_comp_id 
_struct_mon_prot_cis.label_seq_id 
_struct_mon_prot_cis.label_asym_id 
_struct_mon_prot_cis.label_alt_id 
_struct_mon_prot_cis.pdbx_PDB_ins_code 
_struct_mon_prot_cis.auth_comp_id 
_struct_mon_prot_cis.auth_seq_id 
_struct_mon_prot_cis.auth_asym_id 
_struct_mon_prot_cis.pdbx_label_comp_id_2 
_struct_mon_prot_cis.pdbx_label_seq_id_2 
_struct_mon_prot_cis.pdbx_label_asym_id_2 
_struct_mon_prot_cis.pdbx_PDB_ins_code_2 
_struct_mon_prot_cis.pdbx_auth_comp_id_2 
_struct_mon_prot_cis.pdbx_auth_seq_id_2 
_struct_mon_prot_cis.pdbx_auth_asym_id_2 
_struct_mon_prot_cis.pdbx_PDB_model_num 
_struct_mon_prot_cis.pdbx_omega_angle 
1 PRO 40 A . ? PRO 40 A PRO 41 A ? PRO 41 A 1 0.36 
2 GLU 84 A . ? GLU 84 A PRO 85 A ? PRO 85 A 1 0.41 
# 
_struct_sheet.id               A 
_struct_sheet.type             ? 
_struct_sheet.number_strands   3 
_struct_sheet.details          ? 
# 
loop_
_struct_sheet_order.sheet_id 
_struct_sheet_order.range_id_1 
_struct_sheet_order.range_id_2 
_struct_sheet_order.offset 
_struct_sheet_order.sense 
A 1 2 ? anti-parallel 
A 2 3 ? parallel      
# 
loop_
_struct_sheet_range.sheet_id 
_struct_sheet_range.id 
_struct_sheet_range.beg_label_comp_id 
_struct_sheet_range.beg_label_asym_id 
_struct_sheet_range.beg_label_seq_id 
_struct_sheet_range.pdbx_beg_PDB_ins_code 
_struct_sheet_range.end_label_comp_id 
_struct_sheet_range.end_label_asym_id 
_struct_sheet_range.end_label_seq_id 
_struct_sheet_range.pdbx_end_PDB_ins_code 
_struct_sheet_range.beg_auth_comp_id 
_struct_sheet_range.beg_auth_asym_id 
_struct_sheet_range.beg_auth_seq_id 
_struct_sheet_range.end_auth_comp_id 
_struct_sheet_range.end_auth_asym_id 
_struct_sheet_range.end_auth_seq_id 
A 1 ILE A 33 ? GLU A 39 ? ILE A 33 GLU A 39 
A 2 ARG A 42 ? MSE A 47 ? ARG A 42 MSE A 47 
A 3 GLU A 76 ? VAL A 81 ? GLU A 76 VAL A 81 
# 
loop_
_pdbx_struct_sheet_hbond.sheet_id 
_pdbx_struct_sheet_hbond.range_id_1 
_pdbx_struct_sheet_hbond.range_id_2 
_pdbx_struct_sheet_hbond.range_1_label_atom_id 
_pdbx_struct_sheet_hbond.range_1_label_comp_id 
_pdbx_struct_sheet_hbond.range_1_label_asym_id 
_pdbx_struct_sheet_hbond.range_1_label_seq_id 
_pdbx_struct_sheet_hbond.range_1_PDB_ins_code 
_pdbx_struct_sheet_hbond.range_1_auth_atom_id 
_pdbx_struct_sheet_hbond.range_1_auth_comp_id 
_pdbx_struct_sheet_hbond.range_1_auth_asym_id 
_pdbx_struct_sheet_hbond.range_1_auth_seq_id 
_pdbx_struct_sheet_hbond.range_2_label_atom_id 
_pdbx_struct_sheet_hbond.range_2_label_comp_id 
_pdbx_struct_sheet_hbond.range_2_label_asym_id 
_pdbx_struct_sheet_hbond.range_2_label_seq_id 
_pdbx_struct_sheet_hbond.range_2_PDB_ins_code 
_pdbx_struct_sheet_hbond.range_2_auth_atom_id 
_pdbx_struct_sheet_hbond.range_2_auth_comp_id 
_pdbx_struct_sheet_hbond.range_2_auth_asym_id 
_pdbx_struct_sheet_hbond.range_2_auth_seq_id 
A 1 2 N VAL A 37 ? N VAL A 37 O TYR A 44 ? O TYR A 44 
A 2 3 N VAL A 45 ? N VAL A 45 O GLU A 80 ? O GLU A 80 
# 
_pdbx_entry_details.entry_id                   3CQ1 
_pdbx_entry_details.compound_details           ? 
_pdbx_entry_details.source_details             ? 
_pdbx_entry_details.nonpolymer_details         ? 
_pdbx_entry_details.sequence_details           ? 
_pdbx_entry_details.has_ligand_of_interest     ? 
_pdbx_entry_details.has_protein_modification   Y 
# 
_pdbx_validate_rmsd_angle.id                         1 
_pdbx_validate_rmsd_angle.PDB_model_num              1 
_pdbx_validate_rmsd_angle.auth_atom_id_1             N 
_pdbx_validate_rmsd_angle.auth_asym_id_1             A 
_pdbx_validate_rmsd_angle.auth_comp_id_1             LEU 
_pdbx_validate_rmsd_angle.auth_seq_id_1              99 
_pdbx_validate_rmsd_angle.PDB_ins_code_1             ? 
_pdbx_validate_rmsd_angle.label_alt_id_1             ? 
_pdbx_validate_rmsd_angle.auth_atom_id_2             CA 
_pdbx_validate_rmsd_angle.auth_asym_id_2             A 
_pdbx_validate_rmsd_angle.auth_comp_id_2             LEU 
_pdbx_validate_rmsd_angle.auth_seq_id_2              99 
_pdbx_validate_rmsd_angle.PDB_ins_code_2             ? 
_pdbx_validate_rmsd_angle.label_alt_id_2             ? 
_pdbx_validate_rmsd_angle.auth_atom_id_3             C 
_pdbx_validate_rmsd_angle.auth_asym_id_3             A 
_pdbx_validate_rmsd_angle.auth_comp_id_3             LEU 
_pdbx_validate_rmsd_angle.auth_seq_id_3              99 
_pdbx_validate_rmsd_angle.PDB_ins_code_3             ? 
_pdbx_validate_rmsd_angle.label_alt_id_3             ? 
_pdbx_validate_rmsd_angle.angle_value                131.07 
_pdbx_validate_rmsd_angle.angle_target_value         111.00 
_pdbx_validate_rmsd_angle.angle_deviation            20.07 
_pdbx_validate_rmsd_angle.angle_standard_deviation   2.70 
_pdbx_validate_rmsd_angle.linker_flag                N 
# 
loop_
_pdbx_validate_torsion.id 
_pdbx_validate_torsion.PDB_model_num 
_pdbx_validate_torsion.auth_comp_id 
_pdbx_validate_torsion.auth_asym_id 
_pdbx_validate_torsion.auth_seq_id 
_pdbx_validate_torsion.PDB_ins_code 
_pdbx_validate_torsion.label_alt_id 
_pdbx_validate_torsion.phi 
_pdbx_validate_torsion.psi 
1 1 PRO A 40 ? ? -39.69 138.33 
2 1 ARG A 98 ? ? -80.07 32.80  
# 
_pdbx_SG_project.id                    1 
_pdbx_SG_project.project_name          'NPPSFA, National Project on Protein Structural and Functional Analyses' 
_pdbx_SG_project.full_name_of_center   'RIKEN Structural Genomics/Proteomics Initiative' 
_pdbx_SG_project.initial_of_center     RSGI 
# 
_pdbx_struct_mod_residue.id               1 
_pdbx_struct_mod_residue.label_asym_id    A 
_pdbx_struct_mod_residue.label_comp_id    MSE 
_pdbx_struct_mod_residue.label_seq_id     47 
_pdbx_struct_mod_residue.auth_asym_id     A 
_pdbx_struct_mod_residue.auth_comp_id     MSE 
_pdbx_struct_mod_residue.auth_seq_id      47 
_pdbx_struct_mod_residue.PDB_ins_code     ? 
_pdbx_struct_mod_residue.parent_comp_id   MET 
_pdbx_struct_mod_residue.details          SELENOMETHIONINE 
# 
_pdbx_struct_special_symmetry.id              1 
_pdbx_struct_special_symmetry.PDB_model_num   1 
_pdbx_struct_special_symmetry.auth_asym_id    A 
_pdbx_struct_special_symmetry.auth_comp_id    HOH 
_pdbx_struct_special_symmetry.auth_seq_id     236 
_pdbx_struct_special_symmetry.PDB_ins_code    ? 
_pdbx_struct_special_symmetry.label_asym_id   B 
_pdbx_struct_special_symmetry.label_comp_id   HOH 
_pdbx_struct_special_symmetry.label_seq_id    . 
# 
loop_
_pdbx_unobs_or_zero_occ_residues.id 
_pdbx_unobs_or_zero_occ_residues.PDB_model_num 
_pdbx_unobs_or_zero_occ_residues.polymer_flag 
_pdbx_unobs_or_zero_occ_residues.occupancy_flag 
_pdbx_unobs_or_zero_occ_residues.auth_asym_id 
_pdbx_unobs_or_zero_occ_residues.auth_comp_id 
_pdbx_unobs_or_zero_occ_residues.auth_seq_id 
_pdbx_unobs_or_zero_occ_residues.PDB_ins_code 
_pdbx_unobs_or_zero_occ_residues.label_asym_id 
_pdbx_unobs_or_zero_occ_residues.label_comp_id 
_pdbx_unobs_or_zero_occ_residues.label_seq_id 
1 1 Y 1 A MET 1   ? A MET 1   
2 1 Y 1 A THR 2   ? A THR 2   
3 1 Y 1 A TRP 102 ? A TRP 102 
4 1 Y 1 A GLY 103 ? A GLY 103 
# 
loop_
_chem_comp_atom.comp_id 
_chem_comp_atom.atom_id 
_chem_comp_atom.type_symbol 
_chem_comp_atom.pdbx_aromatic_flag 
_chem_comp_atom.pdbx_stereo_config 
_chem_comp_atom.pdbx_ordinal 
ALA N    N  N N 1   
ALA CA   C  N S 2   
ALA C    C  N N 3   
ALA O    O  N N 4   
ALA CB   C  N N 5   
ALA OXT  O  N N 6   
ALA H    H  N N 7   
ALA H2   H  N N 8   
ALA HA   H  N N 9   
ALA HB1  H  N N 10  
ALA HB2  H  N N 11  
ALA HB3  H  N N 12  
ALA HXT  H  N N 13  
ARG N    N  N N 14  
ARG CA   C  N S 15  
ARG C    C  N N 16  
ARG O    O  N N 17  
ARG CB   C  N N 18  
ARG CG   C  N N 19  
ARG CD   C  N N 20  
ARG NE   N  N N 21  
ARG CZ   C  N N 22  
ARG NH1  N  N N 23  
ARG NH2  N  N N 24  
ARG OXT  O  N N 25  
ARG H    H  N N 26  
ARG H2   H  N N 27  
ARG HA   H  N N 28  
ARG HB2  H  N N 29  
ARG HB3  H  N N 30  
ARG HG2  H  N N 31  
ARG HG3  H  N N 32  
ARG HD2  H  N N 33  
ARG HD3  H  N N 34  
ARG HE   H  N N 35  
ARG HH11 H  N N 36  
ARG HH12 H  N N 37  
ARG HH21 H  N N 38  
ARG HH22 H  N N 39  
ARG HXT  H  N N 40  
ASN N    N  N N 41  
ASN CA   C  N S 42  
ASN C    C  N N 43  
ASN O    O  N N 44  
ASN CB   C  N N 45  
ASN CG   C  N N 46  
ASN OD1  O  N N 47  
ASN ND2  N  N N 48  
ASN OXT  O  N N 49  
ASN H    H  N N 50  
ASN H2   H  N N 51  
ASN HA   H  N N 52  
ASN HB2  H  N N 53  
ASN HB3  H  N N 54  
ASN HD21 H  N N 55  
ASN HD22 H  N N 56  
ASN HXT  H  N N 57  
ASP N    N  N N 58  
ASP CA   C  N S 59  
ASP C    C  N N 60  
ASP O    O  N N 61  
ASP CB   C  N N 62  
ASP CG   C  N N 63  
ASP OD1  O  N N 64  
ASP OD2  O  N N 65  
ASP OXT  O  N N 66  
ASP H    H  N N 67  
ASP H2   H  N N 68  
ASP HA   H  N N 69  
ASP HB2  H  N N 70  
ASP HB3  H  N N 71  
ASP HD2  H  N N 72  
ASP HXT  H  N N 73  
CYS N    N  N N 74  
CYS CA   C  N R 75  
CYS C    C  N N 76  
CYS O    O  N N 77  
CYS CB   C  N N 78  
CYS SG   S  N N 79  
CYS OXT  O  N N 80  
CYS H    H  N N 81  
CYS H2   H  N N 82  
CYS HA   H  N N 83  
CYS HB2  H  N N 84  
CYS HB3  H  N N 85  
CYS HG   H  N N 86  
CYS HXT  H  N N 87  
GLN N    N  N N 88  
GLN CA   C  N S 89  
GLN C    C  N N 90  
GLN O    O  N N 91  
GLN CB   C  N N 92  
GLN CG   C  N N 93  
GLN CD   C  N N 94  
GLN OE1  O  N N 95  
GLN NE2  N  N N 96  
GLN OXT  O  N N 97  
GLN H    H  N N 98  
GLN H2   H  N N 99  
GLN HA   H  N N 100 
GLN HB2  H  N N 101 
GLN HB3  H  N N 102 
GLN HG2  H  N N 103 
GLN HG3  H  N N 104 
GLN HE21 H  N N 105 
GLN HE22 H  N N 106 
GLN HXT  H  N N 107 
GLU N    N  N N 108 
GLU CA   C  N S 109 
GLU C    C  N N 110 
GLU O    O  N N 111 
GLU CB   C  N N 112 
GLU CG   C  N N 113 
GLU CD   C  N N 114 
GLU OE1  O  N N 115 
GLU OE2  O  N N 116 
GLU OXT  O  N N 117 
GLU H    H  N N 118 
GLU H2   H  N N 119 
GLU HA   H  N N 120 
GLU HB2  H  N N 121 
GLU HB3  H  N N 122 
GLU HG2  H  N N 123 
GLU HG3  H  N N 124 
GLU HE2  H  N N 125 
GLU HXT  H  N N 126 
GLY N    N  N N 127 
GLY CA   C  N N 128 
GLY C    C  N N 129 
GLY O    O  N N 130 
GLY OXT  O  N N 131 
GLY H    H  N N 132 
GLY H2   H  N N 133 
GLY HA2  H  N N 134 
GLY HA3  H  N N 135 
GLY HXT  H  N N 136 
HIS N    N  N N 137 
HIS CA   C  N S 138 
HIS C    C  N N 139 
HIS O    O  N N 140 
HIS CB   C  N N 141 
HIS CG   C  Y N 142 
HIS ND1  N  Y N 143 
HIS CD2  C  Y N 144 
HIS CE1  C  Y N 145 
HIS NE2  N  Y N 146 
HIS OXT  O  N N 147 
HIS H    H  N N 148 
HIS H2   H  N N 149 
HIS HA   H  N N 150 
HIS HB2  H  N N 151 
HIS HB3  H  N N 152 
HIS HD1  H  N N 153 
HIS HD2  H  N N 154 
HIS HE1  H  N N 155 
HIS HE2  H  N N 156 
HIS HXT  H  N N 157 
HOH O    O  N N 158 
HOH H1   H  N N 159 
HOH H2   H  N N 160 
ILE N    N  N N 161 
ILE CA   C  N S 162 
ILE C    C  N N 163 
ILE O    O  N N 164 
ILE CB   C  N S 165 
ILE CG1  C  N N 166 
ILE CG2  C  N N 167 
ILE CD1  C  N N 168 
ILE OXT  O  N N 169 
ILE H    H  N N 170 
ILE H2   H  N N 171 
ILE HA   H  N N 172 
ILE HB   H  N N 173 
ILE HG12 H  N N 174 
ILE HG13 H  N N 175 
ILE HG21 H  N N 176 
ILE HG22 H  N N 177 
ILE HG23 H  N N 178 
ILE HD11 H  N N 179 
ILE HD12 H  N N 180 
ILE HD13 H  N N 181 
ILE HXT  H  N N 182 
LEU N    N  N N 183 
LEU CA   C  N S 184 
LEU C    C  N N 185 
LEU O    O  N N 186 
LEU CB   C  N N 187 
LEU CG   C  N N 188 
LEU CD1  C  N N 189 
LEU CD2  C  N N 190 
LEU OXT  O  N N 191 
LEU H    H  N N 192 
LEU H2   H  N N 193 
LEU HA   H  N N 194 
LEU HB2  H  N N 195 
LEU HB3  H  N N 196 
LEU HG   H  N N 197 
LEU HD11 H  N N 198 
LEU HD12 H  N N 199 
LEU HD13 H  N N 200 
LEU HD21 H  N N 201 
LEU HD22 H  N N 202 
LEU HD23 H  N N 203 
LEU HXT  H  N N 204 
LYS N    N  N N 205 
LYS CA   C  N S 206 
LYS C    C  N N 207 
LYS O    O  N N 208 
LYS CB   C  N N 209 
LYS CG   C  N N 210 
LYS CD   C  N N 211 
LYS CE   C  N N 212 
LYS NZ   N  N N 213 
LYS OXT  O  N N 214 
LYS H    H  N N 215 
LYS H2   H  N N 216 
LYS HA   H  N N 217 
LYS HB2  H  N N 218 
LYS HB3  H  N N 219 
LYS HG2  H  N N 220 
LYS HG3  H  N N 221 
LYS HD2  H  N N 222 
LYS HD3  H  N N 223 
LYS HE2  H  N N 224 
LYS HE3  H  N N 225 
LYS HZ1  H  N N 226 
LYS HZ2  H  N N 227 
LYS HZ3  H  N N 228 
LYS HXT  H  N N 229 
MET N    N  N N 230 
MET CA   C  N S 231 
MET C    C  N N 232 
MET O    O  N N 233 
MET CB   C  N N 234 
MET CG   C  N N 235 
MET SD   S  N N 236 
MET CE   C  N N 237 
MET OXT  O  N N 238 
MET H    H  N N 239 
MET H2   H  N N 240 
MET HA   H  N N 241 
MET HB2  H  N N 242 
MET HB3  H  N N 243 
MET HG2  H  N N 244 
MET HG3  H  N N 245 
MET HE1  H  N N 246 
MET HE2  H  N N 247 
MET HE3  H  N N 248 
MET HXT  H  N N 249 
MSE N    N  N N 250 
MSE CA   C  N S 251 
MSE C    C  N N 252 
MSE O    O  N N 253 
MSE OXT  O  N N 254 
MSE CB   C  N N 255 
MSE CG   C  N N 256 
MSE SE   SE N N 257 
MSE CE   C  N N 258 
MSE H    H  N N 259 
MSE H2   H  N N 260 
MSE HA   H  N N 261 
MSE HXT  H  N N 262 
MSE HB2  H  N N 263 
MSE HB3  H  N N 264 
MSE HG2  H  N N 265 
MSE HG3  H  N N 266 
MSE HE1  H  N N 267 
MSE HE2  H  N N 268 
MSE HE3  H  N N 269 
PHE N    N  N N 270 
PHE CA   C  N S 271 
PHE C    C  N N 272 
PHE O    O  N N 273 
PHE CB   C  N N 274 
PHE CG   C  Y N 275 
PHE CD1  C  Y N 276 
PHE CD2  C  Y N 277 
PHE CE1  C  Y N 278 
PHE CE2  C  Y N 279 
PHE CZ   C  Y N 280 
PHE OXT  O  N N 281 
PHE H    H  N N 282 
PHE H2   H  N N 283 
PHE HA   H  N N 284 
PHE HB2  H  N N 285 
PHE HB3  H  N N 286 
PHE HD1  H  N N 287 
PHE HD2  H  N N 288 
PHE HE1  H  N N 289 
PHE HE2  H  N N 290 
PHE HZ   H  N N 291 
PHE HXT  H  N N 292 
PRO N    N  N N 293 
PRO CA   C  N S 294 
PRO C    C  N N 295 
PRO O    O  N N 296 
PRO CB   C  N N 297 
PRO CG   C  N N 298 
PRO CD   C  N N 299 
PRO OXT  O  N N 300 
PRO H    H  N N 301 
PRO HA   H  N N 302 
PRO HB2  H  N N 303 
PRO HB3  H  N N 304 
PRO HG2  H  N N 305 
PRO HG3  H  N N 306 
PRO HD2  H  N N 307 
PRO HD3  H  N N 308 
PRO HXT  H  N N 309 
SER N    N  N N 310 
SER CA   C  N S 311 
SER C    C  N N 312 
SER O    O  N N 313 
SER CB   C  N N 314 
SER OG   O  N N 315 
SER OXT  O  N N 316 
SER H    H  N N 317 
SER H2   H  N N 318 
SER HA   H  N N 319 
SER HB2  H  N N 320 
SER HB3  H  N N 321 
SER HG   H  N N 322 
SER HXT  H  N N 323 
THR N    N  N N 324 
THR CA   C  N S 325 
THR C    C  N N 326 
THR O    O  N N 327 
THR CB   C  N R 328 
THR OG1  O  N N 329 
THR CG2  C  N N 330 
THR OXT  O  N N 331 
THR H    H  N N 332 
THR H2   H  N N 333 
THR HA   H  N N 334 
THR HB   H  N N 335 
THR HG1  H  N N 336 
THR HG21 H  N N 337 
THR HG22 H  N N 338 
THR HG23 H  N N 339 
THR HXT  H  N N 340 
TRP N    N  N N 341 
TRP CA   C  N S 342 
TRP C    C  N N 343 
TRP O    O  N N 344 
TRP CB   C  N N 345 
TRP CG   C  Y N 346 
TRP CD1  C  Y N 347 
TRP CD2  C  Y N 348 
TRP NE1  N  Y N 349 
TRP CE2  C  Y N 350 
TRP CE3  C  Y N 351 
TRP CZ2  C  Y N 352 
TRP CZ3  C  Y N 353 
TRP CH2  C  Y N 354 
TRP OXT  O  N N 355 
TRP H    H  N N 356 
TRP H2   H  N N 357 
TRP HA   H  N N 358 
TRP HB2  H  N N 359 
TRP HB3  H  N N 360 
TRP HD1  H  N N 361 
TRP HE1  H  N N 362 
TRP HE3  H  N N 363 
TRP HZ2  H  N N 364 
TRP HZ3  H  N N 365 
TRP HH2  H  N N 366 
TRP HXT  H  N N 367 
TYR N    N  N N 368 
TYR CA   C  N S 369 
TYR C    C  N N 370 
TYR O    O  N N 371 
TYR CB   C  N N 372 
TYR CG   C  Y N 373 
TYR CD1  C  Y N 374 
TYR CD2  C  Y N 375 
TYR CE1  C  Y N 376 
TYR CE2  C  Y N 377 
TYR CZ   C  Y N 378 
TYR OH   O  N N 379 
TYR OXT  O  N N 380 
TYR H    H  N N 381 
TYR H2   H  N N 382 
TYR HA   H  N N 383 
TYR HB2  H  N N 384 
TYR HB3  H  N N 385 
TYR HD1  H  N N 386 
TYR HD2  H  N N 387 
TYR HE1  H  N N 388 
TYR HE2  H  N N 389 
TYR HH   H  N N 390 
TYR HXT  H  N N 391 
VAL N    N  N N 392 
VAL CA   C  N S 393 
VAL C    C  N N 394 
VAL O    O  N N 395 
VAL CB   C  N N 396 
VAL CG1  C  N N 397 
VAL CG2  C  N N 398 
VAL OXT  O  N N 399 
VAL H    H  N N 400 
VAL H2   H  N N 401 
VAL HA   H  N N 402 
VAL HB   H  N N 403 
VAL HG11 H  N N 404 
VAL HG12 H  N N 405 
VAL HG13 H  N N 406 
VAL HG21 H  N N 407 
VAL HG22 H  N N 408 
VAL HG23 H  N N 409 
VAL HXT  H  N N 410 
# 
loop_
_chem_comp_bond.comp_id 
_chem_comp_bond.atom_id_1 
_chem_comp_bond.atom_id_2 
_chem_comp_bond.value_order 
_chem_comp_bond.pdbx_aromatic_flag 
_chem_comp_bond.pdbx_stereo_config 
_chem_comp_bond.pdbx_ordinal 
ALA N   CA   sing N N 1   
ALA N   H    sing N N 2   
ALA N   H2   sing N N 3   
ALA CA  C    sing N N 4   
ALA CA  CB   sing N N 5   
ALA CA  HA   sing N N 6   
ALA C   O    doub N N 7   
ALA C   OXT  sing N N 8   
ALA CB  HB1  sing N N 9   
ALA CB  HB2  sing N N 10  
ALA CB  HB3  sing N N 11  
ALA OXT HXT  sing N N 12  
ARG N   CA   sing N N 13  
ARG N   H    sing N N 14  
ARG N   H2   sing N N 15  
ARG CA  C    sing N N 16  
ARG CA  CB   sing N N 17  
ARG CA  HA   sing N N 18  
ARG C   O    doub N N 19  
ARG C   OXT  sing N N 20  
ARG CB  CG   sing N N 21  
ARG CB  HB2  sing N N 22  
ARG CB  HB3  sing N N 23  
ARG CG  CD   sing N N 24  
ARG CG  HG2  sing N N 25  
ARG CG  HG3  sing N N 26  
ARG CD  NE   sing N N 27  
ARG CD  HD2  sing N N 28  
ARG CD  HD3  sing N N 29  
ARG NE  CZ   sing N N 30  
ARG NE  HE   sing N N 31  
ARG CZ  NH1  sing N N 32  
ARG CZ  NH2  doub N N 33  
ARG NH1 HH11 sing N N 34  
ARG NH1 HH12 sing N N 35  
ARG NH2 HH21 sing N N 36  
ARG NH2 HH22 sing N N 37  
ARG OXT HXT  sing N N 38  
ASN N   CA   sing N N 39  
ASN N   H    sing N N 40  
ASN N   H2   sing N N 41  
ASN CA  C    sing N N 42  
ASN CA  CB   sing N N 43  
ASN CA  HA   sing N N 44  
ASN C   O    doub N N 45  
ASN C   OXT  sing N N 46  
ASN CB  CG   sing N N 47  
ASN CB  HB2  sing N N 48  
ASN CB  HB3  sing N N 49  
ASN CG  OD1  doub N N 50  
ASN CG  ND2  sing N N 51  
ASN ND2 HD21 sing N N 52  
ASN ND2 HD22 sing N N 53  
ASN OXT HXT  sing N N 54  
ASP N   CA   sing N N 55  
ASP N   H    sing N N 56  
ASP N   H2   sing N N 57  
ASP CA  C    sing N N 58  
ASP CA  CB   sing N N 59  
ASP CA  HA   sing N N 60  
ASP C   O    doub N N 61  
ASP C   OXT  sing N N 62  
ASP CB  CG   sing N N 63  
ASP CB  HB2  sing N N 64  
ASP CB  HB3  sing N N 65  
ASP CG  OD1  doub N N 66  
ASP CG  OD2  sing N N 67  
ASP OD2 HD2  sing N N 68  
ASP OXT HXT  sing N N 69  
CYS N   CA   sing N N 70  
CYS N   H    sing N N 71  
CYS N   H2   sing N N 72  
CYS CA  C    sing N N 73  
CYS CA  CB   sing N N 74  
CYS CA  HA   sing N N 75  
CYS C   O    doub N N 76  
CYS C   OXT  sing N N 77  
CYS CB  SG   sing N N 78  
CYS CB  HB2  sing N N 79  
CYS CB  HB3  sing N N 80  
CYS SG  HG   sing N N 81  
CYS OXT HXT  sing N N 82  
GLN N   CA   sing N N 83  
GLN N   H    sing N N 84  
GLN N   H2   sing N N 85  
GLN CA  C    sing N N 86  
GLN CA  CB   sing N N 87  
GLN CA  HA   sing N N 88  
GLN C   O    doub N N 89  
GLN C   OXT  sing N N 90  
GLN CB  CG   sing N N 91  
GLN CB  HB2  sing N N 92  
GLN CB  HB3  sing N N 93  
GLN CG  CD   sing N N 94  
GLN CG  HG2  sing N N 95  
GLN CG  HG3  sing N N 96  
GLN CD  OE1  doub N N 97  
GLN CD  NE2  sing N N 98  
GLN NE2 HE21 sing N N 99  
GLN NE2 HE22 sing N N 100 
GLN OXT HXT  sing N N 101 
GLU N   CA   sing N N 102 
GLU N   H    sing N N 103 
GLU N   H2   sing N N 104 
GLU CA  C    sing N N 105 
GLU CA  CB   sing N N 106 
GLU CA  HA   sing N N 107 
GLU C   O    doub N N 108 
GLU C   OXT  sing N N 109 
GLU CB  CG   sing N N 110 
GLU CB  HB2  sing N N 111 
GLU CB  HB3  sing N N 112 
GLU CG  CD   sing N N 113 
GLU CG  HG2  sing N N 114 
GLU CG  HG3  sing N N 115 
GLU CD  OE1  doub N N 116 
GLU CD  OE2  sing N N 117 
GLU OE2 HE2  sing N N 118 
GLU OXT HXT  sing N N 119 
GLY N   CA   sing N N 120 
GLY N   H    sing N N 121 
GLY N   H2   sing N N 122 
GLY CA  C    sing N N 123 
GLY CA  HA2  sing N N 124 
GLY CA  HA3  sing N N 125 
GLY C   O    doub N N 126 
GLY C   OXT  sing N N 127 
GLY OXT HXT  sing N N 128 
HIS N   CA   sing N N 129 
HIS N   H    sing N N 130 
HIS N   H2   sing N N 131 
HIS CA  C    sing N N 132 
HIS CA  CB   sing N N 133 
HIS CA  HA   sing N N 134 
HIS C   O    doub N N 135 
HIS C   OXT  sing N N 136 
HIS CB  CG   sing N N 137 
HIS CB  HB2  sing N N 138 
HIS CB  HB3  sing N N 139 
HIS CG  ND1  sing Y N 140 
HIS CG  CD2  doub Y N 141 
HIS ND1 CE1  doub Y N 142 
HIS ND1 HD1  sing N N 143 
HIS CD2 NE2  sing Y N 144 
HIS CD2 HD2  sing N N 145 
HIS CE1 NE2  sing Y N 146 
HIS CE1 HE1  sing N N 147 
HIS NE2 HE2  sing N N 148 
HIS OXT HXT  sing N N 149 
HOH O   H1   sing N N 150 
HOH O   H2   sing N N 151 
ILE N   CA   sing N N 152 
ILE N   H    sing N N 153 
ILE N   H2   sing N N 154 
ILE CA  C    sing N N 155 
ILE CA  CB   sing N N 156 
ILE CA  HA   sing N N 157 
ILE C   O    doub N N 158 
ILE C   OXT  sing N N 159 
ILE CB  CG1  sing N N 160 
ILE CB  CG2  sing N N 161 
ILE CB  HB   sing N N 162 
ILE CG1 CD1  sing N N 163 
ILE CG1 HG12 sing N N 164 
ILE CG1 HG13 sing N N 165 
ILE CG2 HG21 sing N N 166 
ILE CG2 HG22 sing N N 167 
ILE CG2 HG23 sing N N 168 
ILE CD1 HD11 sing N N 169 
ILE CD1 HD12 sing N N 170 
ILE CD1 HD13 sing N N 171 
ILE OXT HXT  sing N N 172 
LEU N   CA   sing N N 173 
LEU N   H    sing N N 174 
LEU N   H2   sing N N 175 
LEU CA  C    sing N N 176 
LEU CA  CB   sing N N 177 
LEU CA  HA   sing N N 178 
LEU C   O    doub N N 179 
LEU C   OXT  sing N N 180 
LEU CB  CG   sing N N 181 
LEU CB  HB2  sing N N 182 
LEU CB  HB3  sing N N 183 
LEU CG  CD1  sing N N 184 
LEU CG  CD2  sing N N 185 
LEU CG  HG   sing N N 186 
LEU CD1 HD11 sing N N 187 
LEU CD1 HD12 sing N N 188 
LEU CD1 HD13 sing N N 189 
LEU CD2 HD21 sing N N 190 
LEU CD2 HD22 sing N N 191 
LEU CD2 HD23 sing N N 192 
LEU OXT HXT  sing N N 193 
LYS N   CA   sing N N 194 
LYS N   H    sing N N 195 
LYS N   H2   sing N N 196 
LYS CA  C    sing N N 197 
LYS CA  CB   sing N N 198 
LYS CA  HA   sing N N 199 
LYS C   O    doub N N 200 
LYS C   OXT  sing N N 201 
LYS CB  CG   sing N N 202 
LYS CB  HB2  sing N N 203 
LYS CB  HB3  sing N N 204 
LYS CG  CD   sing N N 205 
LYS CG  HG2  sing N N 206 
LYS CG  HG3  sing N N 207 
LYS CD  CE   sing N N 208 
LYS CD  HD2  sing N N 209 
LYS CD  HD3  sing N N 210 
LYS CE  NZ   sing N N 211 
LYS CE  HE2  sing N N 212 
LYS CE  HE3  sing N N 213 
LYS NZ  HZ1  sing N N 214 
LYS NZ  HZ2  sing N N 215 
LYS NZ  HZ3  sing N N 216 
LYS OXT HXT  sing N N 217 
MET N   CA   sing N N 218 
MET N   H    sing N N 219 
MET N   H2   sing N N 220 
MET CA  C    sing N N 221 
MET CA  CB   sing N N 222 
MET CA  HA   sing N N 223 
MET C   O    doub N N 224 
MET C   OXT  sing N N 225 
MET CB  CG   sing N N 226 
MET CB  HB2  sing N N 227 
MET CB  HB3  sing N N 228 
MET CG  SD   sing N N 229 
MET CG  HG2  sing N N 230 
MET CG  HG3  sing N N 231 
MET SD  CE   sing N N 232 
MET CE  HE1  sing N N 233 
MET CE  HE2  sing N N 234 
MET CE  HE3  sing N N 235 
MET OXT HXT  sing N N 236 
MSE N   CA   sing N N 237 
MSE N   H    sing N N 238 
MSE N   H2   sing N N 239 
MSE CA  C    sing N N 240 
MSE CA  CB   sing N N 241 
MSE CA  HA   sing N N 242 
MSE C   O    doub N N 243 
MSE C   OXT  sing N N 244 
MSE OXT HXT  sing N N 245 
MSE CB  CG   sing N N 246 
MSE CB  HB2  sing N N 247 
MSE CB  HB3  sing N N 248 
MSE CG  SE   sing N N 249 
MSE CG  HG2  sing N N 250 
MSE CG  HG3  sing N N 251 
MSE SE  CE   sing N N 252 
MSE CE  HE1  sing N N 253 
MSE CE  HE2  sing N N 254 
MSE CE  HE3  sing N N 255 
PHE N   CA   sing N N 256 
PHE N   H    sing N N 257 
PHE N   H2   sing N N 258 
PHE CA  C    sing N N 259 
PHE CA  CB   sing N N 260 
PHE CA  HA   sing N N 261 
PHE C   O    doub N N 262 
PHE C   OXT  sing N N 263 
PHE CB  CG   sing N N 264 
PHE CB  HB2  sing N N 265 
PHE CB  HB3  sing N N 266 
PHE CG  CD1  doub Y N 267 
PHE CG  CD2  sing Y N 268 
PHE CD1 CE1  sing Y N 269 
PHE CD1 HD1  sing N N 270 
PHE CD2 CE2  doub Y N 271 
PHE CD2 HD2  sing N N 272 
PHE CE1 CZ   doub Y N 273 
PHE CE1 HE1  sing N N 274 
PHE CE2 CZ   sing Y N 275 
PHE CE2 HE2  sing N N 276 
PHE CZ  HZ   sing N N 277 
PHE OXT HXT  sing N N 278 
PRO N   CA   sing N N 279 
PRO N   CD   sing N N 280 
PRO N   H    sing N N 281 
PRO CA  C    sing N N 282 
PRO CA  CB   sing N N 283 
PRO CA  HA   sing N N 284 
PRO C   O    doub N N 285 
PRO C   OXT  sing N N 286 
PRO CB  CG   sing N N 287 
PRO CB  HB2  sing N N 288 
PRO CB  HB3  sing N N 289 
PRO CG  CD   sing N N 290 
PRO CG  HG2  sing N N 291 
PRO CG  HG3  sing N N 292 
PRO CD  HD2  sing N N 293 
PRO CD  HD3  sing N N 294 
PRO OXT HXT  sing N N 295 
SER N   CA   sing N N 296 
SER N   H    sing N N 297 
SER N   H2   sing N N 298 
SER CA  C    sing N N 299 
SER CA  CB   sing N N 300 
SER CA  HA   sing N N 301 
SER C   O    doub N N 302 
SER C   OXT  sing N N 303 
SER CB  OG   sing N N 304 
SER CB  HB2  sing N N 305 
SER CB  HB3  sing N N 306 
SER OG  HG   sing N N 307 
SER OXT HXT  sing N N 308 
THR N   CA   sing N N 309 
THR N   H    sing N N 310 
THR N   H2   sing N N 311 
THR CA  C    sing N N 312 
THR CA  CB   sing N N 313 
THR CA  HA   sing N N 314 
THR C   O    doub N N 315 
THR C   OXT  sing N N 316 
THR CB  OG1  sing N N 317 
THR CB  CG2  sing N N 318 
THR CB  HB   sing N N 319 
THR OG1 HG1  sing N N 320 
THR CG2 HG21 sing N N 321 
THR CG2 HG22 sing N N 322 
THR CG2 HG23 sing N N 323 
THR OXT HXT  sing N N 324 
TRP N   CA   sing N N 325 
TRP N   H    sing N N 326 
TRP N   H2   sing N N 327 
TRP CA  C    sing N N 328 
TRP CA  CB   sing N N 329 
TRP CA  HA   sing N N 330 
TRP C   O    doub N N 331 
TRP C   OXT  sing N N 332 
TRP CB  CG   sing N N 333 
TRP CB  HB2  sing N N 334 
TRP CB  HB3  sing N N 335 
TRP CG  CD1  doub Y N 336 
TRP CG  CD2  sing Y N 337 
TRP CD1 NE1  sing Y N 338 
TRP CD1 HD1  sing N N 339 
TRP CD2 CE2  doub Y N 340 
TRP CD2 CE3  sing Y N 341 
TRP NE1 CE2  sing Y N 342 
TRP NE1 HE1  sing N N 343 
TRP CE2 CZ2  sing Y N 344 
TRP CE3 CZ3  doub Y N 345 
TRP CE3 HE3  sing N N 346 
TRP CZ2 CH2  doub Y N 347 
TRP CZ2 HZ2  sing N N 348 
TRP CZ3 CH2  sing Y N 349 
TRP CZ3 HZ3  sing N N 350 
TRP CH2 HH2  sing N N 351 
TRP OXT HXT  sing N N 352 
TYR N   CA   sing N N 353 
TYR N   H    sing N N 354 
TYR N   H2   sing N N 355 
TYR CA  C    sing N N 356 
TYR CA  CB   sing N N 357 
TYR CA  HA   sing N N 358 
TYR C   O    doub N N 359 
TYR C   OXT  sing N N 360 
TYR CB  CG   sing N N 361 
TYR CB  HB2  sing N N 362 
TYR CB  HB3  sing N N 363 
TYR CG  CD1  doub Y N 364 
TYR CG  CD2  sing Y N 365 
TYR CD1 CE1  sing Y N 366 
TYR CD1 HD1  sing N N 367 
TYR CD2 CE2  doub Y N 368 
TYR CD2 HD2  sing N N 369 
TYR CE1 CZ   doub Y N 370 
TYR CE1 HE1  sing N N 371 
TYR CE2 CZ   sing Y N 372 
TYR CE2 HE2  sing N N 373 
TYR CZ  OH   sing N N 374 
TYR OH  HH   sing N N 375 
TYR OXT HXT  sing N N 376 
VAL N   CA   sing N N 377 
VAL N   H    sing N N 378 
VAL N   H2   sing N N 379 
VAL CA  C    sing N N 380 
VAL CA  CB   sing N N 381 
VAL CA  HA   sing N N 382 
VAL C   O    doub N N 383 
VAL C   OXT  sing N N 384 
VAL CB  CG1  sing N N 385 
VAL CB  CG2  sing N N 386 
VAL CB  HB   sing N N 387 
VAL CG1 HG11 sing N N 388 
VAL CG1 HG12 sing N N 389 
VAL CG1 HG13 sing N N 390 
VAL CG2 HG21 sing N N 391 
VAL CG2 HG22 sing N N 392 
VAL CG2 HG23 sing N N 393 
VAL OXT HXT  sing N N 394 
# 
_pdbx_initial_refinement_model.id               1 
_pdbx_initial_refinement_model.entity_id_list   ? 
_pdbx_initial_refinement_model.type             'experimental model' 
_pdbx_initial_refinement_model.source_name      PDB 
_pdbx_initial_refinement_model.accession_code   2CU6 
_pdbx_initial_refinement_model.details          'PDB ENTRY 2CU6' 
# 
_atom_sites.entry_id                    3CQ1 
_atom_sites.fract_transf_matrix[1][1]   0.00205484 
_atom_sites.fract_transf_matrix[1][2]   -0.00784783 
_atom_sites.fract_transf_matrix[1][3]   -0.00120915 
_atom_sites.fract_transf_matrix[2][1]   0.00071730 
_atom_sites.fract_transf_matrix[2][2]   -0.00106041 
_atom_sites.fract_transf_matrix[2][3]   0.00810147 
_atom_sites.fract_transf_matrix[3][1]   -0.00790797 
_atom_sites.fract_transf_matrix[3][2]   -0.00213540 
_atom_sites.fract_transf_matrix[3][3]   0.00042067 
_atom_sites.fract_transf_vector[1]      0.384740 
_atom_sites.fract_transf_vector[2]      0.071296 
_atom_sites.fract_transf_vector[3]      0.133074 
# 
loop_
_atom_type.symbol 
C  
N  
O  
S  
SE 
# 
loop_
_atom_site.group_PDB 
_atom_site.id 
_atom_site.type_symbol 
_atom_site.label_atom_id 
_atom_site.label_alt_id 
_atom_site.label_comp_id 
_atom_site.label_asym_id 
_atom_site.label_entity_id 
_atom_site.label_seq_id 
_atom_site.pdbx_PDB_ins_code 
_atom_site.Cartn_x 
_atom_site.Cartn_y 
_atom_site.Cartn_z 
_atom_site.occupancy 
_atom_site.B_iso_or_equiv 
_atom_site.pdbx_formal_charge 
_atom_site.auth_seq_id 
_atom_site.auth_comp_id 
_atom_site.auth_asym_id 
_atom_site.auth_atom_id 
_atom_site.pdbx_PDB_model_num 
ATOM   1   N  N   . ALA A 1 3   ? -9.762  2.618   -15.343 1.00 71.27 ? 3   ALA A N   1 
ATOM   2   C  CA  . ALA A 1 3   ? -9.863  2.552   -13.858 1.00 69.26 ? 3   ALA A CA  1 
ATOM   3   C  C   . ALA A 1 3   ? -9.703  3.928   -13.220 1.00 68.90 ? 3   ALA A C   1 
ATOM   4   O  O   . ALA A 1 3   ? -9.368  4.035   -12.040 1.00 67.92 ? 3   ALA A O   1 
ATOM   5   C  CB  . ALA A 1 3   ? -8.814  1.600   -13.303 1.00 70.71 ? 3   ALA A CB  1 
ATOM   6   N  N   . ARG A 1 4   ? -9.926  4.977   -14.008 1.00 66.55 ? 4   ARG A N   1 
ATOM   7   C  CA  . ARG A 1 4   ? -9.831  6.341   -13.497 1.00 65.59 ? 4   ARG A CA  1 
ATOM   8   C  C   . ARG A 1 4   ? -11.190 6.672   -12.891 1.00 62.43 ? 4   ARG A C   1 
ATOM   9   O  O   . ARG A 1 4   ? -12.073 7.181   -13.580 1.00 61.01 ? 4   ARG A O   1 
ATOM   10  C  CB  . ARG A 1 4   ? -9.529  7.331   -14.627 1.00 72.60 ? 4   ARG A CB  1 
ATOM   11  C  CG  . ARG A 1 4   ? -9.357  8.755   -14.125 1.00 81.18 ? 4   ARG A CG  1 
ATOM   12  C  CD  . ARG A 1 4   ? -9.564  9.804   -15.208 1.00 88.48 ? 4   ARG A CD  1 
ATOM   13  N  NE  . ARG A 1 4   ? -8.565  9.748   -16.269 1.00 92.98 ? 4   ARG A NE  1 
ATOM   14  C  CZ  . ARG A 1 4   ? -8.269  10.773  -17.062 1.00 94.87 ? 4   ARG A CZ  1 
ATOM   15  N  NH1 . ARG A 1 4   ? -7.350  10.642  -18.010 1.00 95.26 ? 4   ARG A NH1 1 
ATOM   16  N  NH2 . ARG A 1 4   ? -8.882  11.937  -16.896 1.00 94.68 ? 4   ARG A NH2 1 
ATOM   17  N  N   . ASN A 1 5   ? -11.356 6.388   -11.603 1.00 53.91 ? 5   ASN A N   1 
ATOM   18  C  CA  . ASN A 1 5   ? -12.630 6.631   -10.939 1.00 51.65 ? 5   ASN A CA  1 
ATOM   19  C  C   . ASN A 1 5   ? -12.484 7.163   -9.511  1.00 47.56 ? 5   ASN A C   1 
ATOM   20  O  O   . ASN A 1 5   ? -11.378 7.237   -8.977  1.00 46.50 ? 5   ASN A O   1 
ATOM   21  C  CB  . ASN A 1 5   ? -13.438 5.331   -10.935 1.00 51.99 ? 5   ASN A CB  1 
ATOM   22  C  CG  . ASN A 1 5   ? -12.719 4.204   -10.222 1.00 55.22 ? 5   ASN A CG  1 
ATOM   23  O  OD1 . ASN A 1 5   ? -12.521 4.252   -9.009  1.00 56.01 ? 5   ASN A OD1 1 
ATOM   24  N  ND2 . ASN A 1 5   ? -12.315 3.186   -10.974 1.00 53.47 ? 5   ASN A ND2 1 
ATOM   25  N  N   . PRO A 1 6   ? -13.609 7.544   -8.876  1.00 46.67 ? 6   PRO A N   1 
ATOM   26  C  CA  . PRO A 1 6   ? -13.606 8.070   -7.506  1.00 45.00 ? 6   PRO A CA  1 
ATOM   27  C  C   . PRO A 1 6   ? -13.183 7.056   -6.443  1.00 38.21 ? 6   PRO A C   1 
ATOM   28  O  O   . PRO A 1 6   ? -12.771 7.434   -5.346  1.00 40.16 ? 6   PRO A O   1 
ATOM   29  C  CB  . PRO A 1 6   ? -15.045 8.549   -7.321  1.00 47.05 ? 6   PRO A CB  1 
ATOM   30  C  CG  . PRO A 1 6   ? -15.820 7.611   -8.187  1.00 50.66 ? 6   PRO A CG  1 
ATOM   31  C  CD  . PRO A 1 6   ? -14.973 7.565   -9.433  1.00 45.95 ? 6   PRO A CD  1 
ATOM   32  N  N   . LEU A 1 7   ? -13.293 5.770   -6.760  1.00 31.59 ? 7   LEU A N   1 
ATOM   33  C  CA  . LEU A 1 7   ? -12.887 4.745   -5.809  1.00 34.63 ? 7   LEU A CA  1 
ATOM   34  C  C   . LEU A 1 7   ? -11.369 4.772   -5.669  1.00 34.90 ? 7   LEU A C   1 
ATOM   35  O  O   . LEU A 1 7   ? -10.831 4.449   -4.610  1.00 31.87 ? 7   LEU A O   1 
ATOM   36  C  CB  . LEU A 1 7   ? -13.351 3.362   -6.268  1.00 32.25 ? 7   LEU A CB  1 
ATOM   37  C  CG  . LEU A 1 7   ? -14.866 3.139   -6.197  1.00 42.62 ? 7   LEU A CG  1 
ATOM   38  C  CD1 . LEU A 1 7   ? -15.197 1.730   -6.653  1.00 42.22 ? 7   LEU A CD1 1 
ATOM   39  C  CD2 . LEU A 1 7   ? -15.355 3.368   -4.771  1.00 38.14 ? 7   LEU A CD2 1 
ATOM   40  N  N   . GLU A 1 8   ? -10.684 5.166   -6.739  1.00 35.26 ? 8   GLU A N   1 
ATOM   41  C  CA  . GLU A 1 8   ? -9.225  5.255   -6.723  1.00 38.53 ? 8   GLU A CA  1 
ATOM   42  C  C   . GLU A 1 8   ? -8.773  6.252   -5.663  1.00 35.15 ? 8   GLU A C   1 
ATOM   43  O  O   . GLU A 1 8   ? -7.862  5.973   -4.884  1.00 34.88 ? 8   GLU A O   1 
ATOM   44  C  CB  . GLU A 1 8   ? -8.696  5.695   -8.092  1.00 44.94 ? 8   GLU A CB  1 
ATOM   45  C  CG  . GLU A 1 8   ? -8.414  4.559   -9.062  1.00 56.83 ? 8   GLU A CG  1 
ATOM   46  C  CD  . GLU A 1 8   ? -7.199  3.735   -8.665  1.00 59.76 ? 8   GLU A CD  1 
ATOM   47  O  OE1 . GLU A 1 8   ? -7.360  2.530   -8.386  1.00 58.20 ? 8   GLU A OE1 1 
ATOM   48  O  OE2 . GLU A 1 8   ? -6.081  4.293   -8.636  1.00 65.08 ? 8   GLU A OE2 1 
ATOM   49  N  N   . ALA A 1 9   ? -9.412  7.419   -5.641  1.00 34.32 ? 9   ALA A N   1 
ATOM   50  C  CA  . ALA A 1 9   ? -9.074  8.455   -4.672  1.00 33.13 ? 9   ALA A CA  1 
ATOM   51  C  C   . ALA A 1 9   ? -9.387  7.961   -3.269  1.00 28.69 ? 9   ALA A C   1 
ATOM   52  O  O   . ALA A 1 9   ? -8.639  8.211   -2.327  1.00 29.06 ? 9   ALA A O   1 
ATOM   53  C  CB  . ALA A 1 9   ? -9.858  9.724   -4.964  1.00 37.91 ? 9   ALA A CB  1 
ATOM   54  N  N   . GLN A 1 10  ? -10.507 7.260   -3.138  1.00 23.70 ? 10  GLN A N   1 
ATOM   55  C  CA  . GLN A 1 10  ? -10.925 6.721   -1.854  1.00 24.79 ? 10  GLN A CA  1 
ATOM   56  C  C   . GLN A 1 10  ? -9.925  5.648   -1.412  1.00 25.36 ? 10  GLN A C   1 
ATOM   57  O  O   . GLN A 1 10  ? -9.604  5.525   -0.228  1.00 23.61 ? 10  GLN A O   1 
ATOM   58  C  CB  . GLN A 1 10  ? -12.323 6.115   -1.984  1.00 25.94 ? 10  GLN A CB  1 
ATOM   59  C  CG  . GLN A 1 10  ? -13.028 5.854   -0.672  1.00 48.85 ? 10  GLN A CG  1 
ATOM   60  C  CD  . GLN A 1 10  ? -14.410 5.262   -0.878  1.00 58.41 ? 10  GLN A CD  1 
ATOM   61  O  OE1 . GLN A 1 10  ? -15.178 5.731   -1.719  1.00 54.61 ? 10  GLN A OE1 1 
ATOM   62  N  NE2 . GLN A 1 10  ? -14.735 4.231   -0.105  1.00 60.08 ? 10  GLN A NE2 1 
ATOM   63  N  N   . ALA A 1 11  ? -9.435  4.875   -2.374  1.00 24.71 ? 11  ALA A N   1 
ATOM   64  C  CA  . ALA A 1 11  ? -8.468  3.820   -2.089  1.00 24.34 ? 11  ALA A CA  1 
ATOM   65  C  C   . ALA A 1 11  ? -7.191  4.422   -1.505  1.00 27.04 ? 11  ALA A C   1 
ATOM   66  O  O   . ALA A 1 11  ? -6.647  3.916   -0.520  1.00 27.35 ? 11  ALA A O   1 
ATOM   67  C  CB  . ALA A 1 11  ? -8.146  3.047   -3.367  1.00 24.55 ? 11  ALA A CB  1 
ATOM   68  N  N   . TRP A 1 12  ? -6.717  5.508   -2.111  1.00 24.53 ? 12  TRP A N   1 
ATOM   69  C  CA  . TRP A 1 12  ? -5.506  6.168   -1.635  1.00 24.33 ? 12  TRP A CA  1 
ATOM   70  C  C   . TRP A 1 12  ? -5.670  6.667   -0.201  1.00 27.82 ? 12  TRP A C   1 
ATOM   71  O  O   . TRP A 1 12  ? -4.741  6.580   0.601   1.00 25.57 ? 12  TRP A O   1 
ATOM   72  C  CB  . TRP A 1 12  ? -5.139  7.335   -2.553  1.00 27.72 ? 12  TRP A CB  1 
ATOM   73  C  CG  . TRP A 1 12  ? -4.553  6.897   -3.852  1.00 34.86 ? 12  TRP A CG  1 
ATOM   74  C  CD1 . TRP A 1 12  ? -5.071  7.094   -5.102  1.00 33.73 ? 12  TRP A CD1 1 
ATOM   75  C  CD2 . TRP A 1 12  ? -3.335  6.168   -4.030  1.00 34.39 ? 12  TRP A CD2 1 
ATOM   76  N  NE1 . TRP A 1 12  ? -4.247  6.530   -6.050  1.00 37.43 ? 12  TRP A NE1 1 
ATOM   77  C  CE2 . TRP A 1 12  ? -3.174  5.955   -5.418  1.00 37.88 ? 12  TRP A CE2 1 
ATOM   78  C  CE3 . TRP A 1 12  ? -2.362  5.674   -3.153  1.00 34.35 ? 12  TRP A CE3 1 
ATOM   79  C  CZ2 . TRP A 1 12  ? -2.079  5.264   -5.948  1.00 37.53 ? 12  TRP A CZ2 1 
ATOM   80  C  CZ3 . TRP A 1 12  ? -1.270  4.987   -3.680  1.00 34.46 ? 12  TRP A CZ3 1 
ATOM   81  C  CH2 . TRP A 1 12  ? -1.140  4.792   -5.065  1.00 39.00 ? 12  TRP A CH2 1 
ATOM   82  N  N   . ALA A 1 13  ? -6.851  7.188   0.116   1.00 27.62 ? 13  ALA A N   1 
ATOM   83  C  CA  . ALA A 1 13  ? -7.127  7.699   1.457   1.00 27.77 ? 13  ALA A CA  1 
ATOM   84  C  C   . ALA A 1 13  ? -7.091  6.557   2.468   1.00 24.94 ? 13  ALA A C   1 
ATOM   85  O  O   . ALA A 1 13  ? -6.559  6.699   3.569   1.00 28.98 ? 13  ALA A O   1 
ATOM   86  C  CB  . ALA A 1 13  ? -8.498  8.395   1.484   1.00 27.48 ? 13  ALA A CB  1 
ATOM   87  N  N   . LEU A 1 14  ? -7.667  5.423   2.087   1.00 21.78 ? 14  LEU A N   1 
ATOM   88  C  CA  . LEU A 1 14  ? -7.689  4.250   2.947   1.00 23.84 ? 14  LEU A CA  1 
ATOM   89  C  C   . LEU A 1 14  ? -6.274  3.744   3.227   1.00 27.90 ? 14  LEU A C   1 
ATOM   90  O  O   . LEU A 1 14  ? -5.931  3.443   4.370   1.00 26.65 ? 14  LEU A O   1 
ATOM   91  C  CB  . LEU A 1 14  ? -8.519  3.142   2.296   1.00 22.47 ? 14  LEU A CB  1 
ATOM   92  C  CG  . LEU A 1 14  ? -10.037 3.347   2.361   1.00 26.08 ? 14  LEU A CG  1 
ATOM   93  C  CD1 . LEU A 1 14  ? -10.737 2.387   1.419   1.00 23.99 ? 14  LEU A CD1 1 
ATOM   94  C  CD2 . LEU A 1 14  ? -10.506 3.150   3.793   1.00 26.64 ? 14  LEU A CD2 1 
ATOM   95  N  N   . LEU A 1 15  ? -5.452  3.657   2.185   1.00 24.16 ? 15  LEU A N   1 
ATOM   96  C  CA  . LEU A 1 15  ? -4.079  3.179   2.350   1.00 24.94 ? 15  LEU A CA  1 
ATOM   97  C  C   . LEU A 1 15  ? -3.242  4.133   3.192   1.00 24.31 ? 15  LEU A C   1 
ATOM   98  O  O   . LEU A 1 15  ? -2.327  3.712   3.899   1.00 25.52 ? 15  LEU A O   1 
ATOM   99  C  CB  . LEU A 1 15  ? -3.421  2.971   0.983   1.00 19.68 ? 15  LEU A CB  1 
ATOM   100 C  CG  . LEU A 1 15  ? -4.066  1.859   0.153   1.00 21.94 ? 15  LEU A CG  1 
ATOM   101 C  CD1 . LEU A 1 15  ? -3.337  1.725   -1.174  1.00 27.23 ? 15  LEU A CD1 1 
ATOM   102 C  CD2 . LEU A 1 15  ? -4.019  0.546   0.931   1.00 23.32 ? 15  LEU A CD2 1 
ATOM   103 N  N   . GLU A 1 16  ? -3.560  5.421   3.125   1.00 25.60 ? 16  GLU A N   1 
ATOM   104 C  CA  . GLU A 1 16  ? -2.830  6.409   3.906   1.00 29.21 ? 16  GLU A CA  1 
ATOM   105 C  C   . GLU A 1 16  ? -3.091  6.221   5.398   1.00 27.52 ? 16  GLU A C   1 
ATOM   106 O  O   . GLU A 1 16  ? -2.466  6.876   6.236   1.00 30.82 ? 16  GLU A O   1 
ATOM   107 C  CB  . GLU A 1 16  ? -3.216  7.819   3.456   1.00 29.93 ? 16  GLU A CB  1 
ATOM   108 C  CG  . GLU A 1 16  ? -2.636  8.170   2.094   1.00 32.17 ? 16  GLU A CG  1 
ATOM   109 C  CD  . GLU A 1 16  ? -3.244  9.414   1.477   1.00 42.20 ? 16  GLU A CD  1 
ATOM   110 O  OE1 . GLU A 1 16  ? -2.789  9.808   0.385   1.00 45.34 ? 16  GLU A OE1 1 
ATOM   111 O  OE2 . GLU A 1 16  ? -4.175  9.995   2.074   1.00 40.32 ? 16  GLU A OE2 1 
ATOM   112 N  N   . ALA A 1 17  ? -4.002  5.307   5.720   1.00 24.58 ? 17  ALA A N   1 
ATOM   113 C  CA  . ALA A 1 17  ? -4.355  5.002   7.101   1.00 27.02 ? 17  ALA A CA  1 
ATOM   114 C  C   . ALA A 1 17  ? -3.743  3.678   7.558   1.00 28.31 ? 17  ALA A C   1 
ATOM   115 O  O   . ALA A 1 17  ? -3.944  3.255   8.699   1.00 26.52 ? 17  ALA A O   1 
ATOM   116 C  CB  . ALA A 1 17  ? -5.871  4.957   7.256   1.00 31.92 ? 17  ALA A CB  1 
ATOM   117 N  N   . VAL A 1 18  ? -3.011  3.020   6.661   1.00 26.73 ? 18  VAL A N   1 
ATOM   118 C  CA  . VAL A 1 18  ? -2.349  1.753   6.978   1.00 25.14 ? 18  VAL A CA  1 
ATOM   119 C  C   . VAL A 1 18  ? -0.887  2.077   7.293   1.00 27.69 ? 18  VAL A C   1 
ATOM   120 O  O   . VAL A 1 18  ? -0.149  2.521   6.415   1.00 24.55 ? 18  VAL A O   1 
ATOM   121 C  CB  . VAL A 1 18  ? -2.385  0.773   5.780   1.00 24.37 ? 18  VAL A CB  1 
ATOM   122 C  CG1 . VAL A 1 18  ? -1.686  -0.526  6.152   1.00 22.96 ? 18  VAL A CG1 1 
ATOM   123 C  CG2 . VAL A 1 18  ? -3.824  0.503   5.363   1.00 23.76 ? 18  VAL A CG2 1 
ATOM   124 N  N   . TYR A 1 19  ? -0.471  1.843   8.536   1.00 31.19 ? 19  TYR A N   1 
ATOM   125 C  CA  . TYR A 1 19  ? 0.896   2.156   8.961   1.00 33.79 ? 19  TYR A CA  1 
ATOM   126 C  C   . TYR A 1 19  ? 1.891   0.995   9.016   1.00 35.81 ? 19  TYR A C   1 
ATOM   127 O  O   . TYR A 1 19  ? 1.552   -0.112  9.431   1.00 35.44 ? 19  TYR A O   1 
ATOM   128 C  CB  . TYR A 1 19  ? 0.864   2.853   10.328  1.00 37.90 ? 19  TYR A CB  1 
ATOM   129 C  CG  . TYR A 1 19  ? 0.324   4.266   10.287  1.00 39.83 ? 19  TYR A CG  1 
ATOM   130 C  CD1 . TYR A 1 19  ? -1.038  4.514   10.115  1.00 45.99 ? 19  TYR A CD1 1 
ATOM   131 C  CD2 . TYR A 1 19  ? 1.184   5.360   10.387  1.00 45.97 ? 19  TYR A CD2 1 
ATOM   132 C  CE1 . TYR A 1 19  ? -1.529  5.820   10.041  1.00 48.47 ? 19  TYR A CE1 1 
ATOM   133 C  CE2 . TYR A 1 19  ? 0.704   6.667   10.313  1.00 49.77 ? 19  TYR A CE2 1 
ATOM   134 C  CZ  . TYR A 1 19  ? -0.651  6.890   10.139  1.00 51.68 ? 19  TYR A CZ  1 
ATOM   135 O  OH  . TYR A 1 19  ? -1.125  8.179   10.059  1.00 55.51 ? 19  TYR A OH  1 
ATOM   136 N  N   . ASP A 1 20  ? 3.126   1.273   8.598   1.00 35.85 ? 20  ASP A N   1 
ATOM   137 C  CA  . ASP A 1 20  ? 4.197   0.280   8.601   1.00 39.69 ? 20  ASP A CA  1 
ATOM   138 C  C   . ASP A 1 20  ? 4.608   0.027   10.047  1.00 44.94 ? 20  ASP A C   1 
ATOM   139 O  O   . ASP A 1 20  ? 4.715   0.965   10.842  1.00 43.70 ? 20  ASP A O   1 
ATOM   140 C  CB  . ASP A 1 20  ? 5.406   0.792   7.813   1.00 35.67 ? 20  ASP A CB  1 
ATOM   141 C  CG  . ASP A 1 20  ? 6.507   -0.252  7.678   1.00 43.13 ? 20  ASP A CG  1 
ATOM   142 O  OD1 . ASP A 1 20  ? 6.461   -1.054  6.720   1.00 39.91 ? 20  ASP A OD1 1 
ATOM   143 O  OD2 . ASP A 1 20  ? 7.417   -0.277  8.534   1.00 46.08 ? 20  ASP A OD2 1 
ATOM   144 N  N   . PRO A 1 21  ? 4.840   -1.244  10.408  1.00 49.13 ? 21  PRO A N   1 
ATOM   145 C  CA  . PRO A 1 21  ? 5.237   -1.627  11.766  1.00 52.13 ? 21  PRO A CA  1 
ATOM   146 C  C   . PRO A 1 21  ? 6.565   -1.018  12.215  1.00 51.25 ? 21  PRO A C   1 
ATOM   147 O  O   . PRO A 1 21  ? 6.689   -0.535  13.343  1.00 48.10 ? 21  PRO A O   1 
ATOM   148 C  CB  . PRO A 1 21  ? 5.311   -3.153  11.688  1.00 57.06 ? 21  PRO A CB  1 
ATOM   149 C  CG  . PRO A 1 21  ? 4.320   -3.490  10.612  1.00 60.39 ? 21  PRO A CG  1 
ATOM   150 C  CD  . PRO A 1 21  ? 4.616   -2.437  9.575   1.00 57.53 ? 21  PRO A CD  1 
ATOM   151 N  N   . GLU A 1 22  ? 7.548   -1.039  11.322  1.00 48.26 ? 22  GLU A N   1 
ATOM   152 C  CA  . GLU A 1 22  ? 8.879   -0.523  11.623  1.00 46.20 ? 22  GLU A CA  1 
ATOM   153 C  C   . GLU A 1 22  ? 9.072   0.987   11.531  1.00 48.71 ? 22  GLU A C   1 
ATOM   154 O  O   . GLU A 1 22  ? 9.562   1.604   12.476  1.00 47.38 ? 22  GLU A O   1 
ATOM   155 C  CB  . GLU A 1 22  ? 9.918   -1.213  10.730  1.00 48.27 ? 22  GLU A CB  1 
ATOM   156 C  CG  . GLU A 1 22  ? 10.238  -2.647  11.130  1.00 51.30 ? 22  GLU A CG  1 
ATOM   157 C  CD  . GLU A 1 22  ? 11.235  -3.311  10.195  1.00 54.68 ? 22  GLU A CD  1 
ATOM   158 O  OE1 . GLU A 1 22  ? 12.305  -2.716  9.934   1.00 42.20 ? 22  GLU A OE1 1 
ATOM   159 O  OE2 . GLU A 1 22  ? 10.953  -4.434  9.726   1.00 58.47 ? 22  GLU A OE2 1 
ATOM   160 N  N   . LEU A 1 23  ? 8.688   1.589   10.411  1.00 37.60 ? 23  LEU A N   1 
ATOM   161 C  CA  . LEU A 1 23  ? 8.890   3.022   10.240  1.00 39.17 ? 23  LEU A CA  1 
ATOM   162 C  C   . LEU A 1 23  ? 7.827   3.950   10.833  1.00 40.74 ? 23  LEU A C   1 
ATOM   163 O  O   . LEU A 1 23  ? 8.015   5.165   10.868  1.00 37.51 ? 23  LEU A O   1 
ATOM   164 C  CB  . LEU A 1 23  ? 9.107   3.332   8.753   1.00 36.69 ? 23  LEU A CB  1 
ATOM   165 C  CG  . LEU A 1 23  ? 10.350  2.643   8.163   1.00 41.31 ? 23  LEU A CG  1 
ATOM   166 C  CD1 . LEU A 1 23  ? 10.509  2.987   6.694   1.00 36.51 ? 23  LEU A CD1 1 
ATOM   167 C  CD2 . LEU A 1 23  ? 11.589  3.078   8.937   1.00 39.18 ? 23  LEU A CD2 1 
ATOM   168 N  N   . GLY A 1 24  ? 6.720   3.387   11.305  1.00 42.07 ? 24  GLY A N   1 
ATOM   169 C  CA  . GLY A 1 24  ? 5.673   4.203   11.903  1.00 44.63 ? 24  GLY A CA  1 
ATOM   170 C  C   . GLY A 1 24  ? 4.967   5.189   10.983  1.00 43.93 ? 24  GLY A C   1 
ATOM   171 O  O   . GLY A 1 24  ? 4.275   6.092   11.455  1.00 43.43 ? 24  GLY A O   1 
ATOM   172 N  N   . LEU A 1 25  ? 5.142   5.030   9.675   1.00 37.84 ? 25  LEU A N   1 
ATOM   173 C  CA  . LEU A 1 25  ? 4.500   5.904   8.694   1.00 36.51 ? 25  LEU A CA  1 
ATOM   174 C  C   . LEU A 1 25  ? 3.548   5.060   7.854   1.00 34.60 ? 25  LEU A C   1 
ATOM   175 O  O   . LEU A 1 25  ? 3.674   3.835   7.827   1.00 33.28 ? 25  LEU A O   1 
ATOM   176 C  CB  . LEU A 1 25  ? 5.551   6.548   7.789   1.00 37.90 ? 25  LEU A CB  1 
ATOM   177 C  CG  . LEU A 1 25  ? 6.497   7.548   8.461   1.00 47.53 ? 25  LEU A CG  1 
ATOM   178 C  CD1 . LEU A 1 25  ? 7.618   7.940   7.506   1.00 42.97 ? 25  LEU A CD1 1 
ATOM   179 C  CD2 . LEU A 1 25  ? 5.706   8.772   8.889   1.00 46.27 ? 25  LEU A CD2 1 
ATOM   180 N  N   . ASP A 1 26  ? 2.596   5.698   7.175   1.00 29.66 ? 26  ASP A N   1 
ATOM   181 C  CA  . ASP A 1 26  ? 1.655   4.944   6.350   1.00 30.60 ? 26  ASP A CA  1 
ATOM   182 C  C   . ASP A 1 26  ? 2.349   4.462   5.077   1.00 26.86 ? 26  ASP A C   1 
ATOM   183 O  O   . ASP A 1 26  ? 3.316   5.069   4.612   1.00 23.02 ? 26  ASP A O   1 
ATOM   184 C  CB  . ASP A 1 26  ? 0.428   5.792   5.987   1.00 28.53 ? 26  ASP A CB  1 
ATOM   185 C  CG  . ASP A 1 26  ? 0.767   6.958   5.091   1.00 32.24 ? 26  ASP A CG  1 
ATOM   186 O  OD1 . ASP A 1 26  ? 1.071   8.049   5.617   1.00 39.40 ? 26  ASP A OD1 1 
ATOM   187 O  OD2 . ASP A 1 26  ? 0.736   6.781   3.856   1.00 26.81 ? 26  ASP A OD2 1 
ATOM   188 N  N   . VAL A 1 27  ? 1.840   3.367   4.519   1.00 27.23 ? 27  VAL A N   1 
ATOM   189 C  CA  . VAL A 1 27  ? 2.411   2.763   3.322   1.00 21.77 ? 27  VAL A CA  1 
ATOM   190 C  C   . VAL A 1 27  ? 2.467   3.667   2.098   1.00 24.72 ? 27  VAL A C   1 
ATOM   191 O  O   . VAL A 1 27  ? 3.309   3.478   1.222   1.00 23.76 ? 27  VAL A O   1 
ATOM   192 C  CB  . VAL A 1 27  ? 1.657   1.469   2.949   1.00 20.60 ? 27  VAL A CB  1 
ATOM   193 C  CG1 . VAL A 1 27  ? 1.727   0.484   4.107   1.00 21.70 ? 27  VAL A CG1 1 
ATOM   194 C  CG2 . VAL A 1 27  ? 0.210   1.784   2.608   1.00 19.88 ? 27  VAL A CG2 1 
ATOM   195 N  N   . VAL A 1 28  ? 1.580   4.652   2.028   1.00 22.07 ? 28  VAL A N   1 
ATOM   196 C  CA  . VAL A 1 28  ? 1.574   5.546   0.882   1.00 20.27 ? 28  VAL A CA  1 
ATOM   197 C  C   . VAL A 1 28  ? 2.738   6.535   0.957   1.00 27.24 ? 28  VAL A C   1 
ATOM   198 O  O   . VAL A 1 28  ? 3.522   6.647   0.013   1.00 27.51 ? 28  VAL A O   1 
ATOM   199 C  CB  . VAL A 1 28  ? 0.231   6.303   0.776   1.00 23.34 ? 28  VAL A CB  1 
ATOM   200 C  CG1 . VAL A 1 28  ? 0.261   7.277   -0.392  1.00 26.83 ? 28  VAL A CG1 1 
ATOM   201 C  CG2 . VAL A 1 28  ? -0.904  5.295   0.587   1.00 23.17 ? 28  VAL A CG2 1 
ATOM   202 N  N   . ASN A 1 29  ? 2.862   7.240   2.078   1.00 28.71 ? 29  ASN A N   1 
ATOM   203 C  CA  . ASN A 1 29  ? 3.944   8.209   2.240   1.00 30.20 ? 29  ASN A CA  1 
ATOM   204 C  C   . ASN A 1 29  ? 5.311   7.538   2.292   1.00 29.00 ? 29  ASN A C   1 
ATOM   205 O  O   . ASN A 1 29  ? 6.334   8.177   2.037   1.00 31.94 ? 29  ASN A O   1 
ATOM   206 C  CB  . ASN A 1 29  ? 3.721   9.047   3.500   1.00 31.89 ? 29  ASN A CB  1 
ATOM   207 C  CG  . ASN A 1 29  ? 2.659   10.103  3.304   1.00 34.28 ? 29  ASN A CG  1 
ATOM   208 O  OD1 . ASN A 1 29  ? 2.844   11.045  2.531   1.00 40.95 ? 29  ASN A OD1 1 
ATOM   209 N  ND2 . ASN A 1 29  ? 1.533   9.949   3.993   1.00 35.15 ? 29  ASN A ND2 1 
ATOM   210 N  N   . LEU A 1 30  ? 5.323   6.250   2.620   1.00 27.16 ? 30  LEU A N   1 
ATOM   211 C  CA  . LEU A 1 30  ? 6.563   5.492   2.677   1.00 26.12 ? 30  LEU A CA  1 
ATOM   212 C  C   . LEU A 1 30  ? 6.989   5.066   1.275   1.00 27.40 ? 30  LEU A C   1 
ATOM   213 O  O   . LEU A 1 30  ? 8.117   4.622   1.065   1.00 29.96 ? 30  LEU A O   1 
ATOM   214 C  CB  . LEU A 1 30  ? 6.396   4.258   3.563   1.00 26.16 ? 30  LEU A CB  1 
ATOM   215 C  CG  . LEU A 1 30  ? 6.505   4.489   5.070   1.00 31.12 ? 30  LEU A CG  1 
ATOM   216 C  CD1 . LEU A 1 30  ? 6.248   3.189   5.804   1.00 27.83 ? 30  LEU A CD1 1 
ATOM   217 C  CD2 . LEU A 1 30  ? 7.895   5.022   5.407   1.00 36.16 ? 30  LEU A CD2 1 
ATOM   218 N  N   . GLY A 1 31  ? 6.076   5.202   0.318   1.00 22.22 ? 31  GLY A N   1 
ATOM   219 C  CA  . GLY A 1 31  ? 6.378   4.831   -1.053  1.00 19.49 ? 31  GLY A CA  1 
ATOM   220 C  C   . GLY A 1 31  ? 6.405   3.326   -1.262  1.00 21.82 ? 31  GLY A C   1 
ATOM   221 O  O   . GLY A 1 31  ? 7.138   2.832   -2.119  1.00 22.70 ? 31  GLY A O   1 
ATOM   222 N  N   . LEU A 1 32  ? 5.609   2.596   -0.489  1.00 18.27 ? 32  LEU A N   1 
ATOM   223 C  CA  . LEU A 1 32  ? 5.559   1.140   -0.611  1.00 21.41 ? 32  LEU A CA  1 
ATOM   224 C  C   . LEU A 1 32  ? 4.563   0.662   -1.665  1.00 17.70 ? 32  LEU A C   1 
ATOM   225 O  O   . LEU A 1 32  ? 4.590   -0.502  -2.060  1.00 18.79 ? 32  LEU A O   1 
ATOM   226 C  CB  . LEU A 1 32  ? 5.205   0.502   0.735   1.00 20.29 ? 32  LEU A CB  1 
ATOM   227 C  CG  . LEU A 1 32  ? 6.206   0.665   1.883   1.00 22.86 ? 32  LEU A CG  1 
ATOM   228 C  CD1 . LEU A 1 32  ? 5.628   0.027   3.129   1.00 21.19 ? 32  LEU A CD1 1 
ATOM   229 C  CD2 . LEU A 1 32  ? 7.539   0.016   1.526   1.00 19.57 ? 32  LEU A CD2 1 
ATOM   230 N  N   . ILE A 1 33  ? 3.687   1.551   -2.126  1.00 18.04 ? 33  ILE A N   1 
ATOM   231 C  CA  . ILE A 1 33  ? 2.699   1.160   -3.127  1.00 18.91 ? 33  ILE A CA  1 
ATOM   232 C  C   . ILE A 1 33  ? 3.226   1.405   -4.541  1.00 19.29 ? 33  ILE A C   1 
ATOM   233 O  O   . ILE A 1 33  ? 3.418   2.550   -4.960  1.00 20.16 ? 33  ILE A O   1 
ATOM   234 C  CB  . ILE A 1 33  ? 1.363   1.920   -2.921  1.00 21.74 ? 33  ILE A CB  1 
ATOM   235 C  CG1 . ILE A 1 33  ? 0.880   1.739   -1.475  1.00 16.89 ? 33  ILE A CG1 1 
ATOM   236 C  CG2 . ILE A 1 33  ? 0.310   1.405   -3.903  1.00 17.09 ? 33  ILE A CG2 1 
ATOM   237 C  CD1 . ILE A 1 33  ? 0.733   0.293   -1.029  1.00 19.01 ? 33  ILE A CD1 1 
ATOM   238 N  N   . TYR A 1 34  ? 3.458   0.313   -5.268  1.00 16.47 ? 34  TYR A N   1 
ATOM   239 C  CA  . TYR A 1 34  ? 3.992   0.380   -6.624  1.00 17.04 ? 34  TYR A CA  1 
ATOM   240 C  C   . TYR A 1 34  ? 2.938   0.504   -7.715  1.00 14.83 ? 34  TYR A C   1 
ATOM   241 O  O   . TYR A 1 34  ? 3.201   1.061   -8.777  1.00 18.72 ? 34  TYR A O   1 
ATOM   242 C  CB  . TYR A 1 34  ? 4.871   -0.845  -6.890  1.00 17.85 ? 34  TYR A CB  1 
ATOM   243 C  CG  . TYR A 1 34  ? 6.205   -0.830  -6.167  1.00 16.58 ? 34  TYR A CG  1 
ATOM   244 C  CD1 . TYR A 1 34  ? 7.064   -1.926  -6.240  1.00 18.57 ? 34  TYR A CD1 1 
ATOM   245 C  CD2 . TYR A 1 34  ? 6.629   0.294   -5.452  1.00 18.84 ? 34  TYR A CD2 1 
ATOM   246 C  CE1 . TYR A 1 34  ? 8.320   -1.905  -5.621  1.00 21.07 ? 34  TYR A CE1 1 
ATOM   247 C  CE2 . TYR A 1 34  ? 7.880   0.324   -4.830  1.00 16.75 ? 34  TYR A CE2 1 
ATOM   248 C  CZ  . TYR A 1 34  ? 8.721   -0.780  -4.925  1.00 17.32 ? 34  TYR A CZ  1 
ATOM   249 O  OH  . TYR A 1 34  ? 9.971   -0.753  -4.345  1.00 17.62 ? 34  TYR A OH  1 
ATOM   250 N  N   . ASP A 1 35  ? 1.748   -0.030  -7.465  1.00 16.32 ? 35  ASP A N   1 
ATOM   251 C  CA  . ASP A 1 35  ? 0.675   0.065   -8.443  1.00 18.90 ? 35  ASP A CA  1 
ATOM   252 C  C   . ASP A 1 35  ? -0.637  -0.164  -7.711  1.00 21.93 ? 35  ASP A C   1 
ATOM   253 O  O   . ASP A 1 35  ? -0.686  -0.897  -6.728  1.00 18.18 ? 35  ASP A O   1 
ATOM   254 C  CB  . ASP A 1 35  ? 0.866   -0.980  -9.552  1.00 18.10 ? 35  ASP A CB  1 
ATOM   255 C  CG  . ASP A 1 35  ? -0.061  -0.752  -10.743 1.00 22.13 ? 35  ASP A CG  1 
ATOM   256 O  OD1 . ASP A 1 35  ? -0.517  0.393   -10.941 1.00 20.01 ? 35  ASP A OD1 1 
ATOM   257 O  OD2 . ASP A 1 35  ? -0.315  -1.715  -11.493 1.00 18.67 ? 35  ASP A OD2 1 
ATOM   258 N  N   . LEU A 1 36  ? -1.694  0.482   -8.185  1.00 21.11 ? 36  LEU A N   1 
ATOM   259 C  CA  . LEU A 1 36  ? -3.011  0.346   -7.573  1.00 19.17 ? 36  LEU A CA  1 
ATOM   260 C  C   . LEU A 1 36  ? -4.060  0.485   -8.659  1.00 22.10 ? 36  LEU A C   1 
ATOM   261 O  O   . LEU A 1 36  ? -4.072  1.471   -9.398  1.00 22.85 ? 36  LEU A O   1 
ATOM   262 C  CB  . LEU A 1 36  ? -3.223  1.431   -6.510  1.00 23.49 ? 36  LEU A CB  1 
ATOM   263 C  CG  . LEU A 1 36  ? -4.615  1.501   -5.865  1.00 25.84 ? 36  LEU A CG  1 
ATOM   264 C  CD1 . LEU A 1 36  ? -4.886  0.228   -5.066  1.00 23.72 ? 36  LEU A CD1 1 
ATOM   265 C  CD2 . LEU A 1 36  ? -4.690  2.723   -4.958  1.00 24.04 ? 36  LEU A CD2 1 
ATOM   266 N  N   . VAL A 1 37  ? -4.935  -0.509  -8.751  1.00 21.26 ? 37  VAL A N   1 
ATOM   267 C  CA  . VAL A 1 37  ? -5.990  -0.507  -9.749  1.00 21.82 ? 37  VAL A CA  1 
ATOM   268 C  C   . VAL A 1 37  ? -7.283  -0.954  -9.083  1.00 23.24 ? 37  VAL A C   1 
ATOM   269 O  O   . VAL A 1 37  ? -7.367  -2.059  -8.551  1.00 21.24 ? 37  VAL A O   1 
ATOM   270 C  CB  . VAL A 1 37  ? -5.664  -1.476  -10.910 1.00 25.00 ? 37  VAL A CB  1 
ATOM   271 C  CG1 . VAL A 1 37  ? -6.772  -1.427  -11.966 1.00 24.49 ? 37  VAL A CG1 1 
ATOM   272 C  CG2 . VAL A 1 37  ? -4.319  -1.111  -11.529 1.00 24.48 ? 37  VAL A CG2 1 
ATOM   273 N  N   . VAL A 1 38  ? -8.281  -0.080  -9.090  1.00 19.82 ? 38  VAL A N   1 
ATOM   274 C  CA  . VAL A 1 38  ? -9.566  -0.415  -8.494  1.00 22.79 ? 38  VAL A CA  1 
ATOM   275 C  C   . VAL A 1 38  ? -10.637 -0.384  -9.576  1.00 24.46 ? 38  VAL A C   1 
ATOM   276 O  O   . VAL A 1 38  ? -10.959 0.675   -10.113 1.00 27.49 ? 38  VAL A O   1 
ATOM   277 C  CB  . VAL A 1 38  ? -9.945  0.572   -7.376  1.00 26.38 ? 38  VAL A CB  1 
ATOM   278 C  CG1 . VAL A 1 38  ? -11.284 0.166   -6.765  1.00 27.96 ? 38  VAL A CG1 1 
ATOM   279 C  CG2 . VAL A 1 38  ? -8.858  0.592   -6.307  1.00 24.00 ? 38  VAL A CG2 1 
ATOM   280 N  N   . GLU A 1 39  ? -11.166 -1.557  -9.898  1.00 25.44 ? 39  GLU A N   1 
ATOM   281 C  CA  . GLU A 1 39  ? -12.207 -1.701  -10.908 1.00 31.58 ? 39  GLU A CA  1 
ATOM   282 C  C   . GLU A 1 39  ? -13.179 -2.770  -10.437 1.00 22.76 ? 39  GLU A C   1 
ATOM   283 O  O   . GLU A 1 39  ? -13.023 -3.950  -10.757 1.00 21.95 ? 39  GLU A O   1 
ATOM   284 C  CB  . GLU A 1 39  ? -11.597 -2.115  -12.253 1.00 38.05 ? 39  GLU A CB  1 
ATOM   285 C  CG  . GLU A 1 39  ? -10.539 -1.158  -12.768 1.00 52.62 ? 39  GLU A CG  1 
ATOM   286 C  CD  . GLU A 1 39  ? -9.991  -1.557  -14.124 1.00 65.12 ? 39  GLU A CD  1 
ATOM   287 O  OE1 . GLU A 1 39  ? -9.518  -2.705  -14.265 1.00 70.66 ? 39  GLU A OE1 1 
ATOM   288 O  OE2 . GLU A 1 39  ? -10.029 -0.720  -15.051 1.00 73.92 ? 39  GLU A OE2 1 
ATOM   289 N  N   . PRO A 1 40  ? -14.190 -2.375  -9.651  1.00 23.65 ? 40  PRO A N   1 
ATOM   290 C  CA  . PRO A 1 40  ? -15.174 -3.339  -9.150  1.00 24.40 ? 40  PRO A CA  1 
ATOM   291 C  C   . PRO A 1 40  ? -15.529 -4.356  -10.226 1.00 28.35 ? 40  PRO A C   1 
ATOM   292 O  O   . PRO A 1 40  ? -15.734 -3.994  -11.381 1.00 31.94 ? 40  PRO A O   1 
ATOM   293 C  CB  . PRO A 1 40  ? -16.348 -2.450  -8.764  1.00 27.74 ? 40  PRO A CB  1 
ATOM   294 C  CG  . PRO A 1 40  ? -15.653 -1.233  -8.235  1.00 29.56 ? 40  PRO A CG  1 
ATOM   295 C  CD  . PRO A 1 40  ? -14.563 -1.000  -9.271  1.00 25.37 ? 40  PRO A CD  1 
ATOM   296 N  N   . PRO A 1 41  ? -15.648 -5.638  -9.853  1.00 28.00 ? 41  PRO A N   1 
ATOM   297 C  CA  . PRO A 1 41  ? -15.486 -6.216  -8.516  1.00 23.65 ? 41  PRO A CA  1 
ATOM   298 C  C   . PRO A 1 41  ? -14.058 -6.524  -8.076  1.00 22.89 ? 41  PRO A C   1 
ATOM   299 O  O   . PRO A 1 41  ? -13.863 -7.231  -7.083  1.00 23.97 ? 41  PRO A O   1 
ATOM   300 C  CB  . PRO A 1 41  ? -16.312 -7.487  -8.609  1.00 28.25 ? 41  PRO A CB  1 
ATOM   301 C  CG  . PRO A 1 41  ? -15.948 -7.964  -9.984  1.00 27.78 ? 41  PRO A CG  1 
ATOM   302 C  CD  . PRO A 1 41  ? -16.039 -6.684  -10.819 1.00 32.00 ? 41  PRO A CD  1 
ATOM   303 N  N   . ARG A 1 42  ? -13.066 -6.002  -8.789  1.00 25.16 ? 42  ARG A N   1 
ATOM   304 C  CA  . ARG A 1 42  ? -11.678 -6.293  -8.433  1.00 25.32 ? 42  ARG A CA  1 
ATOM   305 C  C   . ARG A 1 42  ? -10.821 -5.101  -8.037  1.00 24.00 ? 42  ARG A C   1 
ATOM   306 O  O   . ARG A 1 42  ? -11.065 -3.964  -8.444  1.00 23.49 ? 42  ARG A O   1 
ATOM   307 C  CB  . ARG A 1 42  ? -10.986 -7.021  -9.589  1.00 26.42 ? 42  ARG A CB  1 
ATOM   308 C  CG  . ARG A 1 42  ? -11.744 -8.238  -10.088 1.00 43.48 ? 42  ARG A CG  1 
ATOM   309 C  CD  . ARG A 1 42  ? -11.014 -8.927  -11.228 1.00 46.95 ? 42  ARG A CD  1 
ATOM   310 N  NE  . ARG A 1 42  ? -11.810 -10.015 -11.788 1.00 57.64 ? 42  ARG A NE  1 
ATOM   311 C  CZ  . ARG A 1 42  ? -12.933 -9.844  -12.478 1.00 58.81 ? 42  ARG A CZ  1 
ATOM   312 N  NH1 . ARG A 1 42  ? -13.397 -8.621  -12.702 1.00 56.65 ? 42  ARG A NH1 1 
ATOM   313 N  NH2 . ARG A 1 42  ? -13.599 -10.894 -12.937 1.00 60.88 ? 42  ARG A NH2 1 
ATOM   314 N  N   . ALA A 1 43  ? -9.807  -5.390  -7.230  1.00 23.05 ? 43  ALA A N   1 
ATOM   315 C  CA  . ALA A 1 43  ? -8.847  -4.392  -6.784  1.00 22.42 ? 43  ALA A CA  1 
ATOM   316 C  C   . ALA A 1 43  ? -7.502  -5.096  -6.835  1.00 23.45 ? 43  ALA A C   1 
ATOM   317 O  O   . ALA A 1 43  ? -7.383  -6.254  -6.430  1.00 23.18 ? 43  ALA A O   1 
ATOM   318 C  CB  . ALA A 1 43  ? -9.151  -3.942  -5.360  1.00 24.96 ? 43  ALA A CB  1 
ATOM   319 N  N   . TYR A 1 44  ? -6.497  -4.408  -7.356  1.00 21.04 ? 44  TYR A N   1 
ATOM   320 C  CA  . TYR A 1 44  ? -5.163  -4.980  -7.445  1.00 18.23 ? 44  TYR A CA  1 
ATOM   321 C  C   . TYR A 1 44  ? -4.165  -3.984  -6.902  1.00 20.03 ? 44  TYR A C   1 
ATOM   322 O  O   . TYR A 1 44  ? -4.273  -2.781  -7.145  1.00 19.16 ? 44  TYR A O   1 
ATOM   323 C  CB  . TYR A 1 44  ? -4.823  -5.330  -8.905  1.00 20.90 ? 44  TYR A CB  1 
ATOM   324 C  CG  . TYR A 1 44  ? -3.340  -5.516  -9.201  1.00 21.98 ? 44  TYR A CG  1 
ATOM   325 C  CD1 . TYR A 1 44  ? -2.537  -4.434  -9.566  1.00 20.65 ? 44  TYR A CD1 1 
ATOM   326 C  CD2 . TYR A 1 44  ? -2.752  -6.781  -9.149  1.00 24.07 ? 44  TYR A CD2 1 
ATOM   327 C  CE1 . TYR A 1 44  ? -1.177  -4.607  -9.873  1.00 19.67 ? 44  TYR A CE1 1 
ATOM   328 C  CE2 . TYR A 1 44  ? -1.398  -6.966  -9.452  1.00 21.54 ? 44  TYR A CE2 1 
ATOM   329 C  CZ  . TYR A 1 44  ? -0.619  -5.877  -9.815  1.00 18.36 ? 44  TYR A CZ  1 
ATOM   330 O  OH  . TYR A 1 44  ? 0.711   -6.066  -10.133 1.00 21.36 ? 44  TYR A OH  1 
ATOM   331 N  N   . VAL A 1 45  ? -3.206  -4.486  -6.136  1.00 19.76 ? 45  VAL A N   1 
ATOM   332 C  CA  . VAL A 1 45  ? -2.170  -3.638  -5.589  1.00 16.79 ? 45  VAL A CA  1 
ATOM   333 C  C   . VAL A 1 45  ? -0.854  -4.409  -5.594  1.00 16.80 ? 45  VAL A C   1 
ATOM   334 O  O   . VAL A 1 45  ? -0.810  -5.585  -5.231  1.00 19.27 ? 45  VAL A O   1 
ATOM   335 C  CB  . VAL A 1 45  ? -2.524  -3.167  -4.151  1.00 23.65 ? 45  VAL A CB  1 
ATOM   336 C  CG1 . VAL A 1 45  ? -2.751  -4.364  -3.242  1.00 23.64 ? 45  VAL A CG1 1 
ATOM   337 C  CG2 . VAL A 1 45  ? -1.418  -2.282  -3.609  1.00 26.35 ? 45  VAL A CG2 1 
ATOM   338 N  N   . ARG A 1 46  ? 0.201   -3.754  -6.070  1.00 17.86 ? 46  ARG A N   1 
ATOM   339 C  CA  . ARG A 1 46  ? 1.532   -4.350  -6.094  1.00 17.11 ? 46  ARG A CA  1 
ATOM   340 C  C   . ARG A 1 46  ? 2.281   -3.463  -5.116  1.00 19.07 ? 46  ARG A C   1 
ATOM   341 O  O   . ARG A 1 46  ? 2.275   -2.241  -5.250  1.00 18.15 ? 46  ARG A O   1 
ATOM   342 C  CB  . ARG A 1 46  ? 2.172   -4.265  -7.491  1.00 17.74 ? 46  ARG A CB  1 
ATOM   343 C  CG  . ARG A 1 46  ? 3.533   -4.971  -7.570  1.00 20.19 ? 46  ARG A CG  1 
ATOM   344 C  CD  . ARG A 1 46  ? 4.036   -5.185  -9.006  1.00 18.53 ? 46  ARG A CD  1 
ATOM   345 N  NE  . ARG A 1 46  ? 4.424   -3.948  -9.691  1.00 18.44 ? 46  ARG A NE  1 
ATOM   346 C  CZ  . ARG A 1 46  ? 3.664   -3.296  -10.568 1.00 20.13 ? 46  ARG A CZ  1 
ATOM   347 N  NH1 . ARG A 1 46  ? 2.454   -3.752  -10.880 1.00 16.09 ? 46  ARG A NH1 1 
ATOM   348 N  NH2 . ARG A 1 46  ? 4.120   -2.192  -11.148 1.00 18.13 ? 46  ARG A NH2 1 
HETATM 349 N  N   . MSE A 1 47  ? 2.892   -4.070  -4.111  1.00 17.20 ? 47  MSE A N   1 
HETATM 350 C  CA  . MSE A 1 47  ? 3.599   -3.300  -3.105  1.00 19.88 ? 47  MSE A CA  1 
HETATM 351 C  C   . MSE A 1 47  ? 4.886   -4.000  -2.727  1.00 16.71 ? 47  MSE A C   1 
HETATM 352 O  O   . MSE A 1 47  ? 5.170   -5.104  -3.195  1.00 17.78 ? 47  MSE A O   1 
HETATM 353 C  CB  . MSE A 1 47  ? 2.723   -3.158  -1.860  1.00 21.09 ? 47  MSE A CB  1 
HETATM 354 C  CG  . MSE A 1 47  ? 2.397   -4.494  -1.210  1.00 24.30 ? 47  MSE A CG  1 
HETATM 355 SE SE  . MSE A 1 47  ? 1.327   -4.334  0.399   1.00 27.51 ? 47  MSE A SE  1 
HETATM 356 C  CE  . MSE A 1 47  ? 2.673   -3.582  1.573   1.00 34.19 ? 47  MSE A CE  1 
ATOM   357 N  N   . THR A 1 48  ? 5.662   -3.354  -1.869  1.00 17.45 ? 48  THR A N   1 
ATOM   358 C  CA  . THR A 1 48  ? 6.911   -3.932  -1.416  1.00 14.67 ? 48  THR A CA  1 
ATOM   359 C  C   . THR A 1 48  ? 6.995   -3.747  0.094   1.00 15.64 ? 48  THR A C   1 
ATOM   360 O  O   . THR A 1 48  ? 6.061   -3.231  0.711   1.00 17.62 ? 48  THR A O   1 
ATOM   361 C  CB  . THR A 1 48  ? 8.124   -3.260  -2.111  1.00 16.74 ? 48  THR A CB  1 
ATOM   362 O  OG1 . THR A 1 48  ? 9.314   -3.998  -1.807  1.00 17.92 ? 48  THR A OG1 1 
ATOM   363 C  CG2 . THR A 1 48  ? 8.291   -1.809  -1.658  1.00 20.22 ? 48  THR A CG2 1 
ATOM   364 N  N   . LEU A 1 49  ? 8.103   -4.189  0.682   1.00 15.63 ? 49  LEU A N   1 
ATOM   365 C  CA  . LEU A 1 49  ? 8.329   -4.058  2.118   1.00 16.70 ? 49  LEU A CA  1 
ATOM   366 C  C   . LEU A 1 49  ? 9.627   -3.263  2.258   1.00 20.48 ? 49  LEU A C   1 
ATOM   367 O  O   . LEU A 1 49  ? 10.411  -3.207  1.315   1.00 17.57 ? 49  LEU A O   1 
ATOM   368 C  CB  . LEU A 1 49  ? 8.469   -5.448  2.757   1.00 17.22 ? 49  LEU A CB  1 
ATOM   369 C  CG  . LEU A 1 49  ? 7.224   -6.346  2.616   1.00 18.03 ? 49  LEU A CG  1 
ATOM   370 C  CD1 . LEU A 1 49  ? 7.491   -7.721  3.212   1.00 18.22 ? 49  LEU A CD1 1 
ATOM   371 C  CD2 . LEU A 1 49  ? 6.044   -5.687  3.318   1.00 22.69 ? 49  LEU A CD2 1 
ATOM   372 N  N   . THR A 1 50  ? 9.861   -2.653  3.419   1.00 18.69 ? 50  THR A N   1 
ATOM   373 C  CA  . THR A 1 50  ? 11.071  -1.850  3.610   1.00 16.89 ? 50  THR A CA  1 
ATOM   374 C  C   . THR A 1 50  ? 12.355  -2.647  3.817   1.00 21.04 ? 50  THR A C   1 
ATOM   375 O  O   . THR A 1 50  ? 13.448  -2.072  3.835   1.00 21.97 ? 50  THR A O   1 
ATOM   376 C  CB  . THR A 1 50  ? 10.936  -0.909  4.806   1.00 21.52 ? 50  THR A CB  1 
ATOM   377 O  OG1 . THR A 1 50  ? 10.715  -1.686  5.986   1.00 19.19 ? 50  THR A OG1 1 
ATOM   378 C  CG2 . THR A 1 50  ? 9.783   0.066   4.594   1.00 19.26 ? 50  THR A CG2 1 
ATOM   379 N  N   . THR A 1 51  ? 12.227  -3.957  3.986   1.00 19.09 ? 51  THR A N   1 
ATOM   380 C  CA  . THR A 1 51  ? 13.383  -4.821  4.188   1.00 21.65 ? 51  THR A CA  1 
ATOM   381 C  C   . THR A 1 51  ? 13.253  -6.060  3.316   1.00 22.05 ? 51  THR A C   1 
ATOM   382 O  O   . THR A 1 51  ? 12.147  -6.516  3.028   1.00 21.91 ? 51  THR A O   1 
ATOM   383 C  CB  . THR A 1 51  ? 13.512  -5.272  5.663   1.00 21.36 ? 51  THR A CB  1 
ATOM   384 O  OG1 . THR A 1 51  ? 12.332  -5.983  6.051   1.00 21.29 ? 51  THR A OG1 1 
ATOM   385 C  CG2 . THR A 1 51  ? 13.700  -4.067  6.577   1.00 23.21 ? 51  THR A CG2 1 
ATOM   386 N  N   . PRO A 1 52  ? 14.387  -6.630  2.890   1.00 20.67 ? 52  PRO A N   1 
ATOM   387 C  CA  . PRO A 1 52  ? 14.353  -7.823  2.044   1.00 25.37 ? 52  PRO A CA  1 
ATOM   388 C  C   . PRO A 1 52  ? 13.909  -9.081  2.784   1.00 26.64 ? 52  PRO A C   1 
ATOM   389 O  O   . PRO A 1 52  ? 13.961  -9.150  4.016   1.00 24.53 ? 52  PRO A O   1 
ATOM   390 C  CB  . PRO A 1 52  ? 15.790  -7.925  1.543   1.00 26.53 ? 52  PRO A CB  1 
ATOM   391 C  CG  . PRO A 1 52  ? 16.573  -7.418  2.706   1.00 31.16 ? 52  PRO A CG  1 
ATOM   392 C  CD  . PRO A 1 52  ? 15.776  -6.205  3.147   1.00 23.67 ? 52  PRO A CD  1 
ATOM   393 N  N   . GLY A 1 53  ? 13.471  -10.072 2.017   1.00 25.58 ? 53  GLY A N   1 
ATOM   394 C  CA  . GLY A 1 53  ? 13.037  -11.326 2.599   1.00 25.20 ? 53  GLY A CA  1 
ATOM   395 C  C   . GLY A 1 53  ? 11.549  -11.350 2.868   1.00 26.52 ? 53  GLY A C   1 
ATOM   396 O  O   . GLY A 1 53  ? 10.941  -10.318 3.155   1.00 22.99 ? 53  GLY A O   1 
ATOM   397 N  N   . CYS A 1 54  ? 10.954  -12.530 2.752   1.00 28.00 ? 54  CYS A N   1 
ATOM   398 C  CA  . CYS A 1 54  ? 9.530   -12.691 3.012   1.00 27.68 ? 54  CYS A CA  1 
ATOM   399 C  C   . CYS A 1 54  ? 9.372   -12.982 4.496   1.00 23.24 ? 54  CYS A C   1 
ATOM   400 O  O   . CYS A 1 54  ? 10.042  -13.859 5.034   1.00 29.82 ? 54  CYS A O   1 
ATOM   401 C  CB  . CYS A 1 54  ? 8.966   -13.852 2.196   1.00 23.16 ? 54  CYS A CB  1 
ATOM   402 S  SG  . CYS A 1 54  ? 8.927   -13.553 0.427   1.00 32.08 ? 54  CYS A SG  1 
ATOM   403 N  N   . PRO A 1 55  ? 8.489   -12.245 5.181   1.00 23.33 ? 55  PRO A N   1 
ATOM   404 C  CA  . PRO A 1 55  ? 8.267   -12.451 6.613   1.00 22.83 ? 55  PRO A CA  1 
ATOM   405 C  C   . PRO A 1 55  ? 7.397   -13.677 6.879   1.00 27.15 ? 55  PRO A C   1 
ATOM   406 O  O   . PRO A 1 55  ? 6.723   -14.173 5.977   1.00 21.74 ? 55  PRO A O   1 
ATOM   407 C  CB  . PRO A 1 55  ? 7.576   -11.163 7.032   1.00 24.79 ? 55  PRO A CB  1 
ATOM   408 C  CG  . PRO A 1 55  ? 6.704   -10.887 5.844   1.00 25.54 ? 55  PRO A CG  1 
ATOM   409 C  CD  . PRO A 1 55  ? 7.645   -11.145 4.674   1.00 24.21 ? 55  PRO A CD  1 
ATOM   410 N  N   . LEU A 1 56  ? 7.416   -14.161 8.119   1.00 22.89 ? 56  LEU A N   1 
ATOM   411 C  CA  . LEU A 1 56  ? 6.617   -15.323 8.498   1.00 24.38 ? 56  LEU A CA  1 
ATOM   412 C  C   . LEU A 1 56  ? 5.134   -15.016 8.299   1.00 25.18 ? 56  LEU A C   1 
ATOM   413 O  O   . LEU A 1 56  ? 4.375   -15.859 7.817   1.00 23.91 ? 56  LEU A O   1 
ATOM   414 C  CB  . LEU A 1 56  ? 6.878   -15.687 9.960   1.00 29.10 ? 56  LEU A CB  1 
ATOM   415 C  CG  . LEU A 1 56  ? 6.087   -16.874 10.511  1.00 35.78 ? 56  LEU A CG  1 
ATOM   416 C  CD1 . LEU A 1 56  ? 6.451   -18.140 9.743   1.00 37.83 ? 56  LEU A CD1 1 
ATOM   417 C  CD2 . LEU A 1 56  ? 6.391   -17.041 11.996  1.00 37.85 ? 56  LEU A CD2 1 
ATOM   418 N  N   . HIS A 1 57  ? 4.732   -13.808 8.690   1.00 22.34 ? 57  HIS A N   1 
ATOM   419 C  CA  . HIS A 1 57  ? 3.351   -13.342 8.538   1.00 26.62 ? 57  HIS A CA  1 
ATOM   420 C  C   . HIS A 1 57  ? 3.400   -11.961 7.887   1.00 25.18 ? 57  HIS A C   1 
ATOM   421 O  O   . HIS A 1 57  ? 3.907   -11.015 8.489   1.00 24.27 ? 57  HIS A O   1 
ATOM   422 C  CB  . HIS A 1 57  ? 2.643   -13.180 9.893   1.00 37.87 ? 57  HIS A CB  1 
ATOM   423 C  CG  . HIS A 1 57  ? 2.463   -14.455 10.660  1.00 48.71 ? 57  HIS A CG  1 
ATOM   424 N  ND1 . HIS A 1 57  ? 3.433   -14.960 11.500  1.00 57.31 ? 57  HIS A ND1 1 
ATOM   425 C  CD2 . HIS A 1 57  ? 1.415   -15.301 10.743  1.00 51.72 ? 57  HIS A CD2 1 
ATOM   426 C  CE1 . HIS A 1 57  ? 2.987   -16.063 12.068  1.00 56.61 ? 57  HIS A CE1 1 
ATOM   427 N  NE2 . HIS A 1 57  ? 1.760   -16.296 11.627  1.00 52.37 ? 57  HIS A NE2 1 
ATOM   428 N  N   . ASP A 1 58  ? 2.884   -11.838 6.669   1.00 22.77 ? 58  ASP A N   1 
ATOM   429 C  CA  . ASP A 1 58  ? 2.881   -10.543 5.997   1.00 21.72 ? 58  ASP A CA  1 
ATOM   430 C  C   . ASP A 1 58  ? 1.700   -9.723  6.521   1.00 24.87 ? 58  ASP A C   1 
ATOM   431 O  O   . ASP A 1 58  ? 0.706   -9.526  5.822   1.00 21.42 ? 58  ASP A O   1 
ATOM   432 C  CB  . ASP A 1 58  ? 2.771   -10.721 4.476   1.00 20.68 ? 58  ASP A CB  1 
ATOM   433 C  CG  . ASP A 1 58  ? 2.825   -9.397  3.732   1.00 24.67 ? 58  ASP A CG  1 
ATOM   434 O  OD1 . ASP A 1 58  ? 3.275   -8.399  4.333   1.00 22.57 ? 58  ASP A OD1 1 
ATOM   435 O  OD2 . ASP A 1 58  ? 2.426   -9.353  2.547   1.00 24.74 ? 58  ASP A OD2 1 
ATOM   436 N  N   . SER A 1 59  ? 1.825   -9.251  7.758   1.00 22.49 ? 59  SER A N   1 
ATOM   437 C  CA  . SER A 1 59  ? 0.779   -8.463  8.406   1.00 26.10 ? 59  SER A CA  1 
ATOM   438 C  C   . SER A 1 59  ? 0.489   -7.150  7.690   1.00 24.95 ? 59  SER A C   1 
ATOM   439 O  O   . SER A 1 59  ? -0.653  -6.697  7.649   1.00 21.88 ? 59  SER A O   1 
ATOM   440 C  CB  . SER A 1 59  ? 1.167   -8.167  9.861   1.00 29.63 ? 59  SER A CB  1 
ATOM   441 O  OG  . SER A 1 59  ? 1.268   -9.367  10.607  1.00 48.34 ? 59  SER A OG  1 
ATOM   442 N  N   . LEU A 1 60  ? 1.522   -6.534  7.130   1.00 19.92 ? 60  LEU A N   1 
ATOM   443 C  CA  . LEU A 1 60  ? 1.336   -5.277  6.426   1.00 21.53 ? 60  LEU A CA  1 
ATOM   444 C  C   . LEU A 1 60  ? 0.508   -5.520  5.165   1.00 20.34 ? 60  LEU A C   1 
ATOM   445 O  O   . LEU A 1 60  ? -0.426  -4.768  4.875   1.00 20.24 ? 60  LEU A O   1 
ATOM   446 C  CB  . LEU A 1 60  ? 2.690   -4.663  6.062   1.00 22.63 ? 60  LEU A CB  1 
ATOM   447 C  CG  . LEU A 1 60  ? 2.635   -3.236  5.507   1.00 26.47 ? 60  LEU A CG  1 
ATOM   448 C  CD1 . LEU A 1 60  ? 1.918   -2.326  6.501   1.00 25.35 ? 60  LEU A CD1 1 
ATOM   449 C  CD2 . LEU A 1 60  ? 4.051   -2.732  5.246   1.00 25.80 ? 60  LEU A CD2 1 
ATOM   450 N  N   . GLY A 1 61  ? 0.850   -6.573  4.426   1.00 19.49 ? 61  GLY A N   1 
ATOM   451 C  CA  . GLY A 1 61  ? 0.113   -6.896  3.217   1.00 19.34 ? 61  GLY A CA  1 
ATOM   452 C  C   . GLY A 1 61  ? -1.340  -7.197  3.551   1.00 20.58 ? 61  GLY A C   1 
ATOM   453 O  O   . GLY A 1 61  ? -2.240  -6.859  2.790   1.00 19.92 ? 61  GLY A O   1 
ATOM   454 N  N   . GLU A 1 62  ? -1.564  -7.833  4.697   1.00 20.66 ? 62  GLU A N   1 
ATOM   455 C  CA  . GLU A 1 62  ? -2.918  -8.180  5.137   1.00 22.64 ? 62  GLU A CA  1 
ATOM   456 C  C   . GLU A 1 62  ? -3.714  -6.912  5.449   1.00 22.72 ? 62  GLU A C   1 
ATOM   457 O  O   . GLU A 1 62  ? -4.899  -6.805  5.112   1.00 22.33 ? 62  GLU A O   1 
ATOM   458 C  CB  . GLU A 1 62  ? -2.842  -9.072  6.381   1.00 24.92 ? 62  GLU A CB  1 
ATOM   459 C  CG  . GLU A 1 62  ? -4.183  -9.437  7.015   1.00 25.59 ? 62  GLU A CG  1 
ATOM   460 C  CD  . GLU A 1 62  ? -5.061  -10.287 6.118   1.00 27.47 ? 62  GLU A CD  1 
ATOM   461 O  OE1 . GLU A 1 62  ? -4.535  -11.205 5.457   1.00 34.42 ? 62  GLU A OE1 1 
ATOM   462 O  OE2 . GLU A 1 62  ? -6.285  -10.046 6.087   1.00 33.69 ? 62  GLU A OE2 1 
ATOM   463 N  N   . ALA A 1 63  ? -3.060  -5.953  6.094   1.00 19.51 ? 63  ALA A N   1 
ATOM   464 C  CA  . ALA A 1 63  ? -3.711  -4.693  6.450   1.00 21.00 ? 63  ALA A CA  1 
ATOM   465 C  C   . ALA A 1 63  ? -4.044  -3.903  5.190   1.00 20.53 ? 63  ALA A C   1 
ATOM   466 O  O   . ALA A 1 63  ? -5.062  -3.209  5.128   1.00 22.17 ? 63  ALA A O   1 
ATOM   467 C  CB  . ALA A 1 63  ? -2.808  -3.877  7.362   1.00 20.02 ? 63  ALA A CB  1 
ATOM   468 N  N   . VAL A 1 64  ? -3.186  -4.000  4.182   1.00 21.68 ? 64  VAL A N   1 
ATOM   469 C  CA  . VAL A 1 64  ? -3.436  -3.299  2.928   1.00 19.31 ? 64  VAL A CA  1 
ATOM   470 C  C   . VAL A 1 64  ? -4.654  -3.923  2.251   1.00 18.41 ? 64  VAL A C   1 
ATOM   471 O  O   . VAL A 1 64  ? -5.522  -3.214  1.747   1.00 19.96 ? 64  VAL A O   1 
ATOM   472 C  CB  . VAL A 1 64  ? -2.222  -3.379  1.970   1.00 16.39 ? 64  VAL A CB  1 
ATOM   473 C  CG1 . VAL A 1 64  ? -2.637  -2.973  0.556   1.00 17.94 ? 64  VAL A CG1 1 
ATOM   474 C  CG2 . VAL A 1 64  ? -1.110  -2.450  2.459   1.00 18.49 ? 64  VAL A CG2 1 
ATOM   475 N  N   . ARG A 1 65  ? -4.708  -5.252  2.244   1.00 16.72 ? 65  ARG A N   1 
ATOM   476 C  CA  . ARG A 1 65  ? -5.820  -5.972  1.627   1.00 20.32 ? 65  ARG A CA  1 
ATOM   477 C  C   . ARG A 1 65  ? -7.131  -5.586  2.314   1.00 20.73 ? 65  ARG A C   1 
ATOM   478 O  O   . ARG A 1 65  ? -8.113  -5.235  1.661   1.00 21.83 ? 65  ARG A O   1 
ATOM   479 C  CB  . ARG A 1 65  ? -5.584  -7.487  1.739   1.00 20.92 ? 65  ARG A CB  1 
ATOM   480 C  CG  . ARG A 1 65  ? -6.466  -8.357  0.832   1.00 21.49 ? 65  ARG A CG  1 
ATOM   481 C  CD  . ARG A 1 65  ? -7.878  -8.507  1.390   1.00 18.73 ? 65  ARG A CD  1 
ATOM   482 N  NE  . ARG A 1 65  ? -7.877  -9.240  2.652   1.00 20.05 ? 65  ARG A NE  1 
ATOM   483 C  CZ  . ARG A 1 65  ? -8.908  -9.291  3.489   1.00 23.49 ? 65  ARG A CZ  1 
ATOM   484 N  NH1 . ARG A 1 65  ? -8.814  -9.989  4.614   1.00 18.66 ? 65  ARG A NH1 1 
ATOM   485 N  NH2 . ARG A 1 65  ? -10.027 -8.633  3.210   1.00 20.53 ? 65  ARG A NH2 1 
ATOM   486 N  N   . GLN A 1 66  ? -7.139  -5.642  3.640   1.00 22.02 ? 66  GLN A N   1 
ATOM   487 C  CA  . GLN A 1 66  ? -8.335  -5.306  4.404   1.00 19.80 ? 66  GLN A CA  1 
ATOM   488 C  C   . GLN A 1 66  ? -8.784  -3.862  4.187   1.00 21.83 ? 66  GLN A C   1 
ATOM   489 O  O   . GLN A 1 66  ? -9.982  -3.568  4.186   1.00 22.39 ? 66  GLN A O   1 
ATOM   490 C  CB  . GLN A 1 66  ? -8.096  -5.590  5.891   1.00 21.29 ? 66  GLN A CB  1 
ATOM   491 C  CG  . GLN A 1 66  ? -8.105  -7.085  6.204   1.00 24.74 ? 66  GLN A CG  1 
ATOM   492 C  CD  . GLN A 1 66  ? -8.075  -7.388  7.692   1.00 30.11 ? 66  GLN A CD  1 
ATOM   493 O  OE1 . GLN A 1 66  ? -8.625  -6.643  8.498   1.00 34.30 ? 66  GLN A OE1 1 
ATOM   494 N  NE2 . GLN A 1 66  ? -7.447  -8.499  8.057   1.00 26.21 ? 66  GLN A NE2 1 
ATOM   495 N  N   . ALA A 1 67  ? -7.829  -2.963  3.986   1.00 16.49 ? 67  ALA A N   1 
ATOM   496 C  CA  . ALA A 1 67  ? -8.155  -1.565  3.751   1.00 19.57 ? 67  ALA A CA  1 
ATOM   497 C  C   . ALA A 1 67  ? -8.889  -1.431  2.418   1.00 25.00 ? 67  ALA A C   1 
ATOM   498 O  O   . ALA A 1 67  ? -9.906  -0.739  2.322   1.00 22.50 ? 67  ALA A O   1 
ATOM   499 C  CB  . ALA A 1 67  ? -6.883  -0.722  3.733   1.00 22.16 ? 67  ALA A CB  1 
ATOM   500 N  N   . LEU A 1 68  ? -8.377  -2.099  1.388   1.00 21.15 ? 68  LEU A N   1 
ATOM   501 C  CA  . LEU A 1 68  ? -8.997  -2.028  0.070   1.00 20.78 ? 68  LEU A CA  1 
ATOM   502 C  C   . LEU A 1 68  ? -10.361 -2.709  0.058   1.00 21.04 ? 68  LEU A C   1 
ATOM   503 O  O   . LEU A 1 68  ? -11.239 -2.340  -0.722  1.00 20.83 ? 68  LEU A O   1 
ATOM   504 C  CB  . LEU A 1 68  ? -8.088  -2.654  -0.986  1.00 19.28 ? 68  LEU A CB  1 
ATOM   505 C  CG  . LEU A 1 68  ? -6.742  -1.952  -1.197  1.00 24.73 ? 68  LEU A CG  1 
ATOM   506 C  CD1 . LEU A 1 68  ? -5.957  -2.678  -2.273  1.00 24.95 ? 68  LEU A CD1 1 
ATOM   507 C  CD2 . LEU A 1 68  ? -6.965  -0.500  -1.601  1.00 25.14 ? 68  LEU A CD2 1 
ATOM   508 N  N   . SER A 1 69  ? -10.535 -3.699  0.924   1.00 18.60 ? 69  SER A N   1 
ATOM   509 C  CA  . SER A 1 69  ? -11.808 -4.408  1.014   1.00 20.67 ? 69  SER A CA  1 
ATOM   510 C  C   . SER A 1 69  ? -12.917 -3.497  1.540   1.00 21.09 ? 69  SER A C   1 
ATOM   511 O  O   . SER A 1 69  ? -14.102 -3.801  1.388   1.00 24.38 ? 69  SER A O   1 
ATOM   512 C  CB  . SER A 1 69  ? -11.672 -5.638  1.912   1.00 17.61 ? 69  SER A CB  1 
ATOM   513 O  OG  . SER A 1 69  ? -11.002 -6.689  1.228   1.00 21.70 ? 69  SER A OG  1 
ATOM   514 N  N   . ARG A 1 70  ? -12.539 -2.386  2.164   1.00 22.13 ? 70  ARG A N   1 
ATOM   515 C  CA  . ARG A 1 70  ? -13.526 -1.434  2.678   1.00 25.22 ? 70  ARG A CA  1 
ATOM   516 C  C   . ARG A 1 70  ? -14.210 -0.691  1.533   1.00 26.67 ? 70  ARG A C   1 
ATOM   517 O  O   . ARG A 1 70  ? -15.230 -0.027  1.732   1.00 23.98 ? 70  ARG A O   1 
ATOM   518 C  CB  . ARG A 1 70  ? -12.867 -0.414  3.611   1.00 24.33 ? 70  ARG A CB  1 
ATOM   519 C  CG  . ARG A 1 70  ? -12.476 -0.955  4.971   1.00 30.08 ? 70  ARG A CG  1 
ATOM   520 C  CD  . ARG A 1 70  ? -11.754 0.115   5.772   1.00 40.33 ? 70  ARG A CD  1 
ATOM   521 N  NE  . ARG A 1 70  ? -11.463 -0.304  7.139   1.00 58.81 ? 70  ARG A NE  1 
ATOM   522 C  CZ  . ARG A 1 70  ? -12.378 -0.429  8.096   1.00 62.97 ? 70  ARG A CZ  1 
ATOM   523 N  NH1 . ARG A 1 70  ? -13.652 -0.165  7.839   1.00 67.60 ? 70  ARG A NH1 1 
ATOM   524 N  NH2 . ARG A 1 70  ? -12.017 -0.819  9.312   1.00 66.77 ? 70  ARG A NH2 1 
ATOM   525 N  N   . LEU A 1 71  ? -13.646 -0.795  0.334   1.00 20.23 ? 71  LEU A N   1 
ATOM   526 C  CA  . LEU A 1 71  ? -14.229 -0.137  -0.832  1.00 21.93 ? 71  LEU A CA  1 
ATOM   527 C  C   . LEU A 1 71  ? -15.493 -0.868  -1.270  1.00 23.52 ? 71  LEU A C   1 
ATOM   528 O  O   . LEU A 1 71  ? -15.527 -2.095  -1.317  1.00 24.52 ? 71  LEU A O   1 
ATOM   529 C  CB  . LEU A 1 71  ? -13.226 -0.118  -1.985  1.00 20.61 ? 71  LEU A CB  1 
ATOM   530 C  CG  . LEU A 1 71  ? -11.990 0.756   -1.755  1.00 25.28 ? 71  LEU A CG  1 
ATOM   531 C  CD1 . LEU A 1 71  ? -10.932 0.451   -2.799  1.00 27.38 ? 71  LEU A CD1 1 
ATOM   532 C  CD2 . LEU A 1 71  ? -12.398 2.222   -1.802  1.00 29.30 ? 71  LEU A CD2 1 
ATOM   533 N  N   . PRO A 1 72  ? -16.552 -0.118  -1.607  1.00 27.91 ? 72  PRO A N   1 
ATOM   534 C  CA  . PRO A 1 72  ? -17.790 -0.775  -2.035  1.00 26.12 ? 72  PRO A CA  1 
ATOM   535 C  C   . PRO A 1 72  ? -17.642 -1.506  -3.368  1.00 27.11 ? 72  PRO A C   1 
ATOM   536 O  O   . PRO A 1 72  ? -17.008 -1.005  -4.300  1.00 23.48 ? 72  PRO A O   1 
ATOM   537 C  CB  . PRO A 1 72  ? -18.779 0.384   -2.116  1.00 31.30 ? 72  PRO A CB  1 
ATOM   538 C  CG  . PRO A 1 72  ? -17.903 1.526   -2.551  1.00 34.25 ? 72  PRO A CG  1 
ATOM   539 C  CD  . PRO A 1 72  ? -16.683 1.349   -1.666  1.00 27.24 ? 72  PRO A CD  1 
ATOM   540 N  N   . GLY A 1 73  ? -18.220 -2.700  -3.444  1.00 23.51 ? 73  GLY A N   1 
ATOM   541 C  CA  . GLY A 1 73  ? -18.172 -3.470  -4.674  1.00 24.97 ? 73  GLY A CA  1 
ATOM   542 C  C   . GLY A 1 73  ? -16.904 -4.254  -4.961  1.00 27.13 ? 73  GLY A C   1 
ATOM   543 O  O   . GLY A 1 73  ? -16.810 -4.902  -6.004  1.00 24.36 ? 73  GLY A O   1 
ATOM   544 N  N   . VAL A 1 74  ? -15.930 -4.207  -4.056  1.00 25.93 ? 74  VAL A N   1 
ATOM   545 C  CA  . VAL A 1 74  ? -14.681 -4.937  -4.255  1.00 23.45 ? 74  VAL A CA  1 
ATOM   546 C  C   . VAL A 1 74  ? -14.792 -6.331  -3.642  1.00 23.01 ? 74  VAL A C   1 
ATOM   547 O  O   . VAL A 1 74  ? -14.652 -6.513  -2.428  1.00 21.55 ? 74  VAL A O   1 
ATOM   548 C  CB  . VAL A 1 74  ? -13.483 -4.182  -3.632  1.00 23.78 ? 74  VAL A CB  1 
ATOM   549 C  CG1 . VAL A 1 74  ? -12.225 -5.040  -3.711  1.00 21.64 ? 74  VAL A CG1 1 
ATOM   550 C  CG2 . VAL A 1 74  ? -13.265 -2.866  -4.369  1.00 23.18 ? 74  VAL A CG2 1 
ATOM   551 N  N   . GLU A 1 75  ? -15.039 -7.315  -4.500  1.00 20.71 ? 75  GLU A N   1 
ATOM   552 C  CA  . GLU A 1 75  ? -15.211 -8.696  -4.070  1.00 20.84 ? 75  GLU A CA  1 
ATOM   553 C  C   . GLU A 1 75  ? -13.940 -9.522  -4.137  1.00 23.92 ? 75  GLU A C   1 
ATOM   554 O  O   . GLU A 1 75  ? -13.884 -10.629 -3.604  1.00 22.15 ? 75  GLU A O   1 
ATOM   555 C  CB  . GLU A 1 75  ? -16.289 -9.366  -4.922  1.00 26.22 ? 75  GLU A CB  1 
ATOM   556 C  CG  . GLU A 1 75  ? -17.632 -8.658  -4.883  1.00 37.99 ? 75  GLU A CG  1 
ATOM   557 C  CD  . GLU A 1 75  ? -18.663 -9.320  -5.781  1.00 48.05 ? 75  GLU A CD  1 
ATOM   558 O  OE1 . GLU A 1 75  ? -18.439 -9.377  -7.008  1.00 50.88 ? 75  GLU A OE1 1 
ATOM   559 O  OE2 . GLU A 1 75  ? -19.694 -9.786  -5.259  1.00 60.09 ? 75  GLU A OE2 1 
ATOM   560 N  N   . GLU A 1 76  ? -12.922 -8.988  -4.797  1.00 21.06 ? 76  GLU A N   1 
ATOM   561 C  CA  . GLU A 1 76  ? -11.659 -9.701  -4.926  1.00 21.95 ? 76  GLU A CA  1 
ATOM   562 C  C   . GLU A 1 76  ? -10.515 -8.705  -4.849  1.00 22.35 ? 76  GLU A C   1 
ATOM   563 O  O   . GLU A 1 76  ? -10.499 -7.717  -5.576  1.00 23.72 ? 76  GLU A O   1 
ATOM   564 C  CB  . GLU A 1 76  ? -11.603 -10.431 -6.269  1.00 31.66 ? 76  GLU A CB  1 
ATOM   565 C  CG  . GLU A 1 76  ? -10.378 -11.304 -6.458  1.00 45.81 ? 76  GLU A CG  1 
ATOM   566 C  CD  . GLU A 1 76  ? -10.199 -11.750 -7.895  1.00 58.60 ? 76  GLU A CD  1 
ATOM   567 O  OE1 . GLU A 1 76  ? -11.166 -12.282 -8.480  1.00 59.44 ? 76  GLU A OE1 1 
ATOM   568 O  OE2 . GLU A 1 76  ? -9.089  -11.569 -8.440  1.00 68.46 ? 76  GLU A OE2 1 
ATOM   569 N  N   . VAL A 1 77  ? -9.564  -8.963  -3.959  1.00 22.67 ? 77  VAL A N   1 
ATOM   570 C  CA  . VAL A 1 77  ? -8.410  -8.084  -3.823  1.00 20.55 ? 77  VAL A CA  1 
ATOM   571 C  C   . VAL A 1 77  ? -7.152  -8.909  -4.014  1.00 24.06 ? 77  VAL A C   1 
ATOM   572 O  O   . VAL A 1 77  ? -6.951  -9.915  -3.328  1.00 23.94 ? 77  VAL A O   1 
ATOM   573 C  CB  . VAL A 1 77  ? -8.345  -7.417  -2.425  1.00 22.48 ? 77  VAL A CB  1 
ATOM   574 C  CG1 . VAL A 1 77  ? -7.135  -6.483  -2.355  1.00 21.76 ? 77  VAL A CG1 1 
ATOM   575 C  CG2 . VAL A 1 77  ? -9.627  -6.641  -2.150  1.00 24.08 ? 77  VAL A CG2 1 
ATOM   576 N  N   . GLU A 1 78  ? -6.317  -8.496  -4.960  1.00 19.23 ? 78  GLU A N   1 
ATOM   577 C  CA  . GLU A 1 78  ? -5.066  -9.198  -5.211  1.00 21.65 ? 78  GLU A CA  1 
ATOM   578 C  C   . GLU A 1 78  ? -3.946  -8.291  -4.734  1.00 20.73 ? 78  GLU A C   1 
ATOM   579 O  O   . GLU A 1 78  ? -3.776  -7.189  -5.255  1.00 21.10 ? 78  GLU A O   1 
ATOM   580 C  CB  . GLU A 1 78  ? -4.872  -9.478  -6.702  1.00 23.76 ? 78  GLU A CB  1 
ATOM   581 C  CG  . GLU A 1 78  ? -3.603  -10.277 -6.999  1.00 24.41 ? 78  GLU A CG  1 
ATOM   582 C  CD  . GLU A 1 78  ? -3.291  -10.387 -8.482  1.00 29.57 ? 78  GLU A CD  1 
ATOM   583 O  OE1 . GLU A 1 78  ? -4.210  -10.219 -9.309  1.00 30.79 ? 78  GLU A OE1 1 
ATOM   584 O  OE2 . GLU A 1 78  ? -2.119  -10.658 -8.820  1.00 28.12 ? 78  GLU A OE2 1 
ATOM   585 N  N   . VAL A 1 79  ? -3.205  -8.743  -3.730  1.00 21.28 ? 79  VAL A N   1 
ATOM   586 C  CA  . VAL A 1 79  ? -2.090  -7.971  -3.199  1.00 21.78 ? 79  VAL A CA  1 
ATOM   587 C  C   . VAL A 1 79  ? -0.806  -8.721  -3.538  1.00 27.74 ? 79  VAL A C   1 
ATOM   588 O  O   . VAL A 1 79  ? -0.568  -9.821  -3.045  1.00 28.32 ? 79  VAL A O   1 
ATOM   589 C  CB  . VAL A 1 79  ? -2.194  -7.804  -1.662  1.00 26.57 ? 79  VAL A CB  1 
ATOM   590 C  CG1 . VAL A 1 79  ? -0.974  -7.049  -1.138  1.00 25.31 ? 79  VAL A CG1 1 
ATOM   591 C  CG2 . VAL A 1 79  ? -3.474  -7.047  -1.305  1.00 23.33 ? 79  VAL A CG2 1 
ATOM   592 N  N   . GLU A 1 80  ? 0.010   -8.136  -4.402  1.00 20.78 ? 80  GLU A N   1 
ATOM   593 C  CA  . GLU A 1 80  ? 1.257   -8.779  -4.790  1.00 21.05 ? 80  GLU A CA  1 
ATOM   594 C  C   . GLU A 1 80  ? 2.401   -8.055  -4.116  1.00 19.32 ? 80  GLU A C   1 
ATOM   595 O  O   . GLU A 1 80  ? 2.580   -6.849  -4.304  1.00 22.52 ? 80  GLU A O   1 
ATOM   596 C  CB  . GLU A 1 80  ? 1.446   -8.730  -6.307  1.00 23.37 ? 80  GLU A CB  1 
ATOM   597 C  CG  . GLU A 1 80  ? 0.441   -9.553  -7.108  1.00 25.84 ? 80  GLU A CG  1 
ATOM   598 C  CD  . GLU A 1 80  ? 0.536   -11.049 -6.845  1.00 28.59 ? 80  GLU A CD  1 
ATOM   599 O  OE1 . GLU A 1 80  ? 1.629   -11.534 -6.474  1.00 35.41 ? 80  GLU A OE1 1 
ATOM   600 O  OE2 . GLU A 1 80  ? -0.487  -11.744 -7.026  1.00 33.18 ? 80  GLU A OE2 1 
ATOM   601 N  N   . VAL A 1 81  ? 3.163   -8.792  -3.320  1.00 18.26 ? 81  VAL A N   1 
ATOM   602 C  CA  . VAL A 1 81  ? 4.300   -8.219  -2.624  1.00 18.86 ? 81  VAL A CA  1 
ATOM   603 C  C   . VAL A 1 81  ? 5.525   -8.562  -3.462  1.00 18.82 ? 81  VAL A C   1 
ATOM   604 O  O   . VAL A 1 81  ? 5.812   -9.732  -3.719  1.00 22.41 ? 81  VAL A O   1 
ATOM   605 C  CB  . VAL A 1 81  ? 4.409   -8.799  -1.202  1.00 18.34 ? 81  VAL A CB  1 
ATOM   606 C  CG1 . VAL A 1 81  ? 5.589   -8.182  -0.472  1.00 20.80 ? 81  VAL A CG1 1 
ATOM   607 C  CG2 . VAL A 1 81  ? 3.104   -8.521  -0.443  1.00 17.88 ? 81  VAL A CG2 1 
ATOM   608 N  N   . THR A 1 82  ? 6.240   -7.534  -3.896  1.00 19.25 ? 82  THR A N   1 
ATOM   609 C  CA  . THR A 1 82  ? 7.401   -7.731  -4.754  1.00 17.70 ? 82  THR A CA  1 
ATOM   610 C  C   . THR A 1 82  ? 8.613   -6.952  -4.268  1.00 19.81 ? 82  THR A C   1 
ATOM   611 O  O   . THR A 1 82  ? 8.489   -6.012  -3.486  1.00 20.06 ? 82  THR A O   1 
ATOM   612 C  CB  . THR A 1 82  ? 7.084   -7.254  -6.198  1.00 19.31 ? 82  THR A CB  1 
ATOM   613 O  OG1 . THR A 1 82  ? 8.193   -7.532  -7.060  1.00 18.95 ? 82  THR A OG1 1 
ATOM   614 C  CG2 . THR A 1 82  ? 6.825   -5.745  -6.204  1.00 19.92 ? 82  THR A CG2 1 
ATOM   615 N  N   . PHE A 1 83  ? 9.786   -7.349  -4.745  1.00 15.55 ? 83  PHE A N   1 
ATOM   616 C  CA  . PHE A 1 83  ? 11.019  -6.660  -4.399  1.00 16.89 ? 83  PHE A CA  1 
ATOM   617 C  C   . PHE A 1 83  ? 11.621  -6.093  -5.684  1.00 22.35 ? 83  PHE A C   1 
ATOM   618 O  O   . PHE A 1 83  ? 12.799  -5.745  -5.738  1.00 17.39 ? 83  PHE A O   1 
ATOM   619 C  CB  . PHE A 1 83  ? 11.983  -7.622  -3.705  1.00 20.32 ? 83  PHE A CB  1 
ATOM   620 C  CG  . PHE A 1 83  ? 11.494  -8.066  -2.355  1.00 24.26 ? 83  PHE A CG  1 
ATOM   621 C  CD1 . PHE A 1 83  ? 11.426  -7.161  -1.301  1.00 22.69 ? 83  PHE A CD1 1 
ATOM   622 C  CD2 . PHE A 1 83  ? 11.035  -9.363  -2.157  1.00 27.81 ? 83  PHE A CD2 1 
ATOM   623 C  CE1 . PHE A 1 83  ? 10.895  -7.539  -0.064  1.00 25.34 ? 83  PHE A CE1 1 
ATOM   624 C  CE2 . PHE A 1 83  ? 10.501  -9.751  -0.927  1.00 32.12 ? 83  PHE A CE2 1 
ATOM   625 C  CZ  . PHE A 1 83  ? 10.434  -8.837  0.122   1.00 26.40 ? 83  PHE A CZ  1 
ATOM   626 N  N   . GLU A 1 84  ? 10.786  -5.998  -6.716  1.00 17.26 ? 84  GLU A N   1 
ATOM   627 C  CA  . GLU A 1 84  ? 11.212  -5.447  -8.000  1.00 19.70 ? 84  GLU A CA  1 
ATOM   628 C  C   . GLU A 1 84  ? 10.372  -4.223  -8.364  1.00 17.58 ? 84  GLU A C   1 
ATOM   629 O  O   . GLU A 1 84  ? 9.209   -4.341  -8.750  1.00 18.56 ? 84  GLU A O   1 
ATOM   630 C  CB  . GLU A 1 84  ? 11.089  -6.508  -9.094  1.00 23.19 ? 84  GLU A CB  1 
ATOM   631 C  CG  . GLU A 1 84  ? 11.834  -7.787  -8.747  1.00 31.84 ? 84  GLU A CG  1 
ATOM   632 C  CD  . GLU A 1 84  ? 11.945  -8.740  -9.912  1.00 41.46 ? 84  GLU A CD  1 
ATOM   633 O  OE1 . GLU A 1 84  ? 10.922  -8.985  -10.586 1.00 44.61 ? 84  GLU A OE1 1 
ATOM   634 O  OE2 . GLU A 1 84  ? 13.060  -9.251  -10.146 1.00 54.22 ? 84  GLU A OE2 1 
ATOM   635 N  N   . PRO A 1 85  ? 10.955  -3.017  -8.244  1.00 16.62 ? 85  PRO A N   1 
ATOM   636 C  CA  . PRO A 1 85  ? 12.330  -2.768  -7.802  1.00 18.02 ? 85  PRO A CA  1 
ATOM   637 C  C   . PRO A 1 85  ? 12.451  -2.802  -6.279  1.00 18.11 ? 85  PRO A C   1 
ATOM   638 O  O   . PRO A 1 85  ? 11.447  -2.785  -5.566  1.00 17.20 ? 85  PRO A O   1 
ATOM   639 C  CB  . PRO A 1 85  ? 12.601  -1.371  -8.348  1.00 18.25 ? 85  PRO A CB  1 
ATOM   640 C  CG  . PRO A 1 85  ? 11.268  -0.701  -8.132  1.00 20.85 ? 85  PRO A CG  1 
ATOM   641 C  CD  . PRO A 1 85  ? 10.274  -1.759  -8.591  1.00 18.17 ? 85  PRO A CD  1 
ATOM   642 N  N   . PRO A 1 86  ? 13.686  -2.866  -5.762  1.00 18.82 ? 86  PRO A N   1 
ATOM   643 C  CA  . PRO A 1 86  ? 13.904  -2.900  -4.314  1.00 18.75 ? 86  PRO A CA  1 
ATOM   644 C  C   . PRO A 1 86  ? 13.695  -1.502  -3.717  1.00 20.51 ? 86  PRO A C   1 
ATOM   645 O  O   . PRO A 1 86  ? 14.146  -0.506  -4.273  1.00 20.41 ? 86  PRO A O   1 
ATOM   646 C  CB  . PRO A 1 86  ? 15.347  -3.388  -4.195  1.00 22.29 ? 86  PRO A CB  1 
ATOM   647 C  CG  . PRO A 1 86  ? 15.993  -2.830  -5.429  1.00 19.12 ? 86  PRO A CG  1 
ATOM   648 C  CD  . PRO A 1 86  ? 14.950  -3.094  -6.494  1.00 20.74 ? 86  PRO A CD  1 
ATOM   649 N  N   . TRP A 1 87  ? 13.012  -1.444  -2.581  1.00 19.08 ? 87  TRP A N   1 
ATOM   650 C  CA  . TRP A 1 87  ? 12.712  -0.182  -1.909  1.00 19.83 ? 87  TRP A CA  1 
ATOM   651 C  C   . TRP A 1 87  ? 13.907  0.447   -1.179  1.00 18.50 ? 87  TRP A C   1 
ATOM   652 O  O   . TRP A 1 87  ? 14.799  -0.259  -0.711  1.00 17.21 ? 87  TRP A O   1 
ATOM   653 C  CB  . TRP A 1 87  ? 11.585  -0.425  -0.896  1.00 18.49 ? 87  TRP A CB  1 
ATOM   654 C  CG  . TRP A 1 87  ? 11.062  0.802   -0.196  1.00 20.26 ? 87  TRP A CG  1 
ATOM   655 C  CD1 . TRP A 1 87  ? 10.018  1.594   -0.591  1.00 18.26 ? 87  TRP A CD1 1 
ATOM   656 C  CD2 . TRP A 1 87  ? 11.545  1.365   1.032   1.00 21.56 ? 87  TRP A CD2 1 
ATOM   657 N  NE1 . TRP A 1 87  ? 9.821   2.611   0.315   1.00 18.24 ? 87  TRP A NE1 1 
ATOM   658 C  CE2 . TRP A 1 87  ? 10.745  2.494   1.319   1.00 20.67 ? 87  TRP A CE2 1 
ATOM   659 C  CE3 . TRP A 1 87  ? 12.582  1.022   1.913   1.00 18.59 ? 87  TRP A CE3 1 
ATOM   660 C  CZ2 . TRP A 1 87  ? 10.944  3.284   2.456   1.00 23.63 ? 87  TRP A CZ2 1 
ATOM   661 C  CZ3 . TRP A 1 87  ? 12.781  1.810   3.048   1.00 18.56 ? 87  TRP A CZ3 1 
ATOM   662 C  CH2 . TRP A 1 87  ? 11.965  2.929   3.306   1.00 22.79 ? 87  TRP A CH2 1 
ATOM   663 N  N   . THR A 1 88  ? 13.915  1.778   -1.109  1.00 17.68 ? 88  THR A N   1 
ATOM   664 C  CA  . THR A 1 88  ? 14.921  2.541   -0.364  1.00 17.34 ? 88  THR A CA  1 
ATOM   665 C  C   . THR A 1 88  ? 14.184  3.782   0.127   1.00 20.45 ? 88  THR A C   1 
ATOM   666 O  O   . THR A 1 88  ? 13.118  4.122   -0.397  1.00 17.99 ? 88  THR A O   1 
ATOM   667 C  CB  . THR A 1 88  ? 16.128  3.033   -1.213  1.00 17.41 ? 88  THR A CB  1 
ATOM   668 O  OG1 . THR A 1 88  ? 15.719  4.135   -2.036  1.00 17.76 ? 88  THR A OG1 1 
ATOM   669 C  CG2 . THR A 1 88  ? 16.690  1.908   -2.073  1.00 20.69 ? 88  THR A CG2 1 
ATOM   670 N  N   . LEU A 1 89  ? 14.759  4.447   1.124   1.00 18.93 ? 89  LEU A N   1 
ATOM   671 C  CA  . LEU A 1 89  ? 14.189  5.659   1.710   1.00 19.18 ? 89  LEU A CA  1 
ATOM   672 C  C   . LEU A 1 89  ? 13.980  6.779   0.702   1.00 22.48 ? 89  LEU A C   1 
ATOM   673 O  O   . LEU A 1 89  ? 13.271  7.746   0.980   1.00 21.77 ? 89  LEU A O   1 
ATOM   674 C  CB  . LEU A 1 89  ? 15.098  6.172   2.826   1.00 18.57 ? 89  LEU A CB  1 
ATOM   675 C  CG  . LEU A 1 89  ? 15.081  5.396   4.138   1.00 25.30 ? 89  LEU A CG  1 
ATOM   676 C  CD1 . LEU A 1 89  ? 16.270  5.823   4.992   1.00 25.08 ? 89  LEU A CD1 1 
ATOM   677 C  CD2 . LEU A 1 89  ? 13.764  5.647   4.862   1.00 29.09 ? 89  LEU A CD2 1 
ATOM   678 N  N   . ALA A 1 90  ? 14.611  6.664   -0.459  1.00 22.53 ? 90  ALA A N   1 
ATOM   679 C  CA  . ALA A 1 90  ? 14.463  7.689   -1.483  1.00 24.43 ? 90  ALA A CA  1 
ATOM   680 C  C   . ALA A 1 90  ? 13.016  7.742   -1.970  1.00 26.02 ? 90  ALA A C   1 
ATOM   681 O  O   . ALA A 1 90  ? 12.589  8.735   -2.558  1.00 25.67 ? 90  ALA A O   1 
ATOM   682 C  CB  . ALA A 1 90  ? 15.407  7.414   -2.649  1.00 29.35 ? 90  ALA A CB  1 
ATOM   683 N  N   . ARG A 1 91  ? 12.260  6.673   -1.726  1.00 23.17 ? 91  ARG A N   1 
ATOM   684 C  CA  . ARG A 1 91  ? 10.865  6.635   -2.150  1.00 24.84 ? 91  ARG A CA  1 
ATOM   685 C  C   . ARG A 1 91  ? 9.939   7.328   -1.165  1.00 28.40 ? 91  ARG A C   1 
ATOM   686 O  O   . ARG A 1 91  ? 8.725   7.405   -1.387  1.00 25.36 ? 91  ARG A O   1 
ATOM   687 C  CB  . ARG A 1 91  ? 10.410  5.185   -2.377  1.00 19.16 ? 91  ARG A CB  1 
ATOM   688 C  CG  . ARG A 1 91  ? 11.122  4.544   -3.555  1.00 22.86 ? 91  ARG A CG  1 
ATOM   689 C  CD  . ARG A 1 91  ? 10.672  3.122   -3.856  1.00 20.89 ? 91  ARG A CD  1 
ATOM   690 N  NE  . ARG A 1 91  ? 11.217  2.726   -5.155  1.00 26.20 ? 91  ARG A NE  1 
ATOM   691 C  CZ  . ARG A 1 91  ? 10.585  2.880   -6.314  1.00 24.10 ? 91  ARG A CZ  1 
ATOM   692 N  NH1 . ARG A 1 91  ? 9.366   3.406   -6.349  1.00 23.91 ? 91  ARG A NH1 1 
ATOM   693 N  NH2 . ARG A 1 91  ? 11.198  2.556   -7.446  1.00 26.88 ? 91  ARG A NH2 1 
ATOM   694 N  N   . LEU A 1 92  ? 10.503  7.834   -0.073  1.00 28.15 ? 92  LEU A N   1 
ATOM   695 C  CA  . LEU A 1 92  ? 9.685   8.527   0.918   1.00 34.62 ? 92  LEU A CA  1 
ATOM   696 C  C   . LEU A 1 92  ? 9.075   9.775   0.311   1.00 34.46 ? 92  LEU A C   1 
ATOM   697 O  O   . LEU A 1 92  ? 9.659   10.405  -0.567  1.00 32.07 ? 92  LEU A O   1 
ATOM   698 C  CB  . LEU A 1 92  ? 10.507  8.927   2.145   1.00 38.79 ? 92  LEU A CB  1 
ATOM   699 C  CG  . LEU A 1 92  ? 10.821  7.845   3.182   1.00 41.82 ? 92  LEU A CG  1 
ATOM   700 C  CD1 . LEU A 1 92  ? 11.258  8.526   4.472   1.00 39.67 ? 92  LEU A CD1 1 
ATOM   701 C  CD2 . LEU A 1 92  ? 9.596   6.988   3.436   1.00 43.30 ? 92  LEU A CD2 1 
ATOM   702 N  N   . SER A 1 93  ? 7.887   10.123  0.784   1.00 35.19 ? 93  SER A N   1 
ATOM   703 C  CA  . SER A 1 93  ? 7.205   11.305  0.288   1.00 43.19 ? 93  SER A CA  1 
ATOM   704 C  C   . SER A 1 93  ? 7.827   12.547  0.894   1.00 48.31 ? 93  SER A C   1 
ATOM   705 O  O   . SER A 1 93  ? 8.486   12.480  1.941   1.00 40.83 ? 93  SER A O   1 
ATOM   706 C  CB  . SER A 1 93  ? 5.719   11.265  0.654   1.00 33.34 ? 93  SER A CB  1 
ATOM   707 O  OG  . SER A 1 93  ? 5.551   11.412  2.061   1.00 37.74 ? 93  SER A OG  1 
ATOM   708 N  N   . GLU A 1 94  ? 7.625   13.682  0.226   1.00 60.14 ? 94  GLU A N   1 
ATOM   709 C  CA  . GLU A 1 94  ? 8.125   14.962  0.707   1.00 71.17 ? 94  GLU A CA  1 
ATOM   710 C  C   . GLU A 1 94  ? 7.395   15.117  2.026   1.00 73.81 ? 94  GLU A C   1 
ATOM   711 O  O   . GLU A 1 94  ? 7.990   15.441  3.046   1.00 78.06 ? 94  GLU A O   1 
ATOM   712 C  CB  . GLU A 1 94  ? 7.711   16.089  -0.242  1.00 76.63 ? 94  GLU A CB  1 
ATOM   713 C  CG  . GLU A 1 94  ? 7.717   15.729  -1.723  1.00 84.15 ? 94  GLU A CG  1 
ATOM   714 C  CD  . GLU A 1 94  ? 6.583   14.794  -2.105  1.00 90.24 ? 94  GLU A CD  1 
ATOM   715 O  OE1 . GLU A 1 94  ? 6.678   13.578  -1.832  1.00 94.09 ? 94  GLU A OE1 1 
ATOM   716 O  OE2 . GLU A 1 94  ? 5.584   15.280  -2.676  1.00 97.29 ? 94  GLU A OE2 1 
ATOM   717 N  N   . LYS A 1 95  ? 6.088   14.868  1.993   1.00 73.41 ? 95  LYS A N   1 
ATOM   718 C  CA  . LYS A 1 95  ? 5.276   14.955  3.202   1.00 70.85 ? 95  LYS A CA  1 
ATOM   719 C  C   . LYS A 1 95  ? 5.904   14.184  4.360   1.00 65.67 ? 95  LYS A C   1 
ATOM   720 O  O   . LYS A 1 95  ? 5.939   14.675  5.482   1.00 67.70 ? 95  LYS A O   1 
ATOM   721 C  CB  . LYS A 1 95  ? 3.865   14.431  2.928   1.00 72.27 ? 95  LYS A CB  1 
ATOM   722 C  CG  . LYS A 1 95  ? 3.048   14.243  4.200   1.00 76.77 ? 95  LYS A CG  1 
ATOM   723 C  CD  . LYS A 1 95  ? 1.557   14.224  3.924   1.00 80.20 ? 95  LYS A CD  1 
ATOM   724 C  CE  . LYS A 1 95  ? 0.774   14.086  5.220   1.00 83.08 ? 95  LYS A CE  1 
ATOM   725 N  NZ  . LYS A 1 95  ? -0.689  14.281  5.016   1.00 83.22 ? 95  LYS A NZ  1 
ATOM   726 N  N   . ALA A 1 96  ? 6.380   12.968  4.087   1.00 64.60 ? 96  ALA A N   1 
ATOM   727 C  CA  . ALA A 1 96  ? 7.037   12.150  5.112   1.00 62.72 ? 96  ALA A CA  1 
ATOM   728 C  C   . ALA A 1 96  ? 8.466   12.643  5.180   1.00 68.01 ? 96  ALA A C   1 
ATOM   729 O  O   . ALA A 1 96  ? 9.270   12.159  5.985   1.00 62.69 ? 96  ALA A O   1 
ATOM   730 C  CB  . ALA A 1 96  ? 7.021   10.675  4.721   1.00 57.08 ? 96  ALA A CB  1 
ATOM   731 N  N   . ARG A 1 97  ? 8.792   13.579  4.287   1.00 74.41 ? 97  ARG A N   1 
ATOM   732 C  CA  . ARG A 1 97  ? 10.127  14.152  4.245   1.00 81.39 ? 97  ARG A CA  1 
ATOM   733 C  C   . ARG A 1 97  ? 10.053  15.545  4.840   1.00 84.19 ? 97  ARG A C   1 
ATOM   734 O  O   . ARG A 1 97  ? 11.065  16.238  4.979   1.00 89.44 ? 97  ARG A O   1 
ATOM   735 C  CB  . ARG A 1 97  ? 10.692  14.146  2.812   1.00 81.20 ? 97  ARG A CB  1 
ATOM   736 C  CG  . ARG A 1 97  ? 11.727  13.029  2.568   1.00 78.76 ? 97  ARG A CG  1 
ATOM   737 C  CD  . ARG A 1 97  ? 12.676  13.368  1.412   1.00 81.32 ? 97  ARG A CD  1 
ATOM   738 N  NE  . ARG A 1 97  ? 12.534  12.478  0.257   1.00 82.61 ? 97  ARG A NE  1 
ATOM   739 C  CZ  . ARG A 1 97  ? 13.110  11.284  0.143   1.00 83.64 ? 97  ARG A CZ  1 
ATOM   740 N  NH1 . ARG A 1 97  ? 13.884  10.807  1.110   1.00 86.19 ? 97  ARG A NH1 1 
ATOM   741 N  NH2 . ARG A 1 97  ? 12.897  10.560  -0.945  1.00 81.09 ? 97  ARG A NH2 1 
ATOM   742 N  N   . ARG A 1 98  ? 8.832   15.928  5.192   1.00 84.99 ? 98  ARG A N   1 
ATOM   743 C  CA  . ARG A 1 98  ? 8.534   17.179  5.885   1.00 82.54 ? 98  ARG A CA  1 
ATOM   744 C  C   . ARG A 1 98  ? 8.912   16.724  7.318   1.00 80.84 ? 98  ARG A C   1 
ATOM   745 O  O   . ARG A 1 98  ? 8.292   17.071  8.303   1.00 82.83 ? 98  ARG A O   1 
ATOM   746 C  CB  . ARG A 1 98  ? 7.051   17.534  5.775   1.00 80.88 ? 98  ARG A CB  1 
ATOM   747 C  CG  . ARG A 1 98  ? 6.523   17.932  4.394   1.00 83.90 ? 98  ARG A CG  1 
ATOM   748 C  CD  . ARG A 1 98  ? 7.065   19.271  3.823   1.00 89.00 ? 98  ARG A CD  1 
ATOM   749 N  NE  . ARG A 1 98  ? 6.309   19.614  2.612   1.00 95.77 ? 98  ARG A NE  1 
ATOM   750 C  CZ  . ARG A 1 98  ? 6.827   19.872  1.413   1.00 98.27 ? 98  ARG A CZ  1 
ATOM   751 N  NH1 . ARG A 1 98  ? 6.008   20.151  0.411   1.00 99.70 ? 98  ARG A NH1 1 
ATOM   752 N  NH2 . ARG A 1 98  ? 8.141   19.880  1.211   1.00 99.40 ? 98  ARG A NH2 1 
ATOM   753 N  N   . LEU A 1 99  ? 9.913   15.838  7.359   1.00 79.05 ? 99  LEU A N   1 
ATOM   754 C  CA  . LEU A 1 99  ? 10.508  15.274  8.565   1.00 76.12 ? 99  LEU A CA  1 
ATOM   755 C  C   . LEU A 1 99  ? 9.898   14.456  9.691   1.00 71.96 ? 99  LEU A C   1 
ATOM   756 O  O   . LEU A 1 99  ? 10.508  14.430  10.750  1.00 71.94 ? 99  LEU A O   1 
ATOM   757 C  CB  . LEU A 1 99  ? 11.303  16.371  9.253   1.00 77.82 ? 99  LEU A CB  1 
ATOM   758 C  CG  . LEU A 1 99  ? 12.659  16.548  8.587   1.00 79.53 ? 99  LEU A CG  1 
ATOM   759 C  CD1 . LEU A 1 99  ? 13.303  17.808  9.109   1.00 77.61 ? 99  LEU A CD1 1 
ATOM   760 C  CD2 . LEU A 1 99  ? 13.525  15.324  8.832   1.00 80.43 ? 99  LEU A CD2 1 
ATOM   761 N  N   . LEU A 1 100 ? 8.758   13.781  9.560   1.00 67.43 ? 100 LEU A N   1 
ATOM   762 C  CA  . LEU A 1 100 ? 8.313   13.037  10.758  1.00 64.78 ? 100 LEU A CA  1 
ATOM   763 C  C   . LEU A 1 100 ? 9.495   12.185  11.241  1.00 62.60 ? 100 LEU A C   1 
ATOM   764 O  O   . LEU A 1 100 ? 9.617   11.875  12.429  1.00 62.30 ? 100 LEU A O   1 
ATOM   765 C  CB  . LEU A 1 100 ? 7.103   12.156  10.459  1.00 66.14 ? 100 LEU A CB  1 
ATOM   766 C  CG  . LEU A 1 100 ? 5.854   12.940  10.035  1.00 67.78 ? 100 LEU A CG  1 
ATOM   767 C  CD1 . LEU A 1 100 ? 6.134   13.683  8.738   1.00 70.63 ? 100 LEU A CD1 1 
ATOM   768 C  CD2 . LEU A 1 100 ? 4.697   11.978  9.852   1.00 66.55 ? 100 LEU A CD2 1 
ATOM   769 N  N   . GLY A 1 101 ? 10.371  11.843  10.297  1.00 60.51 ? 101 GLY A N   1 
ATOM   770 C  CA  . GLY A 1 101 ? 11.555  11.060  10.595  1.00 61.24 ? 101 GLY A CA  1 
ATOM   771 C  C   . GLY A 1 101 ? 12.683  11.936  11.112  1.00 60.59 ? 101 GLY A C   1 
ATOM   772 O  O   . GLY A 1 101 ? 13.249  11.610  12.175  1.00 58.32 ? 101 GLY A O   1 
HETATM 773 O  O   . HOH B 2 .   ? -1.812  -1.331  -13.657 1.00 24.96 ? 201 HOH A O   1 
HETATM 774 O  O   . HOH B 2 .   ? 7.012   -2.830  -9.599  1.00 17.77 ? 202 HOH A O   1 
HETATM 775 O  O   . HOH B 2 .   ? 2.475   -11.657 -2.814  1.00 22.99 ? 203 HOH A O   1 
HETATM 776 O  O   . HOH B 2 .   ? -6.373  -2.295  7.316   1.00 26.06 ? 204 HOH A O   1 
HETATM 777 O  O   . HOH B 2 .   ? -12.832 -7.703  -0.659  1.00 21.67 ? 205 HOH A O   1 
HETATM 778 O  O   . HOH B 2 .   ? 7.440   4.200   -4.421  1.00 25.11 ? 206 HOH A O   1 
HETATM 779 O  O   . HOH B 2 .   ? 10.886  -8.302  4.780   1.00 30.36 ? 207 HOH A O   1 
HETATM 780 O  O   . HOH B 2 .   ? 9.326   -12.972 9.966   1.00 36.67 ? 208 HOH A O   1 
HETATM 781 O  O   . HOH B 2 .   ? 15.045  12.947  7.893   1.00 58.49 ? 209 HOH A O   1 
HETATM 782 O  O   . HOH B 2 .   ? -18.885 -5.106  -7.701  1.00 33.00 ? 210 HOH A O   1 
HETATM 783 O  O   . HOH B 2 .   ? 13.930  2.089   -7.890  1.00 52.87 ? 211 HOH A O   1 
HETATM 784 O  O   . HOH B 2 .   ? -5.714  -11.077 3.031   1.00 27.26 ? 212 HOH A O   1 
HETATM 785 O  O   . HOH B 2 .   ? 6.444   -11.973 10.483  1.00 35.63 ? 213 HOH A O   1 
HETATM 786 O  O   . HOH B 2 .   ? 17.776  6.077   0.238   1.00 27.39 ? 214 HOH A O   1 
HETATM 787 O  O   . HOH B 2 .   ? 3.259   4.778   -2.334  1.00 32.70 ? 215 HOH A O   1 
HETATM 788 O  O   . HOH B 2 .   ? 13.260  -7.557  8.579   1.00 59.38 ? 216 HOH A O   1 
HETATM 789 O  O   . HOH B 2 .   ? -13.380 10.018  -3.821  1.00 60.45 ? 217 HOH A O   1 
HETATM 790 O  O   . HOH B 2 .   ? -12.001 9.420   0.321   1.00 59.36 ? 218 HOH A O   1 
HETATM 791 O  O   . HOH B 2 .   ? -7.377  10.664  -1.984  1.00 43.83 ? 219 HOH A O   1 
HETATM 792 O  O   . HOH B 2 .   ? -7.933  2.165   6.307   1.00 45.56 ? 220 HOH A O   1 
HETATM 793 O  O   . HOH B 2 .   ? -8.012  -0.176  7.276   1.00 54.56 ? 221 HOH A O   1 
HETATM 794 O  O   . HOH B 2 .   ? -11.886 -4.992  5.642   1.00 30.66 ? 222 HOH A O   1 
HETATM 795 O  O   . HOH B 2 .   ? 0.113   -3.268  10.026  1.00 54.44 ? 223 HOH A O   1 
HETATM 796 O  O   . HOH B 2 .   ? 9.037   -7.776  6.588   1.00 37.49 ? 224 HOH A O   1 
HETATM 797 O  O   . HOH B 2 .   ? 4.780   6.764   -3.347  1.00 42.83 ? 225 HOH A O   1 
HETATM 798 O  O   . HOH B 2 .   ? 7.451   6.877   -3.847  1.00 30.56 ? 226 HOH A O   1 
HETATM 799 O  O   . HOH B 2 .   ? 14.664  3.774   -4.644  1.00 23.92 ? 227 HOH A O   1 
HETATM 800 O  O   . HOH B 2 .   ? 13.616  1.636   -5.397  1.00 45.12 ? 228 HOH A O   1 
HETATM 801 O  O   . HOH B 2 .   ? -7.810  -4.902  -12.485 1.00 58.40 ? 229 HOH A O   1 
HETATM 802 O  O   . HOH B 2 .   ? -6.872  -9.256  -10.210 1.00 63.15 ? 230 HOH A O   1 
HETATM 803 O  O   . HOH B 2 .   ? -7.291  -7.156  -11.606 1.00 72.57 ? 231 HOH A O   1 
HETATM 804 O  O   . HOH B 2 .   ? -3.200  -12.193 -3.770  1.00 47.49 ? 232 HOH A O   1 
HETATM 805 O  O   . HOH B 2 .   ? -6.841  -12.671 -4.973  1.00 58.62 ? 233 HOH A O   1 
HETATM 806 O  O   . HOH B 2 .   ? 1.597   -13.996 -3.402  1.00 64.31 ? 234 HOH A O   1 
HETATM 807 O  O   . HOH B 2 .   ? 11.114  8.876   8.583   1.00 52.44 ? 235 HOH A O   1 
HETATM 808 O  O   . HOH B 2 .   ? 5.654   -13.767 3.619   0.50 23.17 ? 236 HOH A O   1 
HETATM 809 O  O   . HOH B 2 .   ? 1.495   -11.392 1.527   1.00 29.61 ? 237 HOH A O   1 
HETATM 810 O  O   . HOH B 2 .   ? -0.832  -10.940 0.534   1.00 40.67 ? 238 HOH A O   1 
HETATM 811 O  O   . HOH B 2 .   ? -2.590  -7.014  9.688   1.00 35.61 ? 239 HOH A O   1 
HETATM 812 O  O   . HOH B 2 .   ? -20.890 -8.529  -3.280  1.00 44.40 ? 240 HOH A O   1 
HETATM 813 O  O   . HOH B 2 .   ? 14.089  -5.424  -9.724  1.00 35.55 ? 241 HOH A O   1 
HETATM 814 O  O   . HOH B 2 .   ? 15.306  -3.264  -10.280 1.00 47.54 ? 242 HOH A O   1 
HETATM 815 O  O   . HOH B 2 .   ? 16.770  -6.240  -7.679  1.00 44.47 ? 243 HOH A O   1 
HETATM 816 O  O   . HOH B 2 .   ? 14.259  5.960   -5.805  1.00 43.39 ? 244 HOH A O   1 
HETATM 817 O  O   . HOH B 2 .   ? 8.135   -2.937  5.922   1.00 27.83 ? 245 HOH A O   1 
HETATM 818 O  O   . HOH B 2 .   ? 4.507   -7.424  7.111   1.00 39.36 ? 246 HOH A O   1 
HETATM 819 O  O   . HOH B 2 .   ? 14.781  -5.564  10.147  1.00 55.46 ? 247 HOH A O   1 
HETATM 820 O  O   . HOH B 2 .   ? 3.240   5.948   -5.178  1.00 56.49 ? 248 HOH A O   1 
HETATM 821 O  O   . HOH B 2 .   ? 11.751  6.640   -6.904  1.00 45.21 ? 249 HOH A O   1 
HETATM 822 O  O   . HOH B 2 .   ? 1.912   -8.388  -9.645  1.00 27.24 ? 250 HOH A O   1 
HETATM 823 O  O   . HOH B 2 .   ? 4.304   -8.699  -8.601  1.00 31.89 ? 251 HOH A O   1 
HETATM 824 O  O   . HOH B 2 .   ? 4.847   -10.803 -7.287  1.00 43.44 ? 252 HOH A O   1 
HETATM 825 O  O   . HOH B 2 .   ? 7.322   -10.432 -7.394  1.00 51.63 ? 253 HOH A O   1 
HETATM 826 O  O   . HOH B 2 .   ? 6.841   -8.508  -9.610  1.00 33.71 ? 254 HOH A O   1 
HETATM 827 O  O   . HOH B 2 .   ? 7.520   -5.946  -10.317 1.00 31.01 ? 255 HOH A O   1 
HETATM 828 O  O   . HOH B 2 .   ? 6.133   -4.687  -12.586 1.00 36.76 ? 256 HOH A O   1 
HETATM 829 O  O   . HOH B 2 .   ? 8.011   -6.012  -13.066 1.00 47.72 ? 257 HOH A O   1 
HETATM 830 O  O   . HOH B 2 .   ? 10.067  -7.417  -12.842 1.00 40.36 ? 258 HOH A O   1 
HETATM 831 O  O   . HOH B 2 .   ? -16.526 -9.399  -13.385 1.00 78.12 ? 259 HOH A O   1 
HETATM 832 O  O   . HOH B 2 .   ? 12.212  -3.797  -0.970  1.00 23.54 ? 260 HOH A O   1 
HETATM 833 O  O   . HOH B 2 .   ? 15.114  -7.172  -5.572  1.00 34.31 ? 261 HOH A O   1 
HETATM 834 O  O   . HOH B 2 .   ? 6.511   -5.939  7.334   1.00 70.81 ? 262 HOH A O   1 
HETATM 835 O  O   . HOH B 2 .   ? -19.637 -2.516  -8.229  1.00 63.83 ? 263 HOH A O   1 
HETATM 836 O  O   . HOH B 2 .   ? 8.891   -11.927 -6.027  1.00 40.67 ? 264 HOH A O   1 
HETATM 837 O  O   . HOH B 2 .   ? 10.565  -9.845  -6.303  1.00 27.68 ? 265 HOH A O   1 
HETATM 838 O  O   . HOH B 2 .   ? 9.400   -4.797  6.784   1.00 62.68 ? 266 HOH A O   1 
HETATM 839 O  O   . HOH B 2 .   ? 15.730  14.086  10.098  1.00 50.61 ? 267 HOH A O   1 
HETATM 840 O  O   . HOH B 2 .   ? -18.459 0.024   -6.335  1.00 36.63 ? 268 HOH A O   1 
HETATM 841 O  O   . HOH B 2 .   ? -3.379  -12.626 8.032   1.00 46.60 ? 269 HOH A O   1 
HETATM 842 O  O   . HOH B 2 .   ? -1.157  -12.089 9.520   1.00 52.81 ? 270 HOH A O   1 
# 
